data_4AGS
#
_entry.id   4AGS
#
_cell.length_a   197.477
_cell.length_b   58.396
_cell.length_c   160.385
_cell.angle_alpha   90.00
_cell.angle_beta   111.81
_cell.angle_gamma   90.00
#
_symmetry.space_group_name_H-M   'C 1 2 1'
#
loop_
_entity.id
_entity.type
_entity.pdbx_description
1 polymer 'THIOL-DEPENDENT REDUCTASE 1'
2 non-polymer GLUTATHIONE
3 non-polymer 1,2-ETHANEDIOL
4 water water
#
_entity_poly.entity_id   1
_entity_poly.type   'polypeptide(L)'
_entity_poly.pdbx_seq_one_letter_code
;(MSE)GSSHHHHHHSSGENLYFQGH(MSE)AARALKLYVSATCPFCHRVEIVAREKQVSYDRVAVGLREE(MSE)PQWYK
QINPRETVPTLEVGNADKRF(MSE)FES(MSE)LIAQYLDNSGAPAGAL(MSE)GSSAAQRHQIEFFLAQVGDFIGAAHG
LLRDPLSGEKRKA(MSE)DDNAAYVDGLLAANQTTGPYYCDGEFT(MSE)ADVALVPFLVRLKPAL(MSE)YYAGYDVFC
KAPR(MSE)KALWAAAAQRASVRETSPTAAQCIENYRHLVPESAP(MSE)(MSE)GANGGHVLYSNLFCPFVDRARLASE
LRKFQ(MSE)HIVEVPLHPQPEWYKYINPRDTVPALFTPSGEAVHESQLIVQYIDCVATKGSALVPRGDAEKEYEVGFFV
ENAGYFVGGL(MSE)SWIIRGGEDAKAELQWAAGELEQQLAKHPFGEGPFFGGKR(MSE)NAGDVAILPFLVRAKAF
(MSE)PEFSGGYDLFAHFPLLNGLAEAG(MSE)ATPEAKSVFRTLEEYKEHIRKRQRRAQSG
;
_entity_poly.pdbx_strand_id   A,B,C
#
# COMPACT_ATOMS: atom_id res chain seq x y z
N ARG A 25 -35.20 28.84 -2.63
CA ARG A 25 -36.40 28.71 -3.52
C ARG A 25 -36.83 27.24 -3.74
N ALA A 26 -38.07 27.05 -4.20
CA ALA A 26 -38.67 25.72 -4.43
C ALA A 26 -37.97 24.98 -5.58
N LEU A 27 -37.73 23.69 -5.38
CA LEU A 27 -36.82 22.92 -6.26
C LEU A 27 -37.50 21.74 -6.95
N LYS A 28 -37.12 21.53 -8.20
CA LYS A 28 -37.61 20.41 -8.96
C LYS A 28 -36.43 19.85 -9.75
N LEU A 29 -36.14 18.57 -9.55
CA LEU A 29 -35.01 17.94 -10.20
C LEU A 29 -35.47 16.91 -11.22
N TYR A 30 -35.07 17.10 -12.48
CA TYR A 30 -35.30 16.12 -13.54
C TYR A 30 -34.16 15.10 -13.60
N VAL A 31 -34.50 13.83 -13.38
CA VAL A 31 -33.49 12.79 -13.25
C VAL A 31 -33.92 11.51 -13.91
N SER A 32 -32.95 10.61 -14.08
CA SER A 32 -33.25 9.19 -14.24
C SER A 32 -32.61 8.47 -13.06
N ALA A 33 -33.30 7.48 -12.51
CA ALA A 33 -32.73 6.60 -11.46
C ALA A 33 -31.55 5.77 -11.99
N THR A 34 -31.43 5.66 -13.30
CA THR A 34 -30.34 4.90 -13.92
C THR A 34 -29.00 5.69 -14.05
N CYS A 35 -29.04 7.00 -13.79
N CYS A 35 -29.05 6.99 -13.76
CA CYS A 35 -27.98 7.91 -14.19
CA CYS A 35 -28.00 7.92 -14.15
C CYS A 35 -27.09 8.31 -13.01
C CYS A 35 -27.09 8.29 -12.97
N PRO A 36 -25.80 7.96 -13.06
CA PRO A 36 -24.87 8.31 -11.96
C PRO A 36 -24.65 9.82 -11.77
N PHE A 37 -24.79 10.57 -12.86
CA PHE A 37 -24.71 12.02 -12.77
C PHE A 37 -25.85 12.57 -11.93
N CYS A 38 -27.06 12.02 -12.09
CA CYS A 38 -28.21 12.43 -11.23
C CYS A 38 -27.95 11.94 -9.82
N HIS A 39 -27.36 10.75 -9.72
CA HIS A 39 -27.03 10.21 -8.41
C HIS A 39 -26.22 11.23 -7.61
N ARG A 40 -25.24 11.88 -8.24
CA ARG A 40 -24.39 12.89 -7.58
C ARG A 40 -25.27 13.95 -6.91
N VAL A 41 -26.23 14.48 -7.67
CA VAL A 41 -27.07 15.59 -7.19
C VAL A 41 -27.97 15.09 -6.07
N GLU A 42 -28.41 13.84 -6.17
CA GLU A 42 -29.27 13.24 -5.16
C GLU A 42 -28.52 12.99 -3.85
N ILE A 43 -27.24 12.64 -3.93
CA ILE A 43 -26.42 12.45 -2.73
C ILE A 43 -26.25 13.77 -1.95
N VAL A 44 -25.91 14.85 -2.65
CA VAL A 44 -25.68 16.17 -2.05
C VAL A 44 -26.97 16.65 -1.42
N ALA A 45 -28.08 16.49 -2.16
CA ALA A 45 -29.39 16.88 -1.65
C ALA A 45 -29.63 16.31 -0.25
N ARG A 46 -29.35 15.01 -0.09
N ARG A 46 -29.34 15.02 -0.11
CA ARG A 46 -29.51 14.37 1.21
CA ARG A 46 -29.50 14.34 1.18
C ARG A 46 -28.47 14.80 2.25
C ARG A 46 -28.47 14.76 2.24
N GLU A 47 -27.23 14.98 1.81
CA GLU A 47 -26.13 15.43 2.72
C GLU A 47 -26.43 16.79 3.34
N LYS A 48 -26.99 17.65 2.51
CA LYS A 48 -27.27 19.02 2.83
C LYS A 48 -28.65 19.15 3.42
N GLN A 49 -29.43 18.08 3.34
CA GLN A 49 -30.83 18.06 3.72
C GLN A 49 -31.64 19.10 2.95
N VAL A 50 -31.52 19.09 1.63
CA VAL A 50 -32.38 19.94 0.80
C VAL A 50 -33.45 19.11 0.12
N SER A 51 -34.70 19.57 0.24
CA SER A 51 -35.87 18.92 -0.35
C SER A 51 -36.07 19.31 -1.82
N TYR A 52 -36.65 18.40 -2.59
CA TYR A 52 -36.95 18.66 -3.98
C TYR A 52 -38.06 17.76 -4.50
N ASP A 53 -38.75 18.25 -5.51
CA ASP A 53 -39.73 17.47 -6.25
C ASP A 53 -38.95 16.68 -7.31
N ARG A 54 -39.13 15.37 -7.35
CA ARG A 54 -38.41 14.55 -8.32
C ARG A 54 -39.27 14.38 -9.58
N VAL A 55 -38.69 14.61 -10.76
CA VAL A 55 -39.37 14.27 -12.01
C VAL A 55 -38.53 13.27 -12.83
N ALA A 56 -39.10 12.09 -13.08
CA ALA A 56 -38.46 11.05 -13.88
C ALA A 56 -38.48 11.49 -15.32
N VAL A 57 -37.40 11.23 -16.03
CA VAL A 57 -37.34 11.50 -17.46
C VAL A 57 -36.71 10.30 -18.14
N GLY A 58 -37.24 9.93 -19.29
CA GLY A 58 -36.69 8.83 -20.06
C GLY A 58 -35.38 9.22 -20.71
N LEU A 59 -34.58 8.21 -21.07
CA LEU A 59 -33.29 8.46 -21.72
C LEU A 59 -33.23 7.95 -23.15
N ARG A 60 -32.28 8.51 -23.90
CA ARG A 60 -31.95 8.09 -25.27
C ARG A 60 -33.21 8.17 -26.18
N GLU A 61 -33.64 7.07 -26.81
N GLU A 61 -33.61 7.03 -26.76
CA GLU A 61 -34.84 7.14 -27.67
CA GLU A 61 -34.79 6.97 -27.62
C GLU A 61 -36.13 7.31 -26.87
C GLU A 61 -36.11 7.25 -26.87
N GLU A 62 -36.05 7.19 -25.53
CA GLU A 62 -37.20 7.45 -24.65
C GLU A 62 -37.29 8.93 -24.20
N PRO A 64 -38.31 12.44 -24.06
CA PRO A 64 -39.41 13.16 -24.73
C PRO A 64 -39.02 14.57 -25.18
N GLN A 65 -39.75 15.11 -26.14
CA GLN A 65 -39.45 16.43 -26.71
C GLN A 65 -39.59 17.58 -25.70
N TRP A 66 -40.53 17.50 -24.76
CA TRP A 66 -40.73 18.61 -23.79
C TRP A 66 -39.51 18.81 -22.90
N TYR A 67 -38.78 17.73 -22.60
CA TYR A 67 -37.58 17.84 -21.79
C TYR A 67 -36.42 18.37 -22.62
N LYS A 68 -36.33 17.93 -23.88
CA LYS A 68 -35.32 18.43 -24.83
C LYS A 68 -35.49 19.95 -25.03
N GLN A 69 -36.71 20.43 -24.81
CA GLN A 69 -37.01 21.85 -24.85
C GLN A 69 -36.37 22.59 -23.66
N ILE A 70 -36.44 21.95 -22.49
CA ILE A 70 -35.94 22.53 -21.23
C ILE A 70 -34.41 22.55 -21.20
N ASN A 71 -33.79 21.46 -21.64
CA ASN A 71 -32.34 21.34 -21.68
C ASN A 71 -31.89 20.94 -23.08
N PRO A 72 -31.52 21.92 -23.91
CA PRO A 72 -31.19 21.56 -25.29
C PRO A 72 -29.95 20.65 -25.40
N ARG A 73 -29.17 20.51 -24.32
CA ARG A 73 -28.08 19.56 -24.30
C ARG A 73 -28.59 18.11 -24.27
N GLU A 74 -29.86 17.91 -23.92
CA GLU A 74 -30.52 16.60 -23.99
C GLU A 74 -29.85 15.58 -23.06
N THR A 75 -29.45 16.06 -21.89
CA THR A 75 -28.90 15.23 -20.84
C THR A 75 -29.63 15.46 -19.52
N VAL A 76 -29.65 14.44 -18.66
CA VAL A 76 -30.08 14.58 -17.28
C VAL A 76 -28.82 14.63 -16.42
N PRO A 77 -28.87 15.41 -15.33
CA PRO A 77 -30.03 16.12 -14.74
C PRO A 77 -30.18 17.59 -15.11
N THR A 78 -31.31 18.17 -14.73
CA THR A 78 -31.56 19.61 -14.77
C THR A 78 -32.27 19.95 -13.48
N LEU A 79 -32.04 21.15 -12.96
CA LEU A 79 -32.75 21.65 -11.76
C LEU A 79 -33.61 22.86 -12.15
N GLU A 80 -34.89 22.81 -11.81
CA GLU A 80 -35.79 23.95 -11.96
C GLU A 80 -35.89 24.65 -10.60
N VAL A 81 -35.57 25.93 -10.58
CA VAL A 81 -35.55 26.73 -9.35
C VAL A 81 -36.69 27.74 -9.41
N GLY A 82 -37.50 27.76 -8.35
CA GLY A 82 -38.63 28.70 -8.22
C GLY A 82 -39.87 28.32 -9.02
N ASN A 83 -41.03 28.62 -8.43
CA ASN A 83 -42.35 28.42 -9.10
C ASN A 83 -42.85 29.70 -9.81
N ALA A 84 -42.44 30.87 -9.31
CA ALA A 84 -42.86 32.13 -9.91
C ALA A 84 -41.99 32.46 -11.11
N ASP A 85 -40.68 32.51 -10.89
CA ASP A 85 -39.74 32.90 -11.95
C ASP A 85 -38.90 31.66 -12.33
N LYS A 86 -39.52 30.75 -13.09
CA LYS A 86 -38.89 29.47 -13.47
C LYS A 86 -37.54 29.69 -14.14
N ARG A 87 -36.45 29.31 -13.48
CA ARG A 87 -35.12 29.32 -14.10
C ARG A 87 -34.44 27.93 -14.03
N PHE A 88 -33.62 27.60 -15.04
CA PHE A 88 -33.03 26.26 -15.17
C PHE A 88 -31.55 26.25 -14.93
N PHE A 90 -28.11 23.78 -15.27
CA PHE A 90 -27.59 22.62 -15.97
C PHE A 90 -26.32 22.13 -15.31
N GLU A 91 -26.02 20.86 -15.60
CA GLU A 91 -24.72 20.20 -15.31
C GLU A 91 -24.69 19.71 -13.88
N SER A 92 -24.51 18.41 -13.71
CA SER A 92 -24.57 17.78 -12.39
C SER A 92 -23.68 18.47 -11.35
N LEU A 94 -22.51 21.63 -11.40
CA LEU A 94 -23.00 22.97 -11.12
C LEU A 94 -24.25 22.89 -10.26
N ILE A 95 -25.09 21.89 -10.53
CA ILE A 95 -26.31 21.67 -9.77
C ILE A 95 -25.92 21.22 -8.37
N ALA A 96 -25.00 20.27 -8.30
CA ALA A 96 -24.46 19.82 -7.00
C ALA A 96 -23.98 21.00 -6.15
N GLN A 97 -23.16 21.87 -6.74
CA GLN A 97 -22.64 23.04 -5.98
C GLN A 97 -23.73 24.03 -5.56
N TYR A 98 -24.74 24.20 -6.42
CA TYR A 98 -25.86 25.03 -6.05
C TYR A 98 -26.56 24.49 -4.81
N LEU A 99 -26.85 23.21 -4.76
CA LEU A 99 -27.46 22.62 -3.55
C LEU A 99 -26.52 22.78 -2.33
N ASP A 100 -25.21 22.62 -2.56
CA ASP A 100 -24.22 22.81 -1.49
C ASP A 100 -24.20 24.26 -0.98
N ASN A 101 -24.49 25.20 -1.88
CA ASN A 101 -24.41 26.60 -1.55
C ASN A 101 -25.73 27.13 -0.97
N SER A 102 -26.80 26.35 -0.95
CA SER A 102 -28.02 26.88 -0.38
C SER A 102 -28.53 26.07 0.82
N GLY A 103 -27.64 25.25 1.37
CA GLY A 103 -27.92 24.51 2.60
C GLY A 103 -26.84 24.78 3.62
N ALA A 104 -27.24 24.95 4.88
CA ALA A 104 -26.24 25.22 5.92
C ALA A 104 -25.43 23.92 6.17
N PRO A 105 -24.10 24.03 6.38
CA PRO A 105 -23.34 25.26 6.21
C PRO A 105 -23.03 25.45 4.71
N ALA A 106 -23.15 26.69 4.25
CA ALA A 106 -23.09 27.00 2.84
C ALA A 106 -21.71 26.70 2.24
N GLY A 107 -21.69 25.81 1.24
CA GLY A 107 -20.45 25.54 0.50
C GLY A 107 -19.44 24.65 1.21
N ALA A 108 -19.87 23.95 2.26
CA ALA A 108 -18.93 23.13 3.05
C ALA A 108 -18.43 21.89 2.28
N LEU A 109 -19.28 21.33 1.45
CA LEU A 109 -18.83 20.21 0.66
C LEU A 109 -17.70 20.59 -0.31
N GLY A 111 -15.08 22.39 0.73
CA GLY A 111 -13.90 22.51 1.58
C GLY A 111 -13.95 23.67 2.56
N SER A 112 -13.23 23.51 3.69
CA SER A 112 -13.18 24.52 4.75
C SER A 112 -12.07 25.57 4.58
N SER A 113 -11.18 25.41 3.61
CA SER A 113 -10.21 26.46 3.35
C SER A 113 -9.95 26.62 1.86
N ALA A 114 -9.32 27.72 1.51
CA ALA A 114 -8.88 27.98 0.16
C ALA A 114 -8.04 26.82 -0.41
N ALA A 115 -7.13 26.30 0.42
CA ALA A 115 -6.23 25.19 0.12
C ALA A 115 -6.99 23.89 -0.14
N GLN A 116 -7.84 23.51 0.82
CA GLN A 116 -8.59 22.26 0.69
C GLN A 116 -9.53 22.31 -0.52
N ARG A 117 -10.16 23.46 -0.70
CA ARG A 117 -11.00 23.69 -1.82
C ARG A 117 -10.23 23.54 -3.11
N HIS A 118 -9.03 24.10 -3.17
CA HIS A 118 -8.27 23.99 -4.39
C HIS A 118 -8.01 22.53 -4.70
N GLN A 119 -7.66 21.72 -3.68
CA GLN A 119 -7.38 20.29 -3.87
C GLN A 119 -8.65 19.57 -4.36
N ILE A 120 -9.79 19.93 -3.78
CA ILE A 120 -11.07 19.40 -4.21
C ILE A 120 -11.34 19.78 -5.68
N GLU A 121 -11.14 21.05 -6.04
CA GLU A 121 -11.40 21.51 -7.42
C GLU A 121 -10.50 20.82 -8.44
N PHE A 122 -9.24 20.59 -8.09
CA PHE A 122 -8.33 19.95 -9.04
C PHE A 122 -8.69 18.47 -9.25
N PHE A 123 -9.02 17.79 -8.16
CA PHE A 123 -9.48 16.43 -8.25
C PHE A 123 -10.74 16.32 -9.11
N LEU A 124 -11.70 17.23 -8.88
CA LEU A 124 -12.94 17.30 -9.69
C LEU A 124 -12.61 17.41 -11.19
N ALA A 125 -11.54 18.11 -11.54
CA ALA A 125 -11.12 18.31 -12.91
C ALA A 125 -10.49 17.04 -13.54
N GLN A 126 -10.21 16.00 -12.76
CA GLN A 126 -9.68 14.73 -13.27
C GLN A 126 -10.72 13.62 -13.31
N VAL A 127 -11.81 13.75 -12.59
CA VAL A 127 -12.82 12.70 -12.58
C VAL A 127 -13.32 12.36 -13.98
N GLY A 128 -13.55 13.36 -14.84
CA GLY A 128 -14.06 13.11 -16.19
C GLY A 128 -13.21 12.13 -17.01
N ASP A 129 -11.90 12.17 -16.83
CA ASP A 129 -10.97 11.26 -17.52
C ASP A 129 -11.16 9.78 -17.08
N PHE A 130 -11.42 9.60 -15.79
CA PHE A 130 -11.63 8.30 -15.24
C PHE A 130 -12.94 7.72 -15.71
N ILE A 131 -13.98 8.53 -15.65
CA ILE A 131 -15.25 8.12 -16.24
C ILE A 131 -15.06 7.68 -17.69
N GLY A 132 -14.31 8.46 -18.46
CA GLY A 132 -14.13 8.18 -19.88
C GLY A 132 -13.42 6.84 -20.10
N ALA A 133 -12.41 6.55 -19.28
CA ALA A 133 -11.69 5.30 -19.40
C ALA A 133 -12.62 4.13 -19.04
N ALA A 134 -13.42 4.32 -18.00
CA ALA A 134 -14.29 3.24 -17.56
C ALA A 134 -15.37 2.98 -18.61
N HIS A 135 -16.00 4.03 -19.16
CA HIS A 135 -17.00 3.88 -20.24
C HIS A 135 -16.41 3.34 -21.57
N GLY A 136 -15.18 3.76 -21.86
CA GLY A 136 -14.45 3.28 -23.01
C GLY A 136 -14.24 1.78 -22.92
N LEU A 137 -14.02 1.26 -21.71
CA LEU A 137 -13.81 -0.19 -21.53
C LEU A 137 -15.15 -0.93 -21.64
N LEU A 138 -16.21 -0.41 -21.00
CA LEU A 138 -17.54 -1.01 -21.19
C LEU A 138 -17.87 -1.04 -22.67
N ARG A 139 -17.49 0.00 -23.41
N ARG A 139 -17.49 0.00 -23.41
CA ARG A 139 -17.76 0.05 -24.87
CA ARG A 139 -17.77 0.06 -24.87
C ARG A 139 -16.98 -0.98 -25.71
C ARG A 139 -16.96 -0.96 -25.71
N ASP A 140 -15.95 -1.57 -25.12
CA ASP A 140 -15.05 -2.50 -25.81
C ASP A 140 -14.41 -3.39 -24.72
N PRO A 141 -15.23 -4.23 -24.09
CA PRO A 141 -14.88 -4.87 -22.82
C PRO A 141 -13.74 -5.90 -22.88
N LEU A 142 -13.49 -6.49 -24.03
CA LEU A 142 -12.41 -7.48 -24.14
C LEU A 142 -11.16 -6.95 -24.86
N SER A 143 -11.03 -5.62 -24.95
CA SER A 143 -9.83 -4.96 -25.49
C SER A 143 -8.73 -4.81 -24.43
N GLY A 144 -7.59 -5.43 -24.71
CA GLY A 144 -6.36 -5.28 -23.95
C GLY A 144 -6.01 -3.82 -23.76
N GLU A 145 -6.10 -3.03 -24.85
N GLU A 145 -6.13 -3.07 -24.85
CA GLU A 145 -5.71 -1.61 -24.78
CA GLU A 145 -5.76 -1.68 -24.90
C GLU A 145 -6.68 -0.76 -23.94
C GLU A 145 -6.66 -0.79 -24.00
N LYS A 146 -7.99 -1.00 -24.06
CA LYS A 146 -8.94 -0.27 -23.19
C LYS A 146 -8.76 -0.67 -21.72
N ARG A 147 -8.34 -1.91 -21.49
CA ARG A 147 -8.13 -2.41 -20.15
C ARG A 147 -6.90 -1.78 -19.50
N LYS A 148 -5.83 -1.65 -20.28
N LYS A 148 -5.83 -1.66 -20.27
CA LYS A 148 -4.62 -0.96 -19.84
CA LYS A 148 -4.63 -0.96 -19.83
C LYS A 148 -4.91 0.51 -19.53
C LYS A 148 -4.93 0.50 -19.52
N ALA A 149 -5.68 1.17 -20.40
CA ALA A 149 -6.01 2.56 -20.18
C ALA A 149 -6.83 2.71 -18.89
N ASP A 151 -6.61 0.48 -16.21
CA ASP A 151 -5.57 0.30 -15.20
C ASP A 151 -4.83 1.61 -14.90
N ASP A 152 -4.37 2.28 -15.93
CA ASP A 152 -3.56 3.48 -15.73
C ASP A 152 -4.36 4.63 -15.10
N ASN A 153 -5.61 4.87 -15.51
N ASN A 153 -5.59 4.82 -15.58
CA ASN A 153 -6.40 5.97 -14.90
CA ASN A 153 -6.49 5.85 -15.08
C ASN A 153 -6.87 5.61 -13.51
C ASN A 153 -6.82 5.58 -13.60
N ALA A 154 -7.16 4.33 -13.27
CA ALA A 154 -7.43 3.92 -11.90
C ALA A 154 -6.18 4.12 -11.01
N ALA A 155 -5.01 3.71 -11.47
CA ALA A 155 -3.76 4.03 -10.74
C ALA A 155 -3.48 5.54 -10.53
N TYR A 156 -3.71 6.35 -11.55
CA TYR A 156 -3.61 7.79 -11.41
C TYR A 156 -4.58 8.37 -10.35
N VAL A 157 -5.86 7.96 -10.38
CA VAL A 157 -6.78 8.46 -9.38
C VAL A 157 -6.30 8.06 -7.99
N ASP A 158 -5.83 6.83 -7.84
CA ASP A 158 -5.26 6.45 -6.55
C ASP A 158 -4.05 7.28 -6.12
N GLY A 159 -3.20 7.74 -7.04
CA GLY A 159 -2.07 8.57 -6.67
C GLY A 159 -2.53 9.95 -6.23
N LEU A 160 -3.60 10.46 -6.81
CA LEU A 160 -4.19 11.73 -6.36
C LEU A 160 -4.67 11.64 -4.90
N LEU A 161 -5.36 10.55 -4.59
CA LEU A 161 -5.86 10.28 -3.28
C LEU A 161 -4.68 10.14 -2.34
N ALA A 162 -3.67 9.37 -2.75
CA ALA A 162 -2.48 9.21 -1.90
C ALA A 162 -1.86 10.56 -1.55
N ALA A 163 -1.81 11.44 -2.56
CA ALA A 163 -1.18 12.77 -2.43
C ALA A 163 -1.93 13.75 -1.50
N ASN A 164 -3.24 13.56 -1.36
CA ASN A 164 -4.09 14.44 -0.54
C ASN A 164 -4.41 13.82 0.82
N GLN A 165 -4.44 12.49 0.89
CA GLN A 165 -4.75 11.77 2.12
C GLN A 165 -3.59 11.70 3.11
N THR A 166 -3.96 11.56 4.37
CA THR A 166 -3.08 11.12 5.44
C THR A 166 -3.58 9.75 5.94
N THR A 167 -4.89 9.61 6.16
CA THR A 167 -5.50 8.40 6.70
C THR A 167 -6.66 7.87 5.86
N GLY A 168 -7.26 8.65 4.99
CA GLY A 168 -8.46 8.16 4.29
C GLY A 168 -9.62 8.13 5.29
N PRO A 169 -10.74 7.52 4.92
CA PRO A 169 -10.97 6.84 3.66
C PRO A 169 -11.39 7.78 2.51
N TYR A 170 -11.77 9.01 2.80
CA TYR A 170 -12.22 9.92 1.75
C TYR A 170 -11.02 10.72 1.21
N TYR A 171 -11.27 11.48 0.16
CA TYR A 171 -10.25 12.31 -0.44
C TYR A 171 -9.65 13.24 0.59
N CYS A 172 -10.51 13.82 1.42
CA CYS A 172 -10.08 14.66 2.55
C CYS A 172 -10.19 13.89 3.86
N ASP A 173 -9.78 12.62 3.83
CA ASP A 173 -9.67 11.83 5.06
C ASP A 173 -11.03 11.49 5.67
N GLY A 174 -11.35 12.03 6.85
CA GLY A 174 -12.61 11.76 7.52
C GLY A 174 -13.74 12.65 7.01
N GLU A 175 -13.39 13.71 6.30
CA GLU A 175 -14.43 14.61 5.77
C GLU A 175 -14.86 14.15 4.34
N PHE A 176 -16.15 13.86 4.24
CA PHE A 176 -16.86 13.60 3.01
C PHE A 176 -17.06 14.94 2.30
N THR A 177 -16.54 15.04 1.07
CA THR A 177 -16.66 16.26 0.30
C THR A 177 -17.06 15.98 -1.12
N ALA A 179 -15.39 15.95 -3.75
CA ALA A 179 -14.51 15.02 -4.53
C ALA A 179 -15.10 13.62 -4.50
N ASP A 180 -15.56 13.20 -3.31
CA ASP A 180 -16.13 11.88 -3.17
C ASP A 180 -17.47 11.78 -3.89
N VAL A 181 -18.31 12.78 -3.73
CA VAL A 181 -19.64 12.77 -4.33
C VAL A 181 -19.52 12.62 -5.85
N ALA A 182 -18.52 13.25 -6.46
CA ALA A 182 -18.45 13.29 -7.92
C ALA A 182 -18.11 11.89 -8.45
N LEU A 183 -17.33 11.12 -7.68
CA LEU A 183 -16.83 9.81 -8.14
C LEU A 183 -17.65 8.62 -7.64
N VAL A 184 -18.26 8.72 -6.44
CA VAL A 184 -18.90 7.56 -5.80
C VAL A 184 -19.97 6.87 -6.68
N PRO A 185 -20.81 7.67 -7.39
CA PRO A 185 -21.86 7.02 -8.17
C PRO A 185 -21.35 6.10 -9.28
N PHE A 186 -20.19 6.42 -9.80
CA PHE A 186 -19.54 5.62 -10.83
C PHE A 186 -18.92 4.36 -10.20
N LEU A 187 -18.29 4.50 -9.04
CA LEU A 187 -17.69 3.31 -8.44
C LEU A 187 -18.80 2.31 -8.13
N VAL A 188 -19.93 2.80 -7.62
CA VAL A 188 -21.04 1.96 -7.28
C VAL A 188 -21.54 1.12 -8.43
N ARG A 189 -21.66 1.71 -9.60
N ARG A 189 -21.65 1.72 -9.59
CA ARG A 189 -22.15 0.98 -10.74
CA ARG A 189 -22.17 1.02 -10.75
C ARG A 189 -21.05 0.15 -11.43
C ARG A 189 -21.09 0.24 -11.52
N LEU A 190 -19.84 0.70 -11.46
CA LEU A 190 -18.74 0.06 -12.19
C LEU A 190 -18.20 -1.22 -11.55
N LYS A 191 -18.30 -1.34 -10.22
N LYS A 191 -18.32 -1.38 -10.22
CA LYS A 191 -17.86 -2.55 -9.49
CA LYS A 191 -17.81 -2.59 -9.56
C LYS A 191 -18.58 -3.76 -10.09
C LYS A 191 -18.57 -3.86 -10.00
N PRO A 192 -19.91 -3.82 -10.02
CA PRO A 192 -20.59 -4.96 -10.68
C PRO A 192 -20.49 -5.00 -12.20
N ALA A 193 -20.63 -3.85 -12.87
CA ALA A 193 -20.76 -3.82 -14.29
C ALA A 193 -19.45 -4.18 -14.95
N LEU A 194 -18.30 -3.72 -14.43
CA LEU A 194 -17.04 -4.05 -15.09
C LEU A 194 -16.67 -5.53 -14.91
N TYR A 196 -19.04 -8.01 -14.57
CA TYR A 196 -19.95 -8.75 -15.40
C TYR A 196 -19.59 -8.66 -16.87
N TYR A 197 -19.35 -7.45 -17.35
CA TYR A 197 -19.09 -7.24 -18.76
C TYR A 197 -17.65 -7.49 -19.19
N ALA A 198 -16.67 -7.34 -18.30
CA ALA A 198 -15.25 -7.34 -18.69
C ALA A 198 -14.35 -8.24 -17.85
N GLY A 199 -14.92 -8.89 -16.85
CA GLY A 199 -14.13 -9.65 -15.90
C GLY A 199 -13.13 -8.81 -15.14
N TYR A 200 -13.36 -7.49 -15.10
CA TYR A 200 -12.43 -6.50 -14.53
C TYR A 200 -12.88 -5.98 -13.18
N ASP A 201 -11.94 -5.98 -12.26
CA ASP A 201 -12.14 -5.50 -10.91
C ASP A 201 -11.76 -4.02 -10.92
N VAL A 202 -12.76 -3.17 -10.81
CA VAL A 202 -12.54 -1.73 -10.85
C VAL A 202 -11.46 -1.23 -9.88
N PHE A 203 -11.27 -1.92 -8.77
CA PHE A 203 -10.30 -1.48 -7.77
C PHE A 203 -8.95 -2.15 -7.80
N CYS A 204 -8.70 -3.03 -8.78
CA CYS A 204 -7.47 -3.79 -8.77
C CYS A 204 -6.23 -2.88 -8.75
N LYS A 205 -6.28 -1.68 -9.33
CA LYS A 205 -5.10 -0.81 -9.27
C LYS A 205 -5.33 0.35 -8.35
N ALA A 206 -6.41 0.30 -7.60
CA ALA A 206 -6.81 1.48 -6.84
C ALA A 206 -7.36 1.07 -5.48
N PRO A 207 -6.49 0.58 -4.58
CA PRO A 207 -6.97 0.20 -3.25
C PRO A 207 -7.52 1.36 -2.41
N ARG A 208 -6.95 2.55 -2.56
CA ARG A 208 -7.52 3.71 -1.84
C ARG A 208 -8.91 4.10 -2.36
N LYS A 210 -10.99 2.05 -3.48
CA LYS A 210 -11.83 1.03 -2.89
C LYS A 210 -12.30 1.38 -1.46
N ALA A 211 -11.38 1.79 -0.59
CA ALA A 211 -11.71 2.19 0.76
C ALA A 211 -12.67 3.39 0.74
N LEU A 212 -12.44 4.32 -0.22
CA LEU A 212 -13.28 5.50 -0.39
C LEU A 212 -14.74 5.07 -0.72
N TRP A 213 -14.88 4.13 -1.65
CA TRP A 213 -16.19 3.57 -2.03
C TRP A 213 -16.86 2.86 -0.90
N ALA A 214 -16.11 1.99 -0.23
CA ALA A 214 -16.66 1.15 0.82
C ALA A 214 -17.16 1.99 1.99
N ALA A 215 -16.44 3.07 2.28
CA ALA A 215 -16.91 4.05 3.28
C ALA A 215 -18.14 4.86 2.78
N ALA A 216 -18.10 5.40 1.58
CA ALA A 216 -19.22 6.16 1.06
C ALA A 216 -20.48 5.30 1.00
N ALA A 217 -20.36 4.01 0.66
CA ALA A 217 -21.50 3.11 0.50
C ALA A 217 -22.25 2.79 1.79
N GLN A 218 -21.62 3.08 2.93
CA GLN A 218 -22.32 2.99 4.21
C GLN A 218 -23.02 4.29 4.59
N ARG A 219 -22.75 5.39 3.91
CA ARG A 219 -23.46 6.65 4.23
C ARG A 219 -24.90 6.56 3.77
N ALA A 220 -25.83 7.06 4.60
CA ALA A 220 -27.27 7.06 4.26
C ALA A 220 -27.55 7.73 2.91
N SER A 221 -26.91 8.86 2.68
CA SER A 221 -27.09 9.61 1.44
C SER A 221 -26.81 8.77 0.18
N VAL A 222 -25.85 7.85 0.30
CA VAL A 222 -25.44 7.01 -0.80
C VAL A 222 -26.21 5.69 -0.79
N ARG A 223 -26.34 5.07 0.37
CA ARG A 223 -26.98 3.77 0.50
C ARG A 223 -28.43 3.83 0.06
N GLU A 224 -29.12 4.92 0.35
CA GLU A 224 -30.55 4.95 0.10
C GLU A 224 -30.87 5.47 -1.30
N THR A 225 -29.84 5.87 -2.05
CA THR A 225 -30.02 6.30 -3.44
C THR A 225 -29.30 5.40 -4.47
N SER A 226 -28.66 4.33 -4.03
CA SER A 226 -27.90 3.50 -4.95
C SER A 226 -28.85 2.47 -5.56
N PRO A 227 -28.70 2.20 -6.85
CA PRO A 227 -29.39 1.04 -7.39
C PRO A 227 -28.72 -0.27 -6.96
N THR A 228 -29.44 -1.37 -7.16
CA THR A 228 -28.95 -2.70 -6.90
C THR A 228 -27.85 -3.05 -7.89
N ALA A 229 -27.12 -4.11 -7.57
CA ALA A 229 -26.03 -4.57 -8.37
C ALA A 229 -26.57 -4.91 -9.77
N ALA A 230 -27.71 -5.60 -9.81
CA ALA A 230 -28.34 -5.99 -11.05
C ALA A 230 -28.77 -4.81 -11.88
N GLN A 231 -29.33 -3.80 -11.23
CA GLN A 231 -29.72 -2.62 -11.97
C GLN A 231 -28.50 -1.91 -12.53
N CYS A 232 -27.38 -1.89 -11.80
CA CYS A 232 -26.14 -1.31 -12.33
C CYS A 232 -25.71 -1.97 -13.66
N ILE A 233 -25.85 -3.29 -13.74
CA ILE A 233 -25.43 -4.03 -14.92
C ILE A 233 -26.40 -3.72 -16.04
N GLU A 234 -27.71 -3.75 -15.76
CA GLU A 234 -28.70 -3.42 -16.80
C GLU A 234 -28.55 -2.00 -17.29
N ASN A 235 -28.39 -1.05 -16.36
CA ASN A 235 -28.33 0.34 -16.76
C ASN A 235 -27.09 0.67 -17.66
N TYR A 236 -26.07 -0.19 -17.64
CA TYR A 236 -24.92 -0.03 -18.52
C TYR A 236 -24.95 -0.87 -19.78
N ARG A 237 -25.96 -1.74 -19.93
CA ARG A 237 -26.01 -2.65 -21.07
C ARG A 237 -25.88 -1.91 -22.40
N HIS A 238 -26.48 -0.72 -22.47
CA HIS A 238 -26.56 0.03 -23.74
C HIS A 238 -25.21 0.48 -24.30
N LEU A 239 -24.18 0.47 -23.46
CA LEU A 239 -22.84 0.81 -23.92
C LEU A 239 -22.12 -0.41 -24.50
N VAL A 240 -22.53 -1.62 -24.12
CA VAL A 240 -21.72 -2.81 -24.38
C VAL A 240 -22.07 -3.40 -25.75
N PRO A 241 -21.04 -3.83 -26.50
CA PRO A 241 -21.33 -4.37 -27.87
C PRO A 241 -22.25 -5.58 -27.81
N GLU A 242 -23.11 -5.67 -28.82
N GLU A 242 -23.18 -5.70 -28.75
CA GLU A 242 -24.10 -6.73 -28.96
CA GLU A 242 -24.12 -6.82 -28.72
C GLU A 242 -23.45 -8.11 -29.03
C GLU A 242 -23.41 -8.18 -28.89
N SER A 243 -22.24 -8.17 -29.58
N SER A 243 -22.24 -8.17 -29.54
CA SER A 243 -21.54 -9.47 -29.72
CA SER A 243 -21.48 -9.40 -29.74
C SER A 243 -20.70 -9.88 -28.51
C SER A 243 -20.77 -9.91 -28.50
N ALA A 244 -20.68 -9.09 -27.45
CA ALA A 244 -19.95 -9.46 -26.24
C ALA A 244 -20.60 -10.73 -25.67
N PRO A 245 -19.79 -11.67 -25.15
CA PRO A 245 -20.29 -13.05 -24.99
C PRO A 245 -21.33 -13.28 -23.89
N GLY A 248 -26.31 -12.38 -24.40
CA GLY A 248 -27.47 -13.27 -24.44
C GLY A 248 -28.07 -13.67 -23.11
N ALA A 249 -27.34 -13.50 -22.03
CA ALA A 249 -27.81 -13.85 -20.68
C ALA A 249 -28.89 -12.86 -20.19
N ASN A 250 -29.00 -11.72 -20.86
CA ASN A 250 -29.87 -10.64 -20.45
C ASN A 250 -29.74 -10.37 -18.94
N GLY A 251 -28.50 -10.29 -18.49
CA GLY A 251 -28.20 -10.01 -17.06
C GLY A 251 -28.22 -11.20 -16.13
N GLY A 252 -28.54 -12.39 -16.65
CA GLY A 252 -28.69 -13.58 -15.83
C GLY A 252 -27.35 -14.24 -15.55
N HIS A 253 -27.38 -15.38 -14.89
CA HIS A 253 -26.16 -16.15 -14.65
C HIS A 253 -25.49 -16.55 -15.96
N VAL A 254 -24.16 -16.51 -16.00
CA VAL A 254 -23.39 -16.87 -17.21
C VAL A 254 -22.36 -17.93 -16.87
N LEU A 255 -22.35 -19.03 -17.61
CA LEU A 255 -21.38 -20.09 -17.40
C LEU A 255 -20.51 -20.21 -18.65
N TYR A 256 -19.23 -19.90 -18.49
CA TYR A 256 -18.19 -20.06 -19.49
C TYR A 256 -17.87 -21.53 -19.39
N SER A 257 -17.95 -22.20 -20.54
CA SER A 257 -18.13 -23.63 -20.61
C SER A 257 -17.44 -24.25 -21.80
N ASN A 258 -17.33 -25.58 -21.78
CA ASN A 258 -16.90 -26.32 -22.95
C ASN A 258 -17.55 -27.70 -23.00
N LEU A 259 -18.05 -28.10 -24.18
CA LEU A 259 -18.88 -29.27 -24.27
C LEU A 259 -18.14 -30.58 -23.94
N PHE A 260 -16.80 -30.58 -23.89
CA PHE A 260 -16.04 -31.82 -23.62
C PHE A 260 -15.29 -31.87 -22.27
N CYS A 261 -15.34 -30.77 -21.51
N CYS A 261 -15.33 -30.77 -21.52
CA CYS A 261 -14.60 -30.63 -20.25
CA CYS A 261 -14.61 -30.65 -20.25
C CYS A 261 -15.33 -31.26 -19.04
C CYS A 261 -15.35 -31.29 -19.07
N PRO A 262 -14.71 -32.26 -18.38
CA PRO A 262 -15.34 -32.91 -17.24
C PRO A 262 -15.45 -32.01 -15.98
N PHE A 263 -14.62 -30.99 -15.86
CA PHE A 263 -14.80 -29.98 -14.79
C PHE A 263 -16.06 -29.16 -15.07
N VAL A 264 -16.32 -28.82 -16.34
CA VAL A 264 -17.56 -28.12 -16.67
C VAL A 264 -18.78 -29.04 -16.43
N ASP A 265 -18.67 -30.32 -16.82
CA ASP A 265 -19.73 -31.31 -16.58
C ASP A 265 -20.21 -31.17 -15.10
N ARG A 266 -19.31 -30.95 -14.16
CA ARG A 266 -19.75 -30.79 -12.74
C ARG A 266 -20.78 -29.67 -12.58
N ALA A 267 -20.45 -28.50 -13.12
CA ALA A 267 -21.29 -27.36 -13.00
C ALA A 267 -22.61 -27.58 -13.73
N ARG A 268 -22.56 -28.23 -14.88
CA ARG A 268 -23.79 -28.47 -15.64
C ARG A 268 -24.68 -29.54 -15.01
N LEU A 269 -24.10 -30.53 -14.30
CA LEU A 269 -24.90 -31.48 -13.56
C LEU A 269 -25.62 -30.76 -12.41
N ALA A 270 -24.88 -29.95 -11.66
CA ALA A 270 -25.44 -29.24 -10.51
C ALA A 270 -26.62 -28.42 -11.00
N SER A 271 -26.41 -27.73 -12.11
CA SER A 271 -27.43 -26.90 -12.74
C SER A 271 -28.69 -27.68 -13.11
N GLU A 272 -28.51 -28.84 -13.71
CA GLU A 272 -29.62 -29.61 -14.15
C GLU A 272 -30.38 -30.14 -12.95
N LEU A 273 -29.65 -30.71 -12.00
CA LEU A 273 -30.21 -31.27 -10.78
C LEU A 273 -30.98 -30.23 -9.92
N ARG A 274 -30.54 -28.99 -9.94
CA ARG A 274 -31.16 -27.92 -9.12
C ARG A 274 -32.00 -26.95 -9.96
N LYS A 275 -32.32 -27.35 -11.19
CA LYS A 275 -33.13 -26.55 -12.09
C LYS A 275 -32.64 -25.12 -12.14
N PHE A 276 -31.34 -24.96 -12.37
CA PHE A 276 -30.67 -23.67 -12.19
C PHE A 276 -30.27 -23.11 -13.53
N GLN A 277 -30.89 -22.02 -13.91
CA GLN A 277 -30.71 -21.49 -15.25
C GLN A 277 -29.44 -20.69 -15.41
N HIS A 279 -26.75 -19.01 -18.76
CA HIS A 279 -26.47 -18.79 -20.15
C HIS A 279 -25.09 -19.41 -20.44
N ILE A 280 -25.07 -20.43 -21.30
CA ILE A 280 -23.86 -21.19 -21.60
C ILE A 280 -23.07 -20.44 -22.67
N VAL A 281 -21.83 -20.07 -22.34
CA VAL A 281 -20.93 -19.49 -23.33
C VAL A 281 -19.90 -20.57 -23.64
N GLU A 282 -19.97 -21.11 -24.87
CA GLU A 282 -19.06 -22.16 -25.34
C GLU A 282 -17.69 -21.55 -25.63
N VAL A 283 -16.67 -21.87 -24.82
CA VAL A 283 -15.33 -21.32 -25.01
C VAL A 283 -14.45 -22.34 -25.68
N PRO A 284 -14.02 -22.10 -26.93
CA PRO A 284 -13.11 -23.14 -27.50
C PRO A 284 -11.82 -23.21 -26.68
N LEU A 285 -11.14 -24.35 -26.78
CA LEU A 285 -9.90 -24.61 -26.05
C LEU A 285 -8.79 -25.09 -27.00
N HIS A 286 -7.55 -24.99 -26.54
CA HIS A 286 -6.39 -25.53 -27.26
C HIS A 286 -6.54 -25.18 -28.75
N PRO A 287 -6.56 -23.86 -29.07
CA PRO A 287 -6.33 -22.69 -28.23
C PRO A 287 -7.59 -21.99 -27.74
N GLN A 288 -7.58 -21.50 -26.48
CA GLN A 288 -8.67 -20.62 -26.02
C GLN A 288 -8.53 -19.20 -26.60
N PRO A 289 -9.66 -18.48 -26.70
CA PRO A 289 -9.58 -17.10 -27.22
C PRO A 289 -8.71 -16.21 -26.35
N GLU A 290 -8.00 -15.27 -26.95
N GLU A 290 -8.01 -15.30 -27.03
CA GLU A 290 -7.11 -14.38 -26.19
CA GLU A 290 -7.24 -14.17 -26.45
C GLU A 290 -7.88 -13.49 -25.18
C GLU A 290 -7.91 -13.59 -25.22
N TRP A 291 -9.19 -13.30 -25.35
CA TRP A 291 -9.94 -12.56 -24.33
C TRP A 291 -10.33 -13.39 -23.12
N TYR A 292 -10.22 -14.72 -23.18
CA TYR A 292 -10.75 -15.54 -22.05
C TYR A 292 -9.99 -15.33 -20.74
N LYS A 293 -8.69 -15.09 -20.82
CA LYS A 293 -7.92 -14.72 -19.63
C LYS A 293 -8.47 -13.49 -18.86
N TYR A 294 -9.26 -12.67 -19.52
CA TYR A 294 -9.85 -11.53 -18.86
C TYR A 294 -11.04 -11.98 -18.02
N ILE A 295 -11.74 -13.05 -18.45
CA ILE A 295 -12.87 -13.60 -17.70
C ILE A 295 -12.35 -14.44 -16.55
N ASN A 296 -11.37 -15.27 -16.84
CA ASN A 296 -10.71 -16.09 -15.82
C ASN A 296 -9.21 -16.02 -15.93
N PRO A 297 -8.54 -15.36 -14.98
CA PRO A 297 -7.09 -15.27 -15.18
C PRO A 297 -6.40 -16.62 -15.12
N ARG A 298 -7.03 -17.64 -14.55
CA ARG A 298 -6.41 -18.96 -14.61
C ARG A 298 -6.54 -19.66 -16.02
N ASP A 299 -7.29 -19.06 -16.94
N ASP A 299 -7.33 -19.04 -16.92
CA ASP A 299 -7.37 -19.53 -18.33
CA ASP A 299 -7.51 -19.46 -18.34
C ASP A 299 -8.20 -20.82 -18.45
C ASP A 299 -8.17 -20.82 -18.42
N THR A 300 -8.97 -21.16 -17.40
CA THR A 300 -9.75 -22.41 -17.39
C THR A 300 -11.29 -22.25 -17.40
N VAL A 301 -11.97 -23.21 -18.00
CA VAL A 301 -13.41 -23.36 -17.83
C VAL A 301 -13.64 -24.51 -16.86
N PRO A 302 -14.71 -24.45 -16.04
CA PRO A 302 -15.79 -23.46 -16.03
C PRO A 302 -15.48 -22.19 -15.23
N ALA A 303 -16.20 -21.12 -15.52
CA ALA A 303 -16.26 -19.92 -14.69
C ALA A 303 -17.73 -19.49 -14.68
N LEU A 304 -18.24 -19.06 -13.53
CA LEU A 304 -19.62 -18.63 -13.41
C LEU A 304 -19.71 -17.14 -12.98
N PHE A 305 -20.58 -16.39 -13.68
CA PHE A 305 -20.79 -14.98 -13.38
C PHE A 305 -22.24 -14.78 -12.95
N THR A 306 -22.46 -14.02 -11.88
CA THR A 306 -23.81 -13.88 -11.28
C THR A 306 -24.49 -12.57 -11.69
N PRO A 307 -25.86 -12.51 -11.55
CA PRO A 307 -26.61 -11.28 -11.78
C PRO A 307 -26.19 -10.08 -10.98
N SER A 308 -25.48 -10.30 -9.87
N SER A 308 -25.49 -10.27 -9.86
CA SER A 308 -24.98 -9.21 -9.01
CA SER A 308 -25.00 -9.15 -9.04
C SER A 308 -23.56 -8.80 -9.39
C SER A 308 -23.56 -8.80 -9.39
N GLY A 309 -23.03 -9.41 -10.46
CA GLY A 309 -21.71 -9.09 -10.92
C GLY A 309 -20.54 -9.67 -10.16
N GLU A 310 -20.71 -10.84 -9.56
N GLU A 310 -20.73 -10.85 -9.57
CA GLU A 310 -19.60 -11.52 -8.92
CA GLU A 310 -19.66 -11.55 -8.88
C GLU A 310 -19.17 -12.67 -9.80
C GLU A 310 -19.17 -12.67 -9.80
N ALA A 311 -17.89 -13.02 -9.70
CA ALA A 311 -17.31 -14.17 -10.38
C ALA A 311 -17.25 -15.27 -9.35
N VAL A 312 -17.60 -16.49 -9.79
CA VAL A 312 -17.55 -17.69 -8.99
C VAL A 312 -16.69 -18.65 -9.81
N HIS A 313 -15.49 -18.96 -9.29
CA HIS A 313 -14.48 -19.75 -9.94
C HIS A 313 -14.24 -21.12 -9.29
N GLU A 314 -13.85 -22.03 -10.16
CA GLU A 314 -13.46 -23.44 -9.89
C GLU A 314 -14.66 -24.34 -9.88
N SER A 315 -14.60 -25.43 -10.65
CA SER A 315 -15.74 -26.25 -10.88
C SER A 315 -16.50 -26.71 -9.65
N GLN A 316 -15.87 -27.36 -8.68
CA GLN A 316 -16.61 -27.83 -7.51
C GLN A 316 -17.12 -26.69 -6.62
N LEU A 317 -16.41 -25.56 -6.59
N LEU A 317 -16.38 -25.58 -6.59
CA LEU A 317 -16.88 -24.40 -5.81
CA LEU A 317 -16.82 -24.35 -5.86
C LEU A 317 -18.06 -23.75 -6.53
C LEU A 317 -18.07 -23.79 -6.52
N ILE A 318 -18.12 -23.92 -7.84
CA ILE A 318 -19.32 -23.53 -8.59
C ILE A 318 -20.49 -24.46 -8.24
N VAL A 319 -20.26 -25.77 -8.26
CA VAL A 319 -21.29 -26.71 -7.81
C VAL A 319 -21.85 -26.28 -6.41
N GLN A 320 -20.95 -25.91 -5.50
CA GLN A 320 -21.35 -25.55 -4.13
C GLN A 320 -22.15 -24.22 -4.08
N TYR A 321 -21.75 -23.24 -4.88
CA TYR A 321 -22.47 -21.97 -4.98
C TYR A 321 -23.85 -22.22 -5.54
N ILE A 322 -23.91 -23.02 -6.59
CA ILE A 322 -25.17 -23.31 -7.22
C ILE A 322 -26.07 -23.93 -6.19
N ASP A 323 -25.53 -24.90 -5.46
CA ASP A 323 -26.34 -25.63 -4.49
C ASP A 323 -26.83 -24.74 -3.37
N CYS A 324 -26.05 -23.69 -2.99
CA CYS A 324 -26.51 -22.69 -2.00
C CYS A 324 -27.68 -21.81 -2.47
N VAL A 325 -27.69 -21.37 -3.72
CA VAL A 325 -28.64 -20.33 -4.15
C VAL A 325 -29.89 -20.90 -4.84
N ALA A 326 -29.81 -22.16 -5.31
CA ALA A 326 -30.93 -22.82 -5.96
C ALA A 326 -32.08 -23.05 -5.00
N THR A 327 -33.28 -23.13 -5.54
CA THR A 327 -34.49 -23.23 -4.74
C THR A 327 -35.29 -24.49 -5.08
N LYS A 328 -34.87 -25.24 -6.11
CA LYS A 328 -35.65 -26.39 -6.56
C LYS A 328 -34.75 -27.60 -6.65
N GLY A 329 -35.35 -28.78 -6.63
CA GLY A 329 -34.60 -30.04 -6.55
C GLY A 329 -34.02 -30.32 -5.17
N SER A 330 -33.48 -31.52 -4.97
CA SER A 330 -32.94 -31.92 -3.70
C SER A 330 -31.55 -31.32 -3.46
N ALA A 331 -31.27 -31.01 -2.23
CA ALA A 331 -30.01 -30.38 -1.83
C ALA A 331 -28.84 -31.31 -2.17
N LEU A 332 -27.77 -30.74 -2.68
CA LEU A 332 -26.56 -31.49 -3.00
C LEU A 332 -25.61 -31.55 -1.80
N VAL A 333 -25.70 -30.56 -0.93
CA VAL A 333 -24.96 -30.55 0.32
C VAL A 333 -25.96 -30.59 1.50
N PRO A 334 -25.79 -31.53 2.43
CA PRO A 334 -26.84 -31.77 3.45
C PRO A 334 -26.75 -30.81 4.61
N ARG A 335 -27.07 -29.56 4.35
CA ARG A 335 -27.01 -28.52 5.35
C ARG A 335 -27.90 -28.86 6.55
N GLY A 336 -27.38 -28.54 7.72
CA GLY A 336 -28.07 -28.74 8.97
C GLY A 336 -27.57 -29.97 9.70
N ASP A 337 -26.61 -30.70 9.13
CA ASP A 337 -26.17 -31.97 9.75
C ASP A 337 -24.66 -32.07 9.67
N ALA A 338 -23.95 -31.70 10.73
CA ALA A 338 -22.49 -31.63 10.69
C ALA A 338 -21.84 -32.90 10.19
N GLU A 339 -22.34 -34.03 10.66
CA GLU A 339 -21.69 -35.27 10.40
C GLU A 339 -21.83 -35.62 8.93
N LYS A 340 -23.00 -35.37 8.36
CA LYS A 340 -23.24 -35.64 6.97
C LYS A 340 -22.50 -34.66 6.06
N GLU A 341 -22.43 -33.38 6.47
CA GLU A 341 -21.56 -32.47 5.74
C GLU A 341 -20.09 -32.93 5.78
N TYR A 342 -19.60 -33.48 6.90
CA TYR A 342 -18.29 -34.10 6.88
C TYR A 342 -18.21 -35.20 5.81
N GLU A 343 -19.19 -36.12 5.74
N GLU A 343 -19.20 -36.10 5.75
CA GLU A 343 -19.05 -37.24 4.79
CA GLU A 343 -19.15 -37.24 4.83
C GLU A 343 -18.92 -36.75 3.37
C GLU A 343 -18.96 -36.77 3.39
N VAL A 344 -19.75 -35.78 2.99
CA VAL A 344 -19.69 -35.22 1.66
C VAL A 344 -18.38 -34.47 1.45
N GLY A 345 -17.98 -33.65 2.42
CA GLY A 345 -16.65 -33.01 2.37
C GLY A 345 -15.50 -33.97 2.08
N PHE A 346 -15.49 -35.08 2.83
CA PHE A 346 -14.43 -36.06 2.73
C PHE A 346 -14.46 -36.76 1.38
N PHE A 347 -15.65 -37.14 0.92
CA PHE A 347 -15.82 -37.76 -0.41
C PHE A 347 -15.35 -36.85 -1.54
N VAL A 348 -15.71 -35.57 -1.50
CA VAL A 348 -15.31 -34.61 -2.51
C VAL A 348 -13.77 -34.40 -2.51
N GLU A 349 -13.16 -34.31 -1.35
CA GLU A 349 -11.69 -34.27 -1.25
C GLU A 349 -11.08 -35.50 -1.88
N ASN A 350 -11.59 -36.66 -1.52
CA ASN A 350 -11.06 -37.90 -2.11
C ASN A 350 -11.29 -38.01 -3.63
N ALA A 351 -12.45 -37.54 -4.10
CA ALA A 351 -12.70 -37.43 -5.54
C ALA A 351 -11.61 -36.56 -6.15
N GLY A 352 -11.21 -35.53 -5.43
CA GLY A 352 -10.17 -34.62 -5.88
C GLY A 352 -8.89 -35.40 -6.20
N TYR A 353 -8.50 -36.29 -5.28
CA TYR A 353 -7.32 -37.09 -5.49
C TYR A 353 -7.44 -38.07 -6.66
N PHE A 354 -8.64 -38.58 -6.89
CA PHE A 354 -8.95 -39.51 -7.96
C PHE A 354 -8.82 -38.83 -9.31
N VAL A 355 -9.40 -37.63 -9.42
CA VAL A 355 -9.29 -36.80 -10.62
C VAL A 355 -7.83 -36.53 -10.93
N GLY A 356 -7.08 -36.07 -9.92
CA GLY A 356 -5.63 -35.85 -10.07
C GLY A 356 -4.92 -37.06 -10.65
N GLY A 357 -5.16 -38.23 -10.08
CA GLY A 357 -4.53 -39.44 -10.59
C GLY A 357 -4.98 -39.87 -11.99
N LEU A 358 -6.29 -39.80 -12.23
CA LEU A 358 -6.85 -40.20 -13.50
C LEU A 358 -6.30 -39.36 -14.63
N SER A 360 -3.71 -37.24 -14.70
CA SER A 360 -2.28 -37.39 -14.85
C SER A 360 -1.93 -38.69 -15.56
N TRP A 361 -2.66 -39.77 -15.29
CA TRP A 361 -2.41 -41.06 -15.95
C TRP A 361 -2.79 -41.10 -17.46
N ILE A 362 -3.95 -40.57 -17.78
CA ILE A 362 -4.40 -40.40 -19.15
C ILE A 362 -3.43 -39.48 -19.91
N ILE A 363 -3.22 -38.27 -19.41
CA ILE A 363 -2.47 -37.26 -20.17
C ILE A 363 -0.99 -37.64 -20.40
N ARG A 364 -0.31 -38.09 -19.35
CA ARG A 364 1.15 -38.27 -19.40
C ARG A 364 1.62 -39.62 -18.87
N GLY A 365 0.73 -40.61 -18.80
CA GLY A 365 1.09 -41.97 -18.38
C GLY A 365 1.69 -42.04 -16.99
N GLY A 366 2.31 -43.17 -16.66
CA GLY A 366 3.10 -43.26 -15.44
C GLY A 366 2.49 -44.07 -14.32
N GLU A 367 3.31 -44.89 -13.69
CA GLU A 367 2.91 -45.77 -12.59
C GLU A 367 2.62 -45.02 -11.27
N ASP A 368 3.20 -43.84 -11.09
N ASP A 368 3.17 -43.82 -11.11
CA ASP A 368 2.91 -43.02 -9.91
CA ASP A 368 2.93 -42.97 -9.94
C ASP A 368 1.42 -42.61 -9.94
C ASP A 368 1.48 -42.48 -9.92
N ALA A 369 0.98 -42.10 -11.09
CA ALA A 369 -0.39 -41.65 -11.25
C ALA A 369 -1.39 -42.82 -11.17
N LYS A 370 -1.05 -43.96 -11.74
CA LYS A 370 -1.92 -45.12 -11.62
C LYS A 370 -2.08 -45.58 -10.15
N ALA A 371 -1.06 -45.39 -9.32
CA ALA A 371 -1.13 -45.83 -7.94
C ALA A 371 -1.98 -44.85 -7.12
N GLU A 372 -1.84 -43.56 -7.42
N GLU A 372 -1.87 -43.56 -7.42
CA GLU A 372 -2.69 -42.50 -6.86
CA GLU A 372 -2.71 -42.55 -6.80
C GLU A 372 -4.17 -42.76 -7.19
C GLU A 372 -4.19 -42.72 -7.19
N LEU A 373 -4.47 -43.11 -8.43
CA LEU A 373 -5.83 -43.39 -8.87
C LEU A 373 -6.41 -44.55 -8.07
N GLN A 374 -5.64 -45.61 -7.98
CA GLN A 374 -6.11 -46.77 -7.24
C GLN A 374 -6.37 -46.45 -5.77
N TRP A 375 -5.43 -45.79 -5.12
CA TRP A 375 -5.55 -45.42 -3.74
C TRP A 375 -6.83 -44.63 -3.53
N ALA A 376 -7.02 -43.60 -4.37
CA ALA A 376 -8.15 -42.69 -4.27
C ALA A 376 -9.46 -43.43 -4.48
N ALA A 377 -9.45 -44.37 -5.42
CA ALA A 377 -10.63 -45.20 -5.70
C ALA A 377 -11.03 -46.01 -4.48
N GLY A 378 -10.02 -46.47 -3.75
CA GLY A 378 -10.21 -47.21 -2.50
C GLY A 378 -10.71 -46.32 -1.37
N GLU A 379 -10.29 -45.06 -1.32
CA GLU A 379 -10.85 -44.16 -0.32
C GLU A 379 -12.33 -43.98 -0.58
N LEU A 380 -12.70 -43.87 -1.86
CA LEU A 380 -14.11 -43.65 -2.25
C LEU A 380 -14.95 -44.90 -2.01
N GLU A 381 -14.43 -46.03 -2.47
CA GLU A 381 -15.11 -47.30 -2.30
C GLU A 381 -15.41 -47.58 -0.81
N GLN A 382 -14.39 -47.47 0.04
CA GLN A 382 -14.56 -47.70 1.49
C GLN A 382 -15.63 -46.77 2.09
N GLN A 383 -15.77 -45.55 1.58
CA GLN A 383 -16.79 -44.68 2.15
C GLN A 383 -18.20 -45.08 1.67
N LEU A 384 -18.29 -45.50 0.42
CA LEU A 384 -19.51 -46.06 -0.13
C LEU A 384 -20.06 -47.26 0.66
N ALA A 385 -19.20 -48.21 1.01
CA ALA A 385 -19.59 -49.43 1.70
C ALA A 385 -20.16 -49.20 3.10
N LYS A 386 -19.93 -48.01 3.66
CA LYS A 386 -20.61 -47.58 4.90
C LYS A 386 -21.98 -46.97 4.65
N HIS A 387 -22.29 -46.72 3.38
CA HIS A 387 -23.58 -46.17 2.95
C HIS A 387 -24.09 -45.10 3.89
N PRO A 388 -23.30 -44.05 4.10
CA PRO A 388 -23.75 -43.01 5.02
C PRO A 388 -25.02 -42.27 4.56
N PHE A 389 -25.39 -42.36 3.27
CA PHE A 389 -26.71 -41.82 2.87
C PHE A 389 -27.78 -42.87 2.62
N GLY A 390 -27.58 -44.07 3.18
CA GLY A 390 -28.58 -45.16 3.11
C GLY A 390 -28.55 -45.99 1.84
N GLU A 391 -29.65 -46.68 1.56
N GLU A 391 -29.67 -46.64 1.55
CA GLU A 391 -29.71 -47.63 0.44
CA GLU A 391 -29.78 -47.60 0.44
C GLU A 391 -29.61 -46.92 -0.91
C GLU A 391 -29.63 -46.91 -0.93
N GLY A 392 -29.16 -47.64 -1.93
CA GLY A 392 -29.10 -47.10 -3.32
C GLY A 392 -27.70 -47.03 -3.87
N PRO A 393 -27.56 -46.73 -5.19
CA PRO A 393 -26.27 -46.87 -5.86
C PRO A 393 -25.39 -45.63 -5.81
N PHE A 394 -25.95 -44.49 -5.41
CA PHE A 394 -25.18 -43.24 -5.43
C PHE A 394 -24.54 -43.01 -4.10
N PHE A 395 -23.47 -42.23 -4.05
CA PHE A 395 -22.99 -41.79 -2.72
C PHE A 395 -24.09 -41.08 -1.89
N GLY A 396 -24.98 -40.35 -2.56
CA GLY A 396 -26.14 -39.74 -1.90
C GLY A 396 -27.30 -40.70 -1.71
N GLY A 397 -27.08 -41.98 -2.01
CA GLY A 397 -28.10 -43.02 -1.80
C GLY A 397 -29.00 -43.22 -3.02
N LYS A 398 -30.26 -42.81 -2.89
CA LYS A 398 -31.26 -42.91 -3.97
C LYS A 398 -31.11 -41.84 -5.03
N ARG A 399 -30.33 -40.80 -4.72
N ARG A 399 -30.35 -40.79 -4.71
CA ARG A 399 -30.13 -39.68 -5.63
CA ARG A 399 -30.13 -39.65 -5.60
C ARG A 399 -28.72 -39.12 -5.48
C ARG A 399 -28.68 -39.19 -5.52
N ASN A 401 -25.70 -36.51 -4.91
CA ASN A 401 -25.33 -35.36 -4.11
C ASN A 401 -24.03 -34.74 -4.64
N ALA A 402 -23.51 -33.72 -3.94
CA ALA A 402 -22.29 -33.02 -4.37
C ALA A 402 -21.13 -33.97 -4.60
N GLY A 403 -21.09 -35.03 -3.81
CA GLY A 403 -20.08 -36.06 -4.00
C GLY A 403 -20.20 -36.76 -5.36
N ASP A 404 -21.38 -37.28 -5.67
CA ASP A 404 -21.63 -37.91 -6.97
C ASP A 404 -21.30 -36.93 -8.11
N VAL A 405 -21.69 -35.68 -7.96
CA VAL A 405 -21.43 -34.72 -9.01
C VAL A 405 -19.95 -34.46 -9.22
N ALA A 406 -19.17 -34.38 -8.14
CA ALA A 406 -17.73 -34.17 -8.27
C ALA A 406 -17.08 -35.29 -9.09
N ILE A 407 -17.58 -36.50 -8.90
CA ILE A 407 -16.86 -37.68 -9.42
C ILE A 407 -17.44 -38.22 -10.71
N LEU A 408 -18.76 -38.10 -10.97
CA LEU A 408 -19.38 -38.75 -12.16
C LEU A 408 -18.63 -38.48 -13.47
N PRO A 409 -18.36 -37.21 -13.79
CA PRO A 409 -17.76 -36.94 -15.08
C PRO A 409 -16.43 -37.67 -15.28
N PHE A 410 -15.66 -37.80 -14.20
CA PHE A 410 -14.37 -38.48 -14.28
C PHE A 410 -14.50 -40.02 -14.28
N LEU A 411 -15.57 -40.55 -13.68
CA LEU A 411 -15.95 -41.93 -13.91
C LEU A 411 -16.27 -42.14 -15.39
N VAL A 412 -16.99 -41.20 -16.00
CA VAL A 412 -17.33 -41.36 -17.41
C VAL A 412 -16.04 -41.40 -18.24
N ARG A 413 -15.12 -40.49 -17.96
CA ARG A 413 -13.83 -40.48 -18.63
C ARG A 413 -13.07 -41.78 -18.35
N ALA A 414 -13.14 -42.26 -17.12
CA ALA A 414 -12.56 -43.54 -16.78
C ALA A 414 -13.14 -44.66 -17.66
N LYS A 415 -14.46 -44.65 -17.89
CA LYS A 415 -15.12 -45.66 -18.72
C LYS A 415 -14.69 -45.57 -20.18
N ALA A 416 -14.51 -44.35 -20.68
CA ALA A 416 -14.03 -44.18 -22.06
C ALA A 416 -12.58 -44.66 -22.18
N PHE A 417 -11.78 -44.38 -21.16
CA PHE A 417 -10.34 -44.68 -21.24
C PHE A 417 -9.99 -46.17 -21.06
N PRO A 419 -11.06 -50.43 -20.78
CA PRO A 419 -9.73 -50.96 -20.96
C PRO A 419 -9.03 -50.62 -22.29
N GLU A 420 -9.74 -49.97 -23.22
CA GLU A 420 -9.20 -49.71 -24.55
C GLU A 420 -7.78 -49.06 -24.57
N PHE A 421 -7.55 -48.04 -23.74
CA PHE A 421 -6.27 -47.30 -23.74
C PHE A 421 -5.32 -47.67 -22.58
N SER A 422 -5.77 -48.58 -21.71
CA SER A 422 -5.07 -49.01 -20.51
C SER A 422 -4.52 -50.42 -20.61
N GLY A 423 -4.33 -50.93 -21.82
CA GLY A 423 -3.83 -52.26 -22.01
C GLY A 423 -4.58 -53.38 -21.29
N GLY A 424 -5.90 -53.23 -21.15
CA GLY A 424 -6.70 -54.28 -20.48
C GLY A 424 -7.09 -53.99 -19.03
N TYR A 425 -6.31 -53.16 -18.34
CA TYR A 425 -6.60 -52.81 -16.95
C TYR A 425 -7.89 -52.03 -16.85
N ASP A 426 -8.84 -52.54 -16.09
CA ASP A 426 -10.10 -51.87 -15.92
C ASP A 426 -10.34 -51.63 -14.45
N LEU A 427 -10.19 -50.38 -14.04
CA LEU A 427 -10.35 -50.03 -12.63
C LEU A 427 -11.69 -50.49 -12.04
N PHE A 428 -12.76 -50.42 -12.84
CA PHE A 428 -14.11 -50.76 -12.39
C PHE A 428 -14.36 -52.22 -12.02
N ALA A 429 -13.55 -53.13 -12.57
CA ALA A 429 -13.56 -54.53 -12.17
C ALA A 429 -13.01 -54.71 -10.76
N HIS A 430 -12.41 -53.69 -10.16
CA HIS A 430 -11.84 -53.82 -8.81
C HIS A 430 -12.59 -53.04 -7.74
N PHE A 431 -13.46 -52.12 -8.17
CA PHE A 431 -14.20 -51.26 -7.26
C PHE A 431 -15.70 -51.27 -7.65
N PRO A 432 -16.42 -52.33 -7.28
CA PRO A 432 -17.81 -52.48 -7.72
C PRO A 432 -18.80 -51.40 -7.28
N LEU A 433 -18.66 -50.85 -6.08
CA LEU A 433 -19.65 -49.84 -5.63
C LEU A 433 -19.45 -48.55 -6.44
N LEU A 434 -18.20 -48.19 -6.67
CA LEU A 434 -17.88 -47.08 -7.52
C LEU A 434 -18.41 -47.31 -8.97
N ASN A 435 -18.29 -48.53 -9.47
CA ASN A 435 -18.86 -48.91 -10.76
C ASN A 435 -20.37 -48.74 -10.76
N GLY A 436 -21.04 -49.27 -9.73
CA GLY A 436 -22.45 -49.02 -9.56
C GLY A 436 -22.77 -47.53 -9.59
N LEU A 437 -21.98 -46.70 -8.90
CA LEU A 437 -22.24 -45.27 -8.87
C LEU A 437 -22.19 -44.70 -10.28
N ALA A 438 -21.21 -45.15 -11.04
CA ALA A 438 -20.99 -44.67 -12.40
C ALA A 438 -22.14 -45.02 -13.30
N GLU A 439 -22.52 -46.30 -13.31
N GLU A 439 -22.55 -46.28 -13.32
CA GLU A 439 -23.62 -46.78 -14.16
CA GLU A 439 -23.61 -46.71 -14.23
C GLU A 439 -24.94 -46.04 -13.86
C GLU A 439 -24.97 -46.07 -13.87
N ALA A 440 -25.26 -45.92 -12.57
CA ALA A 440 -26.53 -45.34 -12.16
C ALA A 440 -26.51 -43.86 -12.44
N GLY A 441 -25.34 -43.23 -12.29
CA GLY A 441 -25.14 -41.83 -12.70
C GLY A 441 -25.40 -41.61 -14.18
N ALA A 443 -27.21 -43.19 -16.19
CA ALA A 443 -28.61 -43.44 -16.64
C ALA A 443 -29.56 -42.28 -16.29
N THR A 444 -29.11 -41.35 -15.43
CA THR A 444 -29.97 -40.22 -15.07
C THR A 444 -30.29 -39.33 -16.30
N PRO A 445 -31.48 -38.71 -16.32
CA PRO A 445 -31.79 -37.71 -17.35
C PRO A 445 -30.80 -36.56 -17.27
N GLU A 446 -30.44 -36.18 -16.05
CA GLU A 446 -29.46 -35.11 -15.87
C GLU A 446 -28.13 -35.45 -16.56
N ALA A 447 -27.56 -36.63 -16.32
CA ALA A 447 -26.36 -37.03 -17.05
C ALA A 447 -26.58 -37.09 -18.56
N LYS A 448 -27.76 -37.50 -18.99
CA LYS A 448 -28.02 -37.67 -20.44
C LYS A 448 -28.11 -36.33 -21.15
N SER A 449 -28.47 -35.30 -20.41
CA SER A 449 -28.53 -33.97 -20.99
C SER A 449 -27.17 -33.27 -20.95
N VAL A 450 -26.19 -33.81 -20.20
CA VAL A 450 -24.89 -33.15 -20.02
C VAL A 450 -23.74 -33.75 -20.84
N PHE A 451 -23.56 -35.06 -20.74
CA PHE A 451 -22.43 -35.78 -21.31
C PHE A 451 -22.49 -36.02 -22.80
N ARG A 452 -21.32 -36.09 -23.41
CA ARG A 452 -21.20 -36.58 -24.79
C ARG A 452 -21.35 -38.12 -24.77
N THR A 453 -21.37 -38.76 -25.95
CA THR A 453 -21.38 -40.24 -26.01
C THR A 453 -20.00 -40.74 -25.59
N LEU A 454 -19.95 -41.99 -25.18
CA LEU A 454 -18.67 -42.59 -24.77
C LEU A 454 -17.72 -42.60 -25.96
N GLU A 455 -18.25 -42.97 -27.13
CA GLU A 455 -17.47 -42.90 -28.34
C GLU A 455 -16.85 -41.49 -28.56
N GLU A 456 -17.63 -40.44 -28.36
CA GLU A 456 -17.09 -39.07 -28.53
C GLU A 456 -15.92 -38.79 -27.59
N TYR A 457 -16.07 -39.20 -26.34
CA TYR A 457 -14.99 -39.10 -25.37
C TYR A 457 -13.77 -39.92 -25.76
N LYS A 458 -13.97 -41.08 -26.40
CA LYS A 458 -12.85 -41.86 -26.86
C LYS A 458 -12.06 -41.09 -27.93
N GLU A 459 -12.75 -40.50 -28.92
CA GLU A 459 -12.06 -39.66 -29.94
C GLU A 459 -11.33 -38.48 -29.29
N HIS A 460 -11.97 -37.90 -28.29
CA HIS A 460 -11.37 -36.75 -27.58
C HIS A 460 -10.04 -37.14 -26.93
N ILE A 461 -9.95 -38.35 -26.39
CA ILE A 461 -8.69 -38.89 -25.86
C ILE A 461 -7.71 -39.13 -27.02
N ARG A 462 -8.20 -39.71 -28.11
CA ARG A 462 -7.34 -39.99 -29.28
C ARG A 462 -6.78 -38.67 -29.82
N LYS A 463 -7.66 -37.66 -29.98
CA LYS A 463 -7.25 -36.35 -30.48
C LYS A 463 -6.15 -35.75 -29.59
N ARG A 464 -6.30 -35.87 -28.27
CA ARG A 464 -5.31 -35.35 -27.33
C ARG A 464 -3.94 -36.01 -27.51
N GLN A 465 -3.92 -37.33 -27.66
CA GLN A 465 -2.66 -38.07 -27.87
C GLN A 465 -2.01 -37.73 -29.23
N ARG A 466 -2.85 -37.57 -30.27
CA ARG A 466 -2.39 -37.10 -31.58
C ARG A 466 -1.88 -35.65 -31.56
N ARG A 467 -2.53 -34.79 -30.77
CA ARG A 467 -2.06 -33.41 -30.56
C ARG A 467 -0.72 -33.44 -29.83
N ALA A 468 -0.58 -34.35 -28.86
CA ALA A 468 0.71 -34.63 -28.19
C ALA A 468 1.85 -34.93 -29.21
N GLN A 469 1.60 -35.81 -30.17
CA GLN A 469 2.38 -35.81 -31.43
C GLN A 469 1.62 -36.44 -32.61
N ALA B 26 -18.49 -37.91 23.69
CA ALA B 26 -17.46 -36.87 23.85
C ALA B 26 -16.76 -36.65 22.50
N LEU B 27 -16.00 -35.58 22.38
CA LEU B 27 -15.16 -35.33 21.19
C LEU B 27 -13.73 -35.56 21.64
N LYS B 28 -12.98 -36.29 20.84
CA LYS B 28 -11.60 -36.60 21.15
C LYS B 28 -10.78 -36.09 19.97
N LEU B 29 -9.83 -35.19 20.23
N LEU B 29 -9.81 -35.22 20.23
CA LEU B 29 -8.97 -34.66 19.19
CA LEU B 29 -8.97 -34.65 19.18
C LEU B 29 -7.55 -35.18 19.44
C LEU B 29 -7.52 -35.09 19.40
N TYR B 30 -6.98 -35.82 18.43
CA TYR B 30 -5.61 -36.36 18.50
C TYR B 30 -4.68 -35.38 17.81
N VAL B 31 -3.67 -34.89 18.52
CA VAL B 31 -2.87 -33.78 18.07
C VAL B 31 -1.40 -33.85 18.49
N SER B 32 -0.59 -33.01 17.87
CA SER B 32 0.67 -32.57 18.46
C SER B 32 0.57 -31.05 18.74
N ALA B 33 1.06 -30.60 19.89
CA ALA B 33 1.20 -29.13 20.15
C ALA B 33 2.22 -28.45 19.21
N THR B 34 3.01 -29.25 18.50
CA THR B 34 3.97 -28.75 17.50
C THR B 34 3.39 -28.47 16.09
N CYS B 35 2.12 -28.84 15.87
N CYS B 35 2.14 -28.86 15.87
CA CYS B 35 1.57 -28.95 14.53
CA CYS B 35 1.58 -28.99 14.52
C CYS B 35 0.63 -27.81 14.16
C CYS B 35 0.61 -27.84 14.17
N PRO B 36 0.92 -27.06 13.10
CA PRO B 36 0.08 -25.95 12.72
C PRO B 36 -1.31 -26.35 12.20
N PHE B 37 -1.39 -27.56 11.62
CA PHE B 37 -2.68 -28.10 11.17
C PHE B 37 -3.59 -28.38 12.34
N CYS B 38 -3.02 -28.94 13.41
N CYS B 38 -3.01 -28.93 13.40
CA CYS B 38 -3.74 -29.14 14.68
CA CYS B 38 -3.72 -29.15 14.66
C CYS B 38 -4.20 -27.81 15.27
C CYS B 38 -4.18 -27.83 15.28
N HIS B 39 -3.30 -26.82 15.24
CA HIS B 39 -3.63 -25.48 15.71
C HIS B 39 -4.88 -24.92 15.02
N ARG B 40 -5.08 -25.18 13.74
CA ARG B 40 -6.29 -24.70 13.07
C ARG B 40 -7.50 -25.16 13.87
N VAL B 41 -7.48 -26.43 14.29
CA VAL B 41 -8.68 -27.08 14.82
C VAL B 41 -8.89 -26.58 16.25
N GLU B 42 -7.78 -26.32 16.92
CA GLU B 42 -7.76 -25.82 18.31
C GLU B 42 -8.29 -24.39 18.36
N ILE B 43 -7.97 -23.60 17.33
CA ILE B 43 -8.52 -22.25 17.20
C ILE B 43 -10.04 -22.30 16.98
N VAL B 44 -10.51 -23.14 16.07
CA VAL B 44 -11.94 -23.21 15.80
C VAL B 44 -12.72 -23.65 17.04
N ALA B 45 -12.26 -24.68 17.72
CA ALA B 45 -12.88 -25.14 18.93
C ALA B 45 -13.16 -24.02 19.91
N ARG B 46 -12.17 -23.18 20.16
N ARG B 46 -12.17 -23.17 20.17
CA ARG B 46 -12.35 -22.04 21.08
CA ARG B 46 -12.38 -22.05 21.10
C ARG B 46 -13.29 -21.00 20.49
C ARG B 46 -13.28 -20.98 20.50
N GLU B 47 -13.15 -20.74 19.19
CA GLU B 47 -14.01 -19.75 18.53
C GLU B 47 -15.47 -20.16 18.72
N LYS B 48 -15.76 -21.46 18.61
CA LYS B 48 -17.12 -22.00 18.63
C LYS B 48 -17.58 -22.45 20.05
N GLN B 49 -16.68 -22.43 21.02
CA GLN B 49 -17.00 -22.91 22.37
C GLN B 49 -17.45 -24.37 22.29
N VAL B 50 -16.67 -25.16 21.58
CA VAL B 50 -16.87 -26.59 21.49
C VAL B 50 -15.77 -27.25 22.32
N SER B 51 -16.14 -28.10 23.26
CA SER B 51 -15.15 -28.80 24.12
C SER B 51 -14.67 -30.10 23.50
N TYR B 52 -13.48 -30.56 23.89
CA TYR B 52 -12.92 -31.81 23.37
C TYR B 52 -11.83 -32.32 24.31
N ASP B 53 -11.60 -33.62 24.27
CA ASP B 53 -10.55 -34.23 25.02
C ASP B 53 -9.31 -34.30 24.10
N ARG B 54 -8.19 -33.82 24.62
N ARG B 54 -8.20 -33.80 24.61
CA ARG B 54 -6.96 -33.76 23.87
CA ARG B 54 -6.93 -33.75 23.87
C ARG B 54 -6.19 -35.08 24.07
C ARG B 54 -6.17 -35.05 24.08
N VAL B 55 -5.73 -35.70 22.98
CA VAL B 55 -4.80 -36.85 23.08
C VAL B 55 -3.51 -36.51 22.33
N ALA B 56 -2.42 -36.46 23.07
CA ALA B 56 -1.11 -36.19 22.52
C ALA B 56 -0.71 -37.35 21.66
N VAL B 57 -0.08 -37.09 20.52
CA VAL B 57 0.39 -38.14 19.63
C VAL B 57 1.71 -37.72 19.04
N GLY B 58 2.69 -38.58 19.15
CA GLY B 58 4.01 -38.27 18.67
C GLY B 58 4.07 -38.19 17.16
N LEU B 59 5.06 -37.45 16.66
CA LEU B 59 5.24 -37.24 15.24
C LEU B 59 6.45 -37.99 14.70
N ARG B 60 6.45 -38.27 13.40
CA ARG B 60 7.61 -38.87 12.68
C ARG B 60 8.06 -40.21 13.30
N GLU B 61 9.28 -40.32 13.83
CA GLU B 61 9.76 -41.56 14.48
C GLU B 61 8.99 -41.88 15.78
N GLU B 62 8.44 -40.87 16.46
N GLU B 62 8.48 -40.84 16.45
CA GLU B 62 7.72 -41.09 17.72
CA GLU B 62 7.71 -40.96 17.70
C GLU B 62 6.24 -41.36 17.48
C GLU B 62 6.31 -41.54 17.46
N PRO B 64 3.18 -43.52 17.09
CA PRO B 64 2.92 -44.92 17.45
C PRO B 64 2.08 -45.68 16.44
N GLN B 65 2.31 -46.97 16.40
CA GLN B 65 1.63 -47.84 15.45
C GLN B 65 0.11 -47.78 15.62
N TRP B 66 -0.38 -47.84 16.85
CA TRP B 66 -1.83 -47.79 17.09
C TRP B 66 -2.46 -46.56 16.48
N TYR B 67 -1.73 -45.47 16.43
CA TYR B 67 -2.27 -44.26 15.82
C TYR B 67 -2.33 -44.39 14.30
N LYS B 68 -1.35 -45.06 13.72
CA LYS B 68 -1.37 -45.29 12.29
C LYS B 68 -2.55 -46.18 11.87
N GLN B 69 -3.04 -47.00 12.79
CA GLN B 69 -4.21 -47.83 12.55
C GLN B 69 -5.51 -47.03 12.62
N ILE B 70 -5.53 -45.95 13.41
CA ILE B 70 -6.65 -45.02 13.43
C ILE B 70 -6.66 -44.13 12.18
N ASN B 71 -5.52 -43.56 11.84
CA ASN B 71 -5.38 -42.72 10.66
C ASN B 71 -4.26 -43.19 9.73
N PRO B 72 -4.60 -44.00 8.72
CA PRO B 72 -3.58 -44.57 7.84
C PRO B 72 -2.82 -43.55 7.00
N ARG B 73 -3.26 -42.30 6.95
CA ARG B 73 -2.48 -41.28 6.26
C ARG B 73 -1.34 -40.82 7.16
N GLU B 74 -1.36 -41.27 8.43
CA GLU B 74 -0.25 -41.09 9.36
C GLU B 74 0.07 -39.63 9.60
N THR B 75 -0.98 -38.81 9.69
CA THR B 75 -0.85 -37.38 10.04
C THR B 75 -1.77 -37.05 11.23
N VAL B 76 -1.47 -35.96 11.91
CA VAL B 76 -2.39 -35.30 12.87
C VAL B 76 -2.89 -34.01 12.21
N PRO B 77 -4.13 -33.58 12.53
CA PRO B 77 -5.04 -34.14 13.53
C PRO B 77 -5.97 -35.22 13.01
N THR B 78 -6.56 -35.96 13.95
CA THR B 78 -7.72 -36.79 13.71
C THR B 78 -8.73 -36.41 14.80
N LEU B 79 -10.01 -36.45 14.47
CA LEU B 79 -11.07 -36.30 15.45
C LEU B 79 -11.85 -37.61 15.60
N GLU B 80 -12.18 -37.97 16.84
CA GLU B 80 -12.99 -39.18 17.14
C GLU B 80 -14.31 -38.69 17.72
N VAL B 81 -15.44 -39.14 17.17
CA VAL B 81 -16.76 -38.67 17.55
C VAL B 81 -17.56 -39.82 18.17
N GLY B 82 -18.17 -39.60 19.34
CA GLY B 82 -19.04 -40.59 20.00
C GLY B 82 -18.31 -41.64 20.84
N ASN B 83 -18.82 -41.92 22.04
CA ASN B 83 -18.20 -42.91 22.93
C ASN B 83 -18.51 -44.36 22.50
N ALA B 84 -19.79 -44.70 22.36
CA ALA B 84 -20.20 -46.08 22.04
C ALA B 84 -19.77 -46.49 20.64
N ASP B 85 -20.39 -45.93 19.60
CA ASP B 85 -20.04 -46.26 18.21
C ASP B 85 -19.08 -45.23 17.61
N LYS B 86 -17.79 -45.39 17.91
CA LYS B 86 -16.80 -44.35 17.66
C LYS B 86 -16.31 -44.31 16.20
N ARG B 87 -16.50 -43.15 15.56
CA ARG B 87 -16.05 -42.94 14.20
C ARG B 87 -15.02 -41.81 14.12
N PHE B 88 -14.23 -41.78 13.06
CA PHE B 88 -13.10 -40.90 12.94
C PHE B 88 -13.32 -39.92 11.82
N PHE B 90 -11.08 -37.08 9.44
CA PHE B 90 -9.74 -36.80 8.98
C PHE B 90 -9.65 -35.40 8.41
N GLU B 91 -8.41 -34.91 8.34
CA GLU B 91 -8.02 -33.66 7.69
C GLU B 91 -8.43 -32.42 8.48
N SER B 92 -7.46 -31.55 8.76
CA SER B 92 -7.70 -30.40 9.60
C SER B 92 -8.83 -29.49 9.08
N LEU B 94 -11.49 -30.36 7.28
CA LEU B 94 -12.80 -31.00 7.34
C LEU B 94 -13.25 -31.05 8.79
N ILE B 95 -12.28 -31.25 9.68
CA ILE B 95 -12.52 -31.27 11.12
C ILE B 95 -12.88 -29.88 11.64
N ALA B 96 -12.10 -28.87 11.24
CA ALA B 96 -12.42 -27.49 11.51
C ALA B 96 -13.85 -27.19 11.09
N GLN B 97 -14.22 -27.59 9.88
CA GLN B 97 -15.61 -27.41 9.38
C GLN B 97 -16.65 -28.18 10.16
N TYR B 98 -16.32 -29.39 10.61
CA TYR B 98 -17.24 -30.14 11.46
C TYR B 98 -17.51 -29.36 12.76
N LEU B 99 -16.45 -28.81 13.38
CA LEU B 99 -16.58 -28.06 14.62
C LEU B 99 -17.37 -26.79 14.37
N ASP B 100 -17.05 -26.06 13.30
CA ASP B 100 -17.82 -24.86 12.95
C ASP B 100 -19.31 -25.19 12.74
N ASN B 101 -19.59 -26.34 12.10
CA ASN B 101 -20.98 -26.77 11.88
C ASN B 101 -21.66 -27.33 13.13
N SER B 102 -20.91 -27.48 14.21
CA SER B 102 -21.43 -28.06 15.44
C SER B 102 -21.63 -27.08 16.61
N GLY B 103 -21.17 -25.85 16.44
CA GLY B 103 -21.42 -24.79 17.43
C GLY B 103 -22.14 -23.62 16.79
N ALA B 104 -22.99 -22.98 17.57
CA ALA B 104 -23.79 -21.86 17.12
C ALA B 104 -22.93 -20.57 16.89
N PRO B 105 -23.25 -19.78 15.84
CA PRO B 105 -24.17 -20.19 14.78
C PRO B 105 -23.50 -21.24 13.85
N ALA B 106 -24.23 -22.28 13.53
CA ALA B 106 -23.67 -23.40 12.80
C ALA B 106 -23.20 -22.89 11.46
N GLY B 107 -21.92 -23.09 11.15
CA GLY B 107 -21.38 -22.70 9.84
C GLY B 107 -20.89 -21.27 9.63
N ALA B 108 -21.06 -20.42 10.63
CA ALA B 108 -20.74 -19.00 10.52
C ALA B 108 -19.32 -18.76 10.05
N LEU B 109 -18.35 -19.53 10.51
CA LEU B 109 -16.95 -19.30 10.12
C LEU B 109 -16.72 -19.46 8.63
N GLY B 111 -18.81 -18.33 6.39
CA GLY B 111 -19.46 -17.16 5.73
C GLY B 111 -20.98 -17.08 5.87
N SER B 112 -21.50 -15.89 5.63
CA SER B 112 -22.91 -15.59 5.92
C SER B 112 -23.73 -15.47 4.67
N SER B 113 -23.10 -15.58 3.50
CA SER B 113 -23.83 -15.54 2.24
C SER B 113 -23.17 -16.51 1.32
N ALA B 114 -23.84 -16.88 0.25
CA ALA B 114 -23.23 -17.74 -0.74
C ALA B 114 -22.03 -17.04 -1.39
N ALA B 115 -22.14 -15.74 -1.70
CA ALA B 115 -20.97 -14.97 -2.24
C ALA B 115 -19.79 -14.97 -1.28
N GLN B 116 -20.03 -14.64 0.00
CA GLN B 116 -18.93 -14.56 0.92
C GLN B 116 -18.30 -15.94 1.14
N ARG B 117 -19.15 -16.96 1.24
CA ARG B 117 -18.68 -18.33 1.40
C ARG B 117 -17.83 -18.76 0.21
N HIS B 118 -18.21 -18.35 -0.98
CA HIS B 118 -17.43 -18.74 -2.13
C HIS B 118 -16.06 -18.11 -2.05
N GLN B 119 -15.97 -16.89 -1.51
CA GLN B 119 -14.70 -16.23 -1.49
C GLN B 119 -13.77 -16.84 -0.41
N ILE B 120 -14.34 -17.24 0.72
CA ILE B 120 -13.66 -18.01 1.73
C ILE B 120 -13.19 -19.36 1.12
N GLU B 121 -14.06 -20.07 0.42
CA GLU B 121 -13.67 -21.34 -0.22
C GLU B 121 -12.51 -21.16 -1.20
N PHE B 122 -12.57 -20.14 -2.04
CA PHE B 122 -11.58 -19.97 -3.05
C PHE B 122 -10.25 -19.64 -2.37
N PHE B 123 -10.28 -18.76 -1.39
CA PHE B 123 -9.08 -18.49 -0.61
C PHE B 123 -8.48 -19.76 -0.01
N LEU B 124 -9.33 -20.58 0.62
CA LEU B 124 -8.85 -21.80 1.27
C LEU B 124 -8.15 -22.72 0.24
N ALA B 125 -8.65 -22.76 -0.98
CA ALA B 125 -8.05 -23.58 -2.04
C ALA B 125 -6.68 -23.07 -2.51
N GLN B 126 -6.26 -21.87 -2.05
CA GLN B 126 -4.91 -21.32 -2.34
C GLN B 126 -3.89 -21.45 -1.21
N VAL B 127 -4.34 -21.75 0.00
CA VAL B 127 -3.43 -21.66 1.15
C VAL B 127 -2.32 -22.72 1.05
N GLY B 128 -2.64 -23.89 0.50
CA GLY B 128 -1.66 -24.99 0.30
C GLY B 128 -0.42 -24.64 -0.54
N ASP B 129 -0.56 -23.78 -1.54
CA ASP B 129 0.59 -23.33 -2.32
C ASP B 129 1.51 -22.42 -1.46
N PHE B 130 0.89 -21.55 -0.66
CA PHE B 130 1.63 -20.71 0.27
C PHE B 130 2.39 -21.56 1.26
N ILE B 131 1.70 -22.52 1.85
CA ILE B 131 2.38 -23.44 2.75
C ILE B 131 3.54 -24.16 2.08
N GLY B 132 3.31 -24.65 0.87
CA GLY B 132 4.32 -25.43 0.17
C GLY B 132 5.53 -24.56 -0.12
N ALA B 133 5.30 -23.28 -0.44
CA ALA B 133 6.38 -22.35 -0.72
C ALA B 133 7.26 -22.05 0.52
N ALA B 134 6.61 -21.96 1.68
CA ALA B 134 7.26 -21.62 2.95
C ALA B 134 8.03 -22.79 3.46
N HIS B 135 7.44 -23.97 3.38
CA HIS B 135 8.15 -25.18 3.78
C HIS B 135 9.31 -25.49 2.80
N GLY B 136 9.12 -25.14 1.52
CA GLY B 136 10.16 -25.33 0.51
C GLY B 136 11.37 -24.44 0.80
N LEU B 137 11.11 -23.23 1.32
CA LEU B 137 12.17 -22.31 1.65
C LEU B 137 12.88 -22.86 2.88
N LEU B 138 12.12 -23.29 3.88
CA LEU B 138 12.72 -23.94 5.07
C LEU B 138 13.60 -25.16 4.74
N ARG B 139 13.22 -25.93 3.73
N ARG B 139 13.21 -25.93 3.72
CA ARG B 139 13.98 -27.11 3.30
CA ARG B 139 13.96 -27.10 3.27
C ARG B 139 15.24 -26.75 2.51
C ARG B 139 15.24 -26.74 2.51
N ASP B 140 15.33 -25.51 2.02
CA ASP B 140 16.51 -25.04 1.26
C ASP B 140 16.69 -23.52 1.52
N PRO B 141 17.06 -23.14 2.75
CA PRO B 141 16.83 -21.77 3.19
C PRO B 141 17.74 -20.68 2.60
N LEU B 142 18.83 -21.08 1.98
CA LEU B 142 19.73 -20.14 1.34
C LEU B 142 19.65 -20.24 -0.18
N SER B 143 18.65 -20.93 -0.70
CA SER B 143 18.37 -20.90 -2.13
C SER B 143 17.72 -19.58 -2.52
N GLY B 144 18.33 -18.91 -3.50
CA GLY B 144 17.75 -17.74 -4.12
C GLY B 144 16.41 -18.04 -4.77
N GLU B 145 16.36 -19.12 -5.54
N GLU B 145 16.37 -19.14 -5.53
CA GLU B 145 15.15 -19.48 -6.27
CA GLU B 145 15.18 -19.53 -6.28
C GLU B 145 13.99 -19.87 -5.36
C GLU B 145 14.00 -19.85 -5.36
N LYS B 146 14.28 -20.41 -4.18
CA LYS B 146 13.25 -20.76 -3.20
C LYS B 146 12.83 -19.48 -2.47
N ARG B 147 13.77 -18.55 -2.27
CA ARG B 147 13.46 -17.23 -1.77
C ARG B 147 12.51 -16.46 -2.70
N LYS B 148 12.76 -16.47 -4.01
N LYS B 148 12.78 -16.49 -4.00
CA LYS B 148 11.89 -15.76 -4.97
CA LYS B 148 11.94 -15.82 -5.00
C LYS B 148 10.50 -16.41 -5.03
C LYS B 148 10.53 -16.41 -5.05
N ALA B 149 10.44 -17.74 -4.98
CA ALA B 149 9.14 -18.42 -4.93
C ALA B 149 8.31 -18.00 -3.69
N ASP B 151 8.64 -15.09 -2.06
CA ASP B 151 8.27 -13.71 -2.38
C ASP B 151 6.99 -13.69 -3.18
N ASP B 152 7.00 -14.43 -4.29
CA ASP B 152 5.93 -14.46 -5.23
C ASP B 152 4.66 -14.99 -4.63
N ASN B 153 4.76 -16.09 -3.89
CA ASN B 153 3.57 -16.63 -3.22
C ASN B 153 3.01 -15.75 -2.13
N ALA B 154 3.87 -15.05 -1.37
CA ALA B 154 3.42 -14.14 -0.35
C ALA B 154 2.69 -12.98 -1.02
N ALA B 155 3.25 -12.48 -2.13
CA ALA B 155 2.64 -11.39 -2.85
C ALA B 155 1.30 -11.82 -3.37
N TYR B 156 1.24 -13.01 -3.95
CA TYR B 156 0.02 -13.58 -4.51
C TYR B 156 -1.10 -13.57 -3.45
N VAL B 157 -0.77 -14.01 -2.25
CA VAL B 157 -1.73 -14.07 -1.17
C VAL B 157 -2.14 -12.67 -0.75
N ASP B 158 -1.22 -11.74 -0.78
CA ASP B 158 -1.60 -10.38 -0.47
C ASP B 158 -2.59 -9.82 -1.50
N GLY B 159 -2.39 -10.16 -2.75
CA GLY B 159 -3.34 -9.79 -3.80
C GLY B 159 -4.75 -10.37 -3.55
N LEU B 160 -4.82 -11.60 -3.04
CA LEU B 160 -6.15 -12.20 -2.72
C LEU B 160 -6.80 -11.44 -1.59
N LEU B 161 -6.01 -11.04 -0.59
CA LEU B 161 -6.57 -10.29 0.52
C LEU B 161 -7.09 -8.92 0.01
N ALA B 162 -6.31 -8.23 -0.81
CA ALA B 162 -6.67 -6.90 -1.27
C ALA B 162 -7.91 -6.97 -2.15
N ALA B 163 -8.01 -8.03 -2.94
CA ALA B 163 -9.16 -8.23 -3.81
C ALA B 163 -10.46 -8.49 -3.02
N ASN B 164 -10.36 -9.04 -1.83
CA ASN B 164 -11.54 -9.31 -1.03
C ASN B 164 -11.81 -8.25 0.04
N GLN B 165 -10.80 -7.50 0.43
CA GLN B 165 -10.89 -6.60 1.59
C GLN B 165 -11.39 -5.24 1.19
N THR B 166 -11.98 -4.55 2.14
CA THR B 166 -12.13 -3.09 2.08
C THR B 166 -11.21 -2.52 3.16
N THR B 167 -11.42 -2.91 4.40
CA THR B 167 -10.71 -2.33 5.54
C THR B 167 -9.63 -3.24 6.10
N GLY B 168 -9.90 -4.54 6.10
CA GLY B 168 -9.07 -5.50 6.82
C GLY B 168 -9.61 -5.44 8.24
N PRO B 169 -8.93 -6.08 9.19
CA PRO B 169 -7.65 -6.73 8.97
C PRO B 169 -7.74 -8.19 8.49
N TYR B 170 -8.92 -8.79 8.64
CA TYR B 170 -9.10 -10.19 8.24
C TYR B 170 -9.44 -10.29 6.75
N TYR B 171 -9.57 -11.51 6.27
CA TYR B 171 -9.93 -11.70 4.88
C TYR B 171 -11.31 -11.11 4.61
N CYS B 172 -12.25 -11.28 5.54
CA CYS B 172 -13.55 -10.61 5.44
C CYS B 172 -13.62 -9.40 6.39
N ASP B 173 -12.54 -8.61 6.37
CA ASP B 173 -12.52 -7.30 7.02
C ASP B 173 -12.49 -7.42 8.56
N GLY B 174 -13.54 -6.98 9.26
CA GLY B 174 -13.65 -7.17 10.73
C GLY B 174 -14.19 -8.54 11.20
N GLU B 175 -14.70 -9.35 10.30
N GLU B 175 -14.68 -9.37 10.28
CA GLU B 175 -15.19 -10.66 10.67
CA GLU B 175 -15.21 -10.69 10.59
C GLU B 175 -14.06 -11.68 10.50
C GLU B 175 -14.08 -11.72 10.48
N PHE B 176 -13.76 -12.40 11.59
CA PHE B 176 -12.77 -13.46 11.58
C PHE B 176 -13.44 -14.70 11.00
N THR B 177 -12.88 -15.24 9.91
CA THR B 177 -13.47 -16.43 9.29
C THR B 177 -12.45 -17.56 9.15
N ALA B 179 -11.00 -18.60 6.46
CA ALA B 179 -9.91 -18.12 5.67
C ALA B 179 -8.70 -17.75 6.55
N ASP B 180 -8.98 -17.03 7.66
CA ASP B 180 -7.93 -16.59 8.53
C ASP B 180 -7.38 -17.74 9.38
N VAL B 181 -8.27 -18.58 9.86
CA VAL B 181 -7.89 -19.74 10.68
C VAL B 181 -6.96 -20.66 9.89
N ALA B 182 -7.24 -20.88 8.61
CA ALA B 182 -6.44 -21.81 7.82
C ALA B 182 -4.97 -21.35 7.73
N LEU B 183 -4.76 -20.04 7.72
CA LEU B 183 -3.45 -19.49 7.42
C LEU B 183 -2.64 -19.10 8.67
N VAL B 184 -3.33 -18.58 9.67
CA VAL B 184 -2.71 -17.98 10.83
C VAL B 184 -1.70 -18.92 11.54
N PRO B 185 -2.08 -20.18 11.81
CA PRO B 185 -1.09 -21.05 12.47
C PRO B 185 0.26 -21.05 11.75
N PHE B 186 0.26 -20.90 10.42
CA PHE B 186 1.51 -20.88 9.66
C PHE B 186 2.21 -19.54 9.79
N LEU B 187 1.43 -18.45 9.78
CA LEU B 187 2.04 -17.14 9.98
C LEU B 187 2.76 -17.07 11.32
N VAL B 188 2.10 -17.55 12.37
CA VAL B 188 2.69 -17.55 13.73
C VAL B 188 4.05 -18.26 13.79
N ARG B 189 4.12 -19.45 13.21
N ARG B 189 4.12 -19.45 13.21
CA ARG B 189 5.35 -20.20 13.25
CA ARG B 189 5.35 -20.21 13.25
C ARG B 189 6.41 -19.69 12.27
C ARG B 189 6.41 -19.69 12.28
N LEU B 190 5.99 -19.25 11.09
CA LEU B 190 6.94 -18.82 10.04
C LEU B 190 7.65 -17.50 10.33
N LYS B 191 7.04 -16.62 11.13
CA LYS B 191 7.62 -15.34 11.35
C LYS B 191 8.99 -15.53 11.99
N PRO B 192 9.06 -16.13 13.20
CA PRO B 192 10.37 -16.45 13.76
C PRO B 192 11.16 -17.53 13.00
N ALA B 193 10.52 -18.60 12.53
CA ALA B 193 11.26 -19.65 11.88
C ALA B 193 12.01 -19.19 10.62
N LEU B 194 11.35 -18.47 9.73
CA LEU B 194 11.98 -18.00 8.49
C LEU B 194 13.07 -16.93 8.70
N TYR B 196 15.00 -16.87 11.58
CA TYR B 196 16.08 -17.63 12.19
C TYR B 196 16.84 -18.51 11.20
N TYR B 197 16.10 -19.21 10.35
CA TYR B 197 16.71 -20.19 9.44
C TYR B 197 17.09 -19.61 8.06
N ALA B 198 16.46 -18.51 7.61
CA ALA B 198 16.75 -17.98 6.28
C ALA B 198 16.89 -16.44 6.20
N GLY B 199 16.86 -15.78 7.33
CA GLY B 199 16.97 -14.33 7.35
C GLY B 199 15.84 -13.65 6.62
N TYR B 200 14.74 -14.40 6.47
CA TYR B 200 13.62 -13.94 5.67
C TYR B 200 12.54 -13.40 6.59
N ASP B 201 12.00 -12.24 6.24
CA ASP B 201 10.81 -11.69 6.86
C ASP B 201 9.55 -12.18 6.10
N VAL B 202 8.80 -13.09 6.68
CA VAL B 202 7.63 -13.67 6.04
C VAL B 202 6.68 -12.64 5.41
N PHE B 203 6.61 -11.46 6.02
CA PHE B 203 5.75 -10.33 5.56
C PHE B 203 6.31 -9.27 4.59
N CYS B 204 7.57 -9.41 4.15
CA CYS B 204 8.20 -8.35 3.35
C CYS B 204 7.46 -8.05 2.07
N LYS B 205 6.81 -9.06 1.48
CA LYS B 205 5.95 -8.84 0.31
C LYS B 205 4.46 -8.90 0.61
N ALA B 206 4.07 -8.87 1.87
CA ALA B 206 2.69 -9.10 2.25
C ALA B 206 2.26 -8.30 3.48
N PRO B 207 2.13 -6.97 3.32
CA PRO B 207 1.70 -6.12 4.42
C PRO B 207 0.28 -6.45 4.90
N ARG B 208 -0.61 -6.83 4.00
CA ARG B 208 -1.97 -7.17 4.39
C ARG B 208 -1.97 -8.46 5.23
N LYS B 210 0.45 -9.44 7.08
CA LYS B 210 0.95 -9.02 8.40
C LYS B 210 -0.18 -8.43 9.26
N ALA B 211 -1.06 -7.62 8.71
CA ALA B 211 -2.10 -6.99 9.57
C ALA B 211 -3.12 -8.04 9.96
N LEU B 212 -3.29 -9.05 9.11
CA LEU B 212 -4.18 -10.16 9.38
C LEU B 212 -3.60 -10.97 10.55
N TRP B 213 -2.32 -11.35 10.45
CA TRP B 213 -1.62 -12.05 11.51
C TRP B 213 -1.65 -11.24 12.81
N ALA B 214 -1.35 -9.95 12.73
CA ALA B 214 -1.28 -9.10 13.95
C ALA B 214 -2.58 -9.04 14.70
N ALA B 215 -3.70 -8.96 13.99
CA ALA B 215 -4.98 -8.89 14.67
C ALA B 215 -5.37 -10.31 15.15
N ALA B 216 -5.18 -11.34 14.32
CA ALA B 216 -5.45 -12.72 14.75
C ALA B 216 -4.69 -13.07 16.04
N ALA B 217 -3.43 -12.65 16.15
CA ALA B 217 -2.63 -12.98 17.34
C ALA B 217 -3.09 -12.37 18.68
N GLN B 218 -3.97 -11.37 18.62
N GLN B 218 -3.97 -11.38 18.65
CA GLN B 218 -4.57 -10.80 19.83
CA GLN B 218 -4.53 -10.84 19.89
C GLN B 218 -5.80 -11.59 20.28
C GLN B 218 -5.88 -11.49 20.24
N ARG B 219 -6.39 -12.38 19.39
CA ARG B 219 -7.63 -13.12 19.74
C ARG B 219 -7.31 -14.23 20.75
N ALA B 220 -8.10 -14.31 21.84
CA ALA B 220 -7.89 -15.34 22.84
C ALA B 220 -7.70 -16.72 22.17
N SER B 221 -8.50 -17.02 21.16
CA SER B 221 -8.47 -18.34 20.55
C SER B 221 -7.10 -18.62 19.92
N VAL B 222 -6.40 -17.57 19.49
CA VAL B 222 -5.08 -17.75 18.87
C VAL B 222 -3.93 -17.69 19.89
N ARG B 223 -3.94 -16.68 20.76
N ARG B 223 -3.96 -16.67 20.75
CA ARG B 223 -2.82 -16.48 21.68
CA ARG B 223 -2.89 -16.44 21.72
C ARG B 223 -2.72 -17.58 22.74
C ARG B 223 -2.73 -17.61 22.68
N GLU B 224 -3.85 -18.16 23.13
CA GLU B 224 -3.86 -19.18 24.18
C GLU B 224 -3.52 -20.56 23.65
N THR B 225 -3.43 -20.70 22.33
CA THR B 225 -3.08 -21.97 21.70
C THR B 225 -1.76 -21.86 20.91
N SER B 226 -1.11 -20.70 20.91
CA SER B 226 0.09 -20.54 20.08
C SER B 226 1.34 -20.99 20.86
N PRO B 227 2.30 -21.57 20.15
CA PRO B 227 3.57 -21.90 20.77
C PRO B 227 4.45 -20.66 20.89
N THR B 228 5.49 -20.73 21.69
CA THR B 228 6.42 -19.64 21.79
C THR B 228 7.26 -19.57 20.51
N ALA B 229 7.88 -18.42 20.31
CA ALA B 229 8.77 -18.21 19.19
C ALA B 229 9.90 -19.26 19.15
N ALA B 230 10.52 -19.55 20.30
CA ALA B 230 11.52 -20.62 20.41
C ALA B 230 10.93 -21.96 20.02
N GLN B 231 9.71 -22.23 20.44
CA GLN B 231 9.06 -23.48 20.03
C GLN B 231 8.79 -23.52 18.51
N CYS B 232 8.40 -22.38 17.93
CA CYS B 232 8.20 -22.38 16.48
C CYS B 232 9.49 -22.71 15.71
N ILE B 233 10.64 -22.26 16.23
CA ILE B 233 11.92 -22.51 15.57
C ILE B 233 12.25 -23.99 15.72
N GLU B 234 12.22 -24.47 16.96
CA GLU B 234 12.46 -25.89 17.26
C GLU B 234 11.50 -26.80 16.48
N ASN B 235 10.24 -26.46 16.41
CA ASN B 235 9.27 -27.39 15.83
C ASN B 235 9.43 -27.50 14.33
N TYR B 236 10.15 -26.57 13.72
CA TYR B 236 10.48 -26.63 12.29
C TYR B 236 11.93 -27.13 11.98
N ARG B 237 12.74 -27.41 12.99
CA ARG B 237 14.13 -27.83 12.80
C ARG B 237 14.27 -29.00 11.83
N HIS B 238 13.30 -29.92 11.88
CA HIS B 238 13.35 -31.17 11.11
C HIS B 238 13.32 -30.97 9.59
N LEU B 239 12.77 -29.86 9.12
CA LEU B 239 12.78 -29.53 7.68
C LEU B 239 14.13 -28.97 7.18
N VAL B 240 14.86 -28.25 8.05
CA VAL B 240 16.07 -27.49 7.63
C VAL B 240 17.28 -28.42 7.40
N PRO B 241 18.06 -28.17 6.31
CA PRO B 241 19.18 -29.06 6.09
C PRO B 241 20.19 -28.96 7.20
N GLU B 242 20.88 -30.06 7.45
CA GLU B 242 21.82 -30.20 8.54
C GLU B 242 23.01 -29.24 8.38
N SER B 243 23.37 -28.97 7.12
CA SER B 243 24.50 -28.09 6.80
C SER B 243 24.19 -26.58 6.88
N ALA B 244 22.94 -26.19 7.08
CA ALA B 244 22.62 -24.77 7.22
C ALA B 244 23.41 -24.15 8.39
N PRO B 245 23.95 -22.93 8.19
CA PRO B 245 24.98 -22.39 9.12
C PRO B 245 24.56 -22.26 10.59
N GLY B 248 24.17 -25.77 14.18
CA GLY B 248 24.98 -26.04 15.36
C GLY B 248 24.56 -25.25 16.58
N ALA B 249 23.71 -24.23 16.42
CA ALA B 249 23.31 -23.39 17.56
C ALA B 249 22.26 -24.04 18.44
N ASN B 250 21.64 -25.11 17.96
CA ASN B 250 20.53 -25.76 18.67
C ASN B 250 19.50 -24.74 19.20
N GLY B 251 19.13 -23.80 18.35
CA GLY B 251 18.17 -22.75 18.72
C GLY B 251 18.69 -21.59 19.55
N GLY B 252 19.99 -21.60 19.89
CA GLY B 252 20.60 -20.51 20.66
C GLY B 252 20.92 -19.26 19.87
N HIS B 253 21.43 -18.22 20.53
CA HIS B 253 21.92 -17.04 19.83
C HIS B 253 22.98 -17.45 18.80
N VAL B 254 22.96 -16.81 17.63
CA VAL B 254 23.91 -17.13 16.55
C VAL B 254 24.61 -15.87 16.13
N LEU B 255 25.92 -15.84 16.16
CA LEU B 255 26.65 -14.66 15.79
C LEU B 255 27.39 -14.95 14.51
N TYR B 256 26.98 -14.29 13.42
CA TYR B 256 27.74 -14.36 12.17
C TYR B 256 28.99 -13.48 12.30
N SER B 257 30.15 -14.01 11.92
CA SER B 257 31.42 -13.54 12.47
C SER B 257 32.61 -13.65 11.52
N ASN B 258 33.73 -13.05 11.91
CA ASN B 258 34.99 -13.25 11.20
C ASN B 258 36.14 -12.99 12.15
N LEU B 259 37.17 -13.86 12.15
CA LEU B 259 38.25 -13.83 13.15
C LEU B 259 39.14 -12.57 13.07
N PHE B 260 39.05 -11.85 11.95
CA PHE B 260 39.90 -10.72 11.71
C PHE B 260 39.20 -9.34 11.78
N CYS B 261 37.88 -9.33 11.88
CA CYS B 261 37.11 -8.09 11.77
C CYS B 261 36.97 -7.35 13.11
N PRO B 262 37.50 -6.12 13.20
CA PRO B 262 37.38 -5.38 14.46
C PRO B 262 35.94 -5.08 14.92
N PHE B 263 34.98 -5.04 14.00
CA PHE B 263 33.59 -4.81 14.39
C PHE B 263 33.00 -5.98 15.09
N VAL B 264 33.30 -7.16 14.60
CA VAL B 264 32.90 -8.41 15.24
C VAL B 264 33.53 -8.49 16.63
N ASP B 265 34.80 -8.11 16.72
CA ASP B 265 35.56 -8.07 17.99
C ASP B 265 34.79 -7.43 19.14
N ARG B 266 34.03 -6.39 18.84
CA ARG B 266 33.24 -5.71 19.87
C ARG B 266 32.20 -6.68 20.45
N ALA B 267 31.55 -7.40 19.54
CA ALA B 267 30.47 -8.26 19.92
C ALA B 267 31.06 -9.38 20.77
N ARG B 268 32.21 -9.90 20.34
CA ARG B 268 32.79 -11.03 21.02
C ARG B 268 33.39 -10.55 22.33
N LEU B 269 33.94 -9.34 22.36
CA LEU B 269 34.33 -8.76 23.65
C LEU B 269 33.14 -8.68 24.61
N ALA B 270 32.02 -8.13 24.15
CA ALA B 270 30.82 -8.02 25.00
C ALA B 270 30.44 -9.38 25.53
N SER B 271 30.45 -10.35 24.63
CA SER B 271 30.06 -11.71 24.94
C SER B 271 30.96 -12.33 26.01
N GLU B 272 32.27 -12.24 25.82
CA GLU B 272 33.21 -12.71 26.83
C GLU B 272 33.01 -11.95 28.16
N LEU B 273 32.92 -10.64 28.11
CA LEU B 273 32.74 -9.84 29.33
C LEU B 273 31.43 -10.12 30.06
N ARG B 274 30.36 -10.50 29.35
CA ARG B 274 29.08 -10.74 30.02
C ARG B 274 28.68 -12.24 30.06
N LYS B 275 29.66 -13.12 29.84
CA LYS B 275 29.45 -14.58 29.85
C LYS B 275 28.19 -14.96 29.08
N PHE B 276 28.13 -14.45 27.86
CA PHE B 276 26.96 -14.59 27.01
C PHE B 276 27.22 -15.65 25.92
N GLN B 277 26.61 -16.82 26.06
CA GLN B 277 26.83 -17.92 25.10
C GLN B 277 26.22 -17.56 23.73
N HIS B 279 26.59 -19.05 19.36
CA HIS B 279 27.22 -19.96 18.38
C HIS B 279 27.87 -19.14 17.25
N ILE B 280 29.19 -19.28 17.09
CA ILE B 280 29.99 -18.48 16.13
C ILE B 280 29.94 -19.16 14.73
N VAL B 281 29.48 -18.43 13.72
CA VAL B 281 29.51 -18.87 12.32
C VAL B 281 30.58 -18.05 11.59
N GLU B 282 31.65 -18.70 11.19
CA GLU B 282 32.73 -18.01 10.49
C GLU B 282 32.32 -17.75 9.03
N VAL B 283 32.12 -16.47 8.70
CA VAL B 283 31.79 -16.07 7.34
C VAL B 283 33.04 -15.51 6.66
N PRO B 284 33.55 -16.17 5.61
CA PRO B 284 34.70 -15.52 4.96
C PRO B 284 34.25 -14.22 4.26
N LEU B 285 35.24 -13.35 4.00
CA LEU B 285 35.01 -12.02 3.41
C LEU B 285 35.83 -11.82 2.12
N HIS B 286 35.38 -10.90 1.28
CA HIS B 286 36.04 -10.57 0.00
C HIS B 286 36.72 -11.79 -0.61
N PRO B 287 35.94 -12.79 -1.06
CA PRO B 287 34.48 -12.83 -1.24
C PRO B 287 33.69 -13.41 -0.07
N GLN B 288 32.56 -12.80 0.26
CA GLN B 288 31.63 -13.44 1.21
C GLN B 288 30.73 -14.39 0.43
N PRO B 289 30.19 -15.40 1.09
CA PRO B 289 29.34 -16.32 0.32
C PRO B 289 28.11 -15.61 -0.26
N GLU B 290 27.67 -16.12 -1.42
N GLU B 290 27.64 -16.10 -1.40
CA GLU B 290 26.49 -15.62 -2.13
CA GLU B 290 26.50 -15.50 -2.11
C GLU B 290 25.25 -15.54 -1.24
C GLU B 290 25.25 -15.50 -1.22
N TRP B 291 25.20 -16.40 -0.22
CA TRP B 291 24.04 -16.46 0.69
C TRP B 291 24.05 -15.47 1.86
N TYR B 292 25.21 -14.93 2.23
CA TYR B 292 25.27 -14.09 3.45
C TYR B 292 24.38 -12.86 3.34
N LYS B 293 24.21 -12.34 2.12
CA LYS B 293 23.27 -11.23 1.89
C LYS B 293 21.85 -11.53 2.34
N TYR B 294 21.46 -12.81 2.42
CA TYR B 294 20.12 -13.13 2.98
C TYR B 294 20.11 -12.99 4.52
N ILE B 295 21.27 -13.20 5.13
CA ILE B 295 21.36 -13.08 6.58
C ILE B 295 21.42 -11.60 6.99
N ASN B 296 22.28 -10.84 6.31
CA ASN B 296 22.32 -9.39 6.47
C ASN B 296 22.34 -8.72 5.10
N PRO B 297 21.28 -7.98 4.76
CA PRO B 297 21.30 -7.34 3.45
C PRO B 297 22.41 -6.33 3.29
N ARG B 298 23.02 -5.87 4.37
CA ARG B 298 24.17 -4.97 4.25
C ARG B 298 25.49 -5.70 3.95
N ASP B 299 25.44 -7.03 3.90
N ASP B 299 25.49 -7.03 3.85
CA ASP B 299 26.59 -7.91 3.60
CA ASP B 299 26.70 -7.79 3.50
C ASP B 299 27.79 -7.67 4.51
C ASP B 299 27.82 -7.73 4.54
N THR B 300 27.53 -7.25 5.75
CA THR B 300 28.57 -7.09 6.77
C THR B 300 28.38 -7.98 8.00
N VAL B 301 29.50 -8.33 8.63
CA VAL B 301 29.48 -9.01 9.95
C VAL B 301 29.91 -7.95 10.95
N PRO B 302 29.48 -8.03 12.22
CA PRO B 302 28.66 -9.06 12.83
C PRO B 302 27.17 -8.89 12.58
N ALA B 303 26.44 -9.95 12.91
CA ALA B 303 24.99 -9.98 12.83
C ALA B 303 24.60 -11.03 13.85
N LEU B 304 23.64 -10.71 14.70
CA LEU B 304 23.22 -11.61 15.79
C LEU B 304 21.76 -12.02 15.62
N PHE B 305 21.50 -13.31 15.74
CA PHE B 305 20.15 -13.81 15.67
C PHE B 305 19.77 -14.41 16.99
N THR B 306 18.55 -14.16 17.43
CA THR B 306 18.16 -14.56 18.79
C THR B 306 17.32 -15.83 18.78
N PRO B 307 17.23 -16.51 19.94
CA PRO B 307 16.40 -17.73 20.01
C PRO B 307 14.89 -17.48 19.76
N SER B 308 14.47 -16.23 19.77
CA SER B 308 13.14 -15.83 19.36
C SER B 308 13.01 -15.56 17.88
N GLY B 309 14.07 -15.72 17.13
CA GLY B 309 14.02 -15.48 15.69
C GLY B 309 14.00 -14.00 15.33
N GLU B 310 14.80 -13.20 16.01
CA GLU B 310 14.92 -11.78 15.67
C GLU B 310 16.36 -11.51 15.20
N ALA B 311 16.52 -10.54 14.31
CA ALA B 311 17.85 -10.12 13.85
C ALA B 311 18.27 -8.91 14.66
N VAL B 312 19.51 -8.93 15.13
CA VAL B 312 20.11 -7.81 15.80
C VAL B 312 21.36 -7.42 14.99
N HIS B 313 21.27 -6.26 14.34
CA HIS B 313 22.30 -5.82 13.41
C HIS B 313 23.10 -4.68 13.94
N GLU B 314 24.33 -4.58 13.44
CA GLU B 314 25.34 -3.52 13.75
C GLU B 314 26.11 -3.79 15.07
N SER B 315 27.44 -3.80 14.98
CA SER B 315 28.31 -4.26 16.06
C SER B 315 27.96 -3.62 17.40
N GLN B 316 27.91 -2.29 17.48
CA GLN B 316 27.70 -1.65 18.80
C GLN B 316 26.24 -1.82 19.26
N LEU B 317 25.31 -1.91 18.31
N LEU B 317 25.30 -1.91 18.32
CA LEU B 317 23.94 -2.24 18.65
CA LEU B 317 23.93 -2.24 18.71
C LEU B 317 23.88 -3.66 19.19
C LEU B 317 23.86 -3.68 19.21
N ILE B 318 24.68 -4.56 18.63
CA ILE B 318 24.80 -5.95 19.13
C ILE B 318 25.38 -5.94 20.55
N VAL B 319 26.45 -5.17 20.76
CA VAL B 319 26.99 -4.96 22.10
C VAL B 319 25.94 -4.45 23.10
N GLN B 320 25.21 -3.42 22.75
CA GLN B 320 24.16 -2.90 23.62
C GLN B 320 23.06 -3.95 23.87
N TYR B 321 22.71 -4.76 22.85
CA TYR B 321 21.70 -5.79 23.00
C TYR B 321 22.20 -6.83 24.00
N ILE B 322 23.44 -7.28 23.75
CA ILE B 322 24.08 -8.26 24.61
C ILE B 322 24.07 -7.79 26.06
N ASP B 323 24.35 -6.54 26.29
CA ASP B 323 24.37 -5.96 27.62
C ASP B 323 22.98 -5.83 28.30
N CYS B 324 21.93 -5.66 27.51
CA CYS B 324 20.56 -5.63 28.01
C CYS B 324 20.07 -6.98 28.54
N VAL B 325 20.39 -8.06 27.85
CA VAL B 325 19.79 -9.35 28.14
C VAL B 325 20.73 -10.29 28.92
N ALA B 326 22.00 -9.93 29.04
CA ALA B 326 22.95 -10.78 29.75
C ALA B 326 22.73 -10.65 31.26
N THR B 327 22.92 -11.75 31.98
CA THR B 327 22.60 -11.84 33.40
C THR B 327 23.84 -11.75 34.29
N LYS B 328 24.95 -12.30 33.80
CA LYS B 328 26.20 -12.32 34.56
C LYS B 328 27.08 -11.18 34.10
N GLY B 329 27.82 -10.59 35.04
CA GLY B 329 28.86 -9.59 34.75
C GLY B 329 28.64 -8.19 35.31
N SER B 330 29.64 -7.34 35.23
CA SER B 330 29.42 -5.91 35.44
C SER B 330 28.71 -5.35 34.19
N ALA B 331 27.75 -4.45 34.41
CA ALA B 331 27.03 -3.78 33.33
C ALA B 331 27.98 -2.99 32.41
N LEU B 332 27.86 -3.16 31.09
CA LEU B 332 28.63 -2.35 30.14
C LEU B 332 27.99 -0.99 29.92
N VAL B 333 26.67 -0.92 30.16
CA VAL B 333 25.98 0.38 30.13
C VAL B 333 25.43 0.64 31.51
N PRO B 334 25.73 1.83 32.08
CA PRO B 334 25.36 2.04 33.46
C PRO B 334 23.93 2.46 33.65
N ARG B 335 22.99 1.56 33.36
CA ARG B 335 21.56 1.81 33.58
C ARG B 335 21.22 2.33 35.00
N GLY B 336 20.16 3.14 35.10
CA GLY B 336 19.78 3.82 36.34
C GLY B 336 20.41 5.19 36.62
N ASP B 337 21.35 5.64 35.79
CA ASP B 337 22.07 6.91 35.99
C ASP B 337 22.20 7.72 34.66
N ALA B 338 21.37 8.74 34.51
CA ALA B 338 21.27 9.42 33.21
C ALA B 338 22.59 10.10 32.80
N GLU B 339 23.24 10.80 33.73
N GLU B 339 23.24 10.78 33.74
CA GLU B 339 24.51 11.45 33.43
CA GLU B 339 24.51 11.47 33.45
C GLU B 339 25.58 10.43 33.02
C GLU B 339 25.63 10.48 33.08
N LYS B 340 25.67 9.33 33.75
CA LYS B 340 26.63 8.26 33.38
C LYS B 340 26.29 7.61 32.04
N GLU B 341 25.00 7.45 31.76
CA GLU B 341 24.55 6.97 30.46
C GLU B 341 24.93 7.93 29.35
N TYR B 342 24.87 9.24 29.64
CA TYR B 342 25.40 10.26 28.73
C TYR B 342 26.89 10.08 28.41
N GLU B 343 27.70 9.88 29.45
N GLU B 343 27.69 9.87 29.45
CA GLU B 343 29.15 9.76 29.27
CA GLU B 343 29.14 9.74 29.27
C GLU B 343 29.51 8.58 28.37
C GLU B 343 29.49 8.59 28.36
N VAL B 344 28.83 7.45 28.57
CA VAL B 344 29.08 6.28 27.78
C VAL B 344 28.57 6.54 26.35
N GLY B 345 27.42 7.16 26.23
CA GLY B 345 26.86 7.51 24.92
C GLY B 345 27.78 8.43 24.15
N PHE B 346 28.38 9.40 24.84
CA PHE B 346 29.23 10.38 24.16
C PHE B 346 30.55 9.73 23.76
N PHE B 347 31.15 8.95 24.66
CA PHE B 347 32.39 8.24 24.29
C PHE B 347 32.18 7.31 23.06
N VAL B 348 31.08 6.56 23.06
CA VAL B 348 30.80 5.63 21.95
C VAL B 348 30.58 6.38 20.65
N GLU B 349 29.83 7.49 20.67
CA GLU B 349 29.69 8.32 19.49
C GLU B 349 31.08 8.77 18.98
N ASN B 350 31.90 9.30 19.88
CA ASN B 350 33.18 9.81 19.49
C ASN B 350 34.09 8.67 18.99
N ALA B 351 33.87 7.47 19.51
CA ALA B 351 34.59 6.30 19.08
C ALA B 351 34.25 5.97 17.62
N GLY B 352 32.98 6.17 17.25
CA GLY B 352 32.51 6.07 15.86
C GLY B 352 33.33 6.97 14.94
N TYR B 353 33.59 8.20 15.39
CA TYR B 353 34.30 9.15 14.52
C TYR B 353 35.75 8.76 14.43
N PHE B 354 36.31 8.24 15.52
CA PHE B 354 37.67 7.69 15.49
C PHE B 354 37.81 6.51 14.51
N VAL B 355 36.86 5.58 14.58
CA VAL B 355 36.80 4.46 13.68
C VAL B 355 36.80 4.89 12.21
N GLY B 356 35.88 5.78 11.86
CA GLY B 356 35.77 6.27 10.50
C GLY B 356 37.08 6.87 10.03
N GLY B 357 37.70 7.71 10.85
CA GLY B 357 39.00 8.27 10.53
C GLY B 357 40.10 7.21 10.42
N LEU B 358 40.21 6.29 11.37
CA LEU B 358 41.27 5.27 11.29
C LEU B 358 41.13 4.35 10.07
N SER B 360 39.43 4.74 7.22
CA SER B 360 39.68 5.45 5.96
C SER B 360 41.18 5.63 5.73
N TRP B 361 41.87 6.07 6.77
CA TRP B 361 43.27 6.39 6.65
C TRP B 361 44.14 5.17 6.32
N ILE B 362 43.81 4.04 6.92
CA ILE B 362 44.44 2.76 6.58
C ILE B 362 44.25 2.44 5.10
N ILE B 363 43.00 2.43 4.64
CA ILE B 363 42.65 1.90 3.32
C ILE B 363 43.02 2.86 2.19
N ARG B 364 42.59 4.13 2.26
CA ARG B 364 42.81 5.11 1.18
C ARG B 364 43.90 6.13 1.47
N GLY B 365 44.24 6.33 2.75
CA GLY B 365 45.38 7.18 3.12
C GLY B 365 45.20 8.68 3.02
N GLY B 366 43.95 9.16 3.04
CA GLY B 366 43.68 10.61 2.95
C GLY B 366 44.22 11.48 4.09
N GLU B 367 44.56 12.75 3.78
CA GLU B 367 44.97 13.72 4.81
C GLU B 367 43.77 14.19 5.64
N ASP B 368 42.59 14.23 5.02
CA ASP B 368 41.35 14.55 5.76
C ASP B 368 41.06 13.44 6.75
N ALA B 369 41.47 12.22 6.41
CA ALA B 369 41.29 11.07 7.27
C ALA B 369 42.15 11.16 8.54
N LYS B 370 43.41 11.55 8.39
CA LYS B 370 44.34 11.60 9.52
C LYS B 370 43.89 12.67 10.52
N ALA B 371 43.50 13.83 10.00
CA ALA B 371 42.99 14.93 10.83
C ALA B 371 41.76 14.52 11.62
N GLU B 372 40.85 13.78 10.99
N GLU B 372 40.87 13.77 10.99
CA GLU B 372 39.63 13.34 11.66
CA GLU B 372 39.64 13.32 11.61
C GLU B 372 39.93 12.29 12.73
C GLU B 372 39.93 12.28 12.71
N LEU B 373 40.88 11.38 12.45
CA LEU B 373 41.42 10.46 13.48
C LEU B 373 41.98 11.24 14.68
N GLN B 374 42.81 12.25 14.42
CA GLN B 374 43.38 13.04 15.51
C GLN B 374 42.32 13.79 16.33
N TRP B 375 41.36 14.39 15.64
CA TRP B 375 40.29 15.11 16.30
C TRP B 375 39.54 14.15 17.25
N ALA B 376 39.19 12.98 16.75
CA ALA B 376 38.36 12.06 17.51
C ALA B 376 39.12 11.52 18.69
N ALA B 377 40.42 11.26 18.48
CA ALA B 377 41.29 10.78 19.58
C ALA B 377 41.30 11.84 20.70
N GLY B 378 41.38 13.12 20.30
CA GLY B 378 41.38 14.19 21.26
C GLY B 378 40.08 14.24 22.03
N GLU B 379 38.94 13.98 21.36
CA GLU B 379 37.64 13.98 22.04
C GLU B 379 37.62 12.87 23.06
N LEU B 380 38.15 11.70 22.69
CA LEU B 380 38.21 10.56 23.58
C LEU B 380 39.12 10.89 24.75
N GLU B 381 40.34 11.32 24.43
CA GLU B 381 41.36 11.60 25.42
C GLU B 381 40.84 12.59 26.47
N GLN B 382 40.22 13.68 26.04
CA GLN B 382 39.74 14.71 26.97
C GLN B 382 38.68 14.19 27.94
N GLN B 383 37.80 13.32 27.46
CA GLN B 383 36.77 12.77 28.33
C GLN B 383 37.43 11.76 29.25
N LEU B 384 38.36 10.94 28.74
CA LEU B 384 39.18 10.09 29.60
C LEU B 384 39.84 10.92 30.73
N ALA B 385 40.33 12.12 30.43
CA ALA B 385 41.01 12.96 31.44
C ALA B 385 40.11 13.47 32.58
N LYS B 386 38.79 13.34 32.45
CA LYS B 386 37.85 13.70 33.52
C LYS B 386 37.49 12.55 34.44
N HIS B 387 37.84 11.32 34.04
CA HIS B 387 37.58 10.15 34.88
C HIS B 387 36.17 10.08 35.50
N PRO B 388 35.12 10.09 34.65
CA PRO B 388 33.73 10.03 35.14
C PRO B 388 33.38 8.68 35.77
N PHE B 389 34.21 7.66 35.51
CA PHE B 389 34.05 6.32 36.09
C PHE B 389 35.21 5.96 37.05
N GLY B 390 35.82 6.99 37.64
CA GLY B 390 36.82 6.81 38.69
C GLY B 390 38.19 6.45 38.17
N GLU B 391 39.11 6.12 39.05
N GLU B 391 39.04 6.01 39.09
CA GLU B 391 40.49 5.91 38.61
CA GLU B 391 40.43 5.68 38.82
C GLU B 391 40.66 4.50 38.02
C GLU B 391 40.56 4.49 37.87
N GLY B 392 41.72 4.32 37.25
CA GLY B 392 41.99 3.13 36.48
C GLY B 392 42.20 3.50 35.02
N PRO B 393 42.74 2.57 34.24
CA PRO B 393 43.12 2.83 32.83
C PRO B 393 41.99 2.79 31.82
N PHE B 394 40.82 2.31 32.22
CA PHE B 394 39.76 2.10 31.24
C PHE B 394 38.85 3.28 31.27
N PHE B 395 38.16 3.52 30.17
CA PHE B 395 37.08 4.51 30.23
C PHE B 395 36.11 4.13 31.35
N GLY B 396 35.84 2.83 31.53
CA GLY B 396 34.96 2.37 32.64
C GLY B 396 35.61 2.30 34.05
N GLY B 397 36.82 2.87 34.16
CA GLY B 397 37.58 2.90 35.41
C GLY B 397 38.50 1.71 35.58
N LYS B 398 38.16 0.84 36.51
CA LYS B 398 38.93 -0.37 36.77
C LYS B 398 38.57 -1.50 35.79
N ARG B 399 37.37 -1.42 35.21
N ARG B 399 37.38 -1.42 35.20
CA ARG B 399 36.83 -2.45 34.33
CA ARG B 399 36.92 -2.44 34.27
C ARG B 399 36.33 -1.82 33.02
C ARG B 399 36.42 -1.80 32.98
N ASN B 401 33.80 -0.86 30.08
CA ASN B 401 32.38 -0.63 29.80
C ASN B 401 32.13 -0.65 28.26
N ALA B 402 30.94 -0.31 27.81
CA ALA B 402 30.61 -0.29 26.39
C ALA B 402 31.54 0.65 25.62
N GLY B 403 31.88 1.77 26.24
CA GLY B 403 32.91 2.66 25.68
C GLY B 403 34.19 1.93 25.32
N ASP B 404 34.73 1.22 26.29
CA ASP B 404 35.95 0.50 26.11
C ASP B 404 35.81 -0.54 24.97
N VAL B 405 34.66 -1.21 24.93
CA VAL B 405 34.40 -2.27 23.96
C VAL B 405 34.33 -1.67 22.56
N ALA B 406 33.66 -0.53 22.45
CA ALA B 406 33.54 0.19 21.20
C ALA B 406 34.90 0.51 20.56
N ILE B 407 35.84 1.00 21.36
CA ILE B 407 37.11 1.53 20.85
C ILE B 407 38.24 0.49 20.80
N LEU B 408 38.28 -0.45 21.75
CA LEU B 408 39.48 -1.32 21.90
C LEU B 408 39.92 -2.07 20.61
N PRO B 409 38.99 -2.71 19.91
CA PRO B 409 39.50 -3.42 18.73
C PRO B 409 40.24 -2.53 17.73
N PHE B 410 39.82 -1.27 17.64
CA PHE B 410 40.42 -0.33 16.69
C PHE B 410 41.75 0.30 17.22
N LEU B 411 41.87 0.45 18.54
CA LEU B 411 43.18 0.78 19.15
C LEU B 411 44.18 -0.35 18.82
N VAL B 412 43.71 -1.58 18.86
CA VAL B 412 44.52 -2.74 18.54
C VAL B 412 44.94 -2.67 17.09
N ARG B 413 44.01 -2.37 16.21
CA ARG B 413 44.35 -2.12 14.80
C ARG B 413 45.35 -0.97 14.62
N ALA B 414 45.20 0.08 15.42
CA ALA B 414 46.15 1.20 15.38
C ALA B 414 47.57 0.75 15.82
N LYS B 415 47.65 -0.06 16.86
CA LYS B 415 48.92 -0.62 17.34
C LYS B 415 49.58 -1.46 16.26
N ALA B 416 48.78 -2.15 15.45
CA ALA B 416 49.33 -2.93 14.36
C ALA B 416 49.75 -2.05 13.19
N PHE B 417 49.01 -0.98 12.93
CA PHE B 417 49.28 -0.14 11.75
C PHE B 417 50.44 0.83 11.97
N PRO B 419 53.86 2.32 14.25
CA PRO B 419 54.29 3.17 13.16
C PRO B 419 54.82 2.44 11.91
N GLU B 420 54.77 1.11 11.85
CA GLU B 420 55.30 0.44 10.67
C GLU B 420 54.80 1.07 9.34
N PHE B 421 53.50 1.24 9.17
CA PHE B 421 52.94 1.64 7.85
C PHE B 421 52.50 3.11 7.78
N SER B 422 53.21 4.00 8.46
CA SER B 422 52.91 5.44 8.44
C SER B 422 54.20 6.27 8.55
N GLY B 423 55.28 5.75 7.95
CA GLY B 423 56.60 6.42 7.87
C GLY B 423 57.14 7.00 9.18
N GLY B 424 56.59 6.53 10.31
CA GLY B 424 56.97 7.03 11.63
C GLY B 424 55.86 7.56 12.54
N TYR B 425 54.71 7.93 11.99
CA TYR B 425 53.64 8.50 12.83
C TYR B 425 53.05 7.46 13.78
N ASP B 426 53.01 7.79 15.06
CA ASP B 426 52.42 6.93 16.08
C ASP B 426 51.45 7.74 16.91
N LEU B 427 50.14 7.50 16.70
CA LEU B 427 49.07 8.20 17.41
C LEU B 427 49.20 8.11 18.93
N PHE B 428 49.70 6.99 19.43
CA PHE B 428 49.77 6.75 20.86
C PHE B 428 50.83 7.58 21.61
N ALA B 429 51.81 8.10 20.88
CA ALA B 429 52.76 9.03 21.46
C ALA B 429 52.10 10.37 21.82
N HIS B 430 51.02 10.74 21.14
CA HIS B 430 50.36 12.02 21.41
C HIS B 430 49.09 11.88 22.23
N PHE B 431 48.68 10.66 22.57
CA PHE B 431 47.45 10.44 23.36
C PHE B 431 47.61 9.40 24.49
N PRO B 432 48.37 9.74 25.57
CA PRO B 432 48.69 8.76 26.62
C PRO B 432 47.50 8.09 27.31
N LEU B 433 46.42 8.78 27.63
CA LEU B 433 45.30 8.07 28.31
C LEU B 433 44.72 6.98 27.39
N LEU B 434 44.54 7.31 26.12
CA LEU B 434 44.06 6.35 25.13
C LEU B 434 45.06 5.18 24.91
N ASN B 435 46.36 5.44 25.06
CA ASN B 435 47.39 4.39 25.08
C ASN B 435 47.32 3.50 26.32
N GLY B 436 47.04 4.09 27.49
CA GLY B 436 46.74 3.32 28.71
C GLY B 436 45.56 2.36 28.50
N LEU B 437 44.44 2.86 27.97
CA LEU B 437 43.27 2.04 27.74
C LEU B 437 43.64 0.89 26.79
N ALA B 438 44.41 1.18 25.75
CA ALA B 438 44.83 0.16 24.77
C ALA B 438 45.67 -0.98 25.33
N GLU B 439 46.70 -0.61 26.10
N GLU B 439 46.72 -0.66 26.10
CA GLU B 439 47.61 -1.59 26.71
CA GLU B 439 47.57 -1.72 26.65
C GLU B 439 46.89 -2.41 27.78
C GLU B 439 46.88 -2.46 27.81
N ALA B 440 46.03 -1.78 28.59
CA ALA B 440 45.31 -2.47 29.68
C ALA B 440 44.20 -3.38 29.12
N GLY B 441 43.58 -2.95 28.03
CA GLY B 441 42.59 -3.79 27.34
C GLY B 441 43.23 -5.03 26.74
N ALA B 443 45.67 -6.61 27.62
CA ALA B 443 46.20 -7.50 28.64
C ALA B 443 45.13 -8.25 29.47
N THR B 444 43.85 -7.99 29.20
CA THR B 444 42.77 -8.72 29.88
C THR B 444 42.59 -10.14 29.31
N PRO B 445 42.02 -11.05 30.12
CA PRO B 445 41.70 -12.38 29.57
C PRO B 445 40.66 -12.33 28.41
N GLU B 446 39.70 -11.44 28.50
CA GLU B 446 38.67 -11.35 27.46
C GLU B 446 39.25 -10.95 26.12
N ALA B 447 40.17 -10.00 26.15
CA ALA B 447 40.87 -9.53 24.95
C ALA B 447 41.69 -10.64 24.30
N LYS B 448 42.37 -11.44 25.10
CA LYS B 448 43.27 -12.45 24.54
C LYS B 448 42.53 -13.67 24.01
N SER B 449 41.27 -13.86 24.39
CA SER B 449 40.46 -14.90 23.77
C SER B 449 39.77 -14.40 22.50
N VAL B 450 39.78 -13.09 22.23
CA VAL B 450 39.15 -12.53 21.04
C VAL B 450 40.13 -12.20 19.91
N PHE B 451 41.25 -11.56 20.24
CA PHE B 451 42.13 -10.96 19.22
C PHE B 451 43.17 -11.89 18.62
N ARG B 452 43.43 -11.70 17.34
CA ARG B 452 44.57 -12.30 16.66
C ARG B 452 45.83 -11.68 17.27
N THR B 453 47.00 -12.22 16.96
CA THR B 453 48.26 -11.60 17.40
C THR B 453 48.51 -10.35 16.56
N LEU B 454 49.20 -9.37 17.15
CA LEU B 454 49.60 -8.16 16.43
C LEU B 454 50.26 -8.45 15.05
N GLU B 455 51.11 -9.47 14.98
CA GLU B 455 51.73 -9.87 13.70
C GLU B 455 50.69 -10.30 12.64
N GLU B 456 49.69 -11.07 13.07
CA GLU B 456 48.62 -11.49 12.17
C GLU B 456 47.84 -10.28 11.63
N TYR B 457 47.69 -9.25 12.46
CA TYR B 457 47.04 -8.03 12.04
C TYR B 457 47.89 -7.22 11.07
N LYS B 458 49.21 -7.21 11.31
CA LYS B 458 50.16 -6.53 10.44
C LYS B 458 50.21 -7.25 9.10
N GLU B 459 50.25 -8.58 9.14
CA GLU B 459 50.24 -9.39 7.92
C GLU B 459 48.97 -9.13 7.10
N HIS B 460 47.84 -8.93 7.77
CA HIS B 460 46.57 -8.70 7.09
C HIS B 460 46.59 -7.38 6.31
N ILE B 461 47.13 -6.36 6.95
CA ILE B 461 47.44 -5.06 6.33
C ILE B 461 48.34 -5.21 5.07
N ARG B 462 49.33 -6.11 5.12
CA ARG B 462 50.26 -6.35 3.99
C ARG B 462 49.59 -7.07 2.81
N LYS B 463 48.68 -7.98 3.13
CA LYS B 463 47.85 -8.66 2.12
C LYS B 463 46.87 -7.67 1.45
N ARG B 464 46.29 -6.79 2.26
CA ARG B 464 45.32 -5.79 1.83
C ARG B 464 45.89 -4.73 0.86
N GLN B 465 47.20 -4.44 0.97
CA GLN B 465 47.87 -3.38 0.19
C GLN B 465 48.97 -3.92 -0.71
N ALA C 24 16.68 30.11 39.14
CA ALA C 24 17.00 29.32 37.91
C ALA C 24 16.63 27.84 38.09
N ARG C 25 16.51 27.12 36.97
CA ARG C 25 16.19 25.67 36.97
C ARG C 25 17.43 24.77 36.89
N ALA C 26 17.21 23.47 37.11
CA ALA C 26 18.29 22.47 37.00
C ALA C 26 18.77 22.27 35.55
N LEU C 27 17.94 22.61 34.58
CA LEU C 27 18.27 22.38 33.16
C LEU C 27 18.19 23.66 32.35
N LYS C 28 19.25 23.94 31.59
CA LYS C 28 19.32 25.08 30.70
C LYS C 28 19.62 24.53 29.30
N LEU C 29 18.76 24.85 28.34
CA LEU C 29 18.91 24.33 26.98
C LEU C 29 19.23 25.43 26.00
N TYR C 30 20.31 25.26 25.22
CA TYR C 30 20.72 26.27 24.26
C TYR C 30 20.22 25.86 22.90
N VAL C 31 19.39 26.72 22.33
CA VAL C 31 18.63 26.38 21.16
C VAL C 31 18.54 27.53 20.16
N SER C 32 18.13 27.16 18.95
CA SER C 32 17.52 28.10 18.00
C SER C 32 16.12 27.62 17.65
N ALA C 33 15.16 28.52 17.65
CA ALA C 33 13.82 28.16 17.17
C ALA C 33 13.81 27.75 15.67
N THR C 34 14.91 27.96 14.96
CA THR C 34 14.99 27.59 13.54
C THR C 34 15.43 26.13 13.28
N CYS C 35 15.67 25.36 14.34
N CYS C 35 15.75 25.40 14.35
CA CYS C 35 16.53 24.18 14.30
CA CYS C 35 16.51 24.18 14.25
C CYS C 35 15.84 22.87 14.63
C CYS C 35 15.69 22.95 14.55
N PRO C 36 15.66 21.98 13.60
CA PRO C 36 14.98 20.71 13.84
C PRO C 36 15.71 19.85 14.86
N PHE C 37 17.02 20.03 15.00
CA PHE C 37 17.76 19.25 16.00
C PHE C 37 17.36 19.71 17.37
N CYS C 38 17.13 21.00 17.57
CA CYS C 38 16.61 21.45 18.84
C CYS C 38 15.18 21.00 19.01
N HIS C 39 14.41 21.02 17.92
CA HIS C 39 13.02 20.61 18.01
C HIS C 39 12.94 19.19 18.63
N ARG C 40 13.87 18.32 18.25
CA ARG C 40 13.93 16.98 18.84
C ARG C 40 13.90 17.02 20.39
N VAL C 41 14.81 17.81 20.98
CA VAL C 41 14.95 17.88 22.44
C VAL C 41 13.76 18.56 23.08
N GLU C 42 13.17 19.52 22.39
CA GLU C 42 11.98 20.22 22.88
C GLU C 42 10.78 19.29 22.89
N ILE C 43 10.69 18.41 21.90
CA ILE C 43 9.66 17.40 21.92
C ILE C 43 9.81 16.51 23.16
N VAL C 44 10.99 15.94 23.35
CA VAL C 44 11.21 15.05 24.48
C VAL C 44 10.91 15.79 25.82
N ALA C 45 11.37 17.03 26.00
CA ALA C 45 11.05 17.77 27.23
C ALA C 45 9.59 17.70 27.55
N ARG C 46 8.73 18.04 26.59
N ARG C 46 8.75 18.03 26.58
CA ARG C 46 7.27 18.03 26.82
CA ARG C 46 7.30 18.04 26.78
C ARG C 46 6.66 16.63 27.01
C ARG C 46 6.66 16.65 26.98
N GLU C 47 7.15 15.65 26.26
CA GLU C 47 6.70 14.26 26.44
C GLU C 47 7.00 13.78 27.85
N LYS C 48 8.19 14.08 28.34
CA LYS C 48 8.63 13.57 29.64
C LYS C 48 8.26 14.54 30.76
N GLN C 49 7.65 15.67 30.38
CA GLN C 49 7.24 16.74 31.33
C GLN C 49 8.43 17.18 32.17
N VAL C 50 9.51 17.52 31.49
CA VAL C 50 10.71 18.01 32.14
C VAL C 50 10.87 19.45 31.72
N SER C 51 10.99 20.33 32.71
CA SER C 51 11.14 21.77 32.51
C SER C 51 12.60 22.19 32.35
N TYR C 52 12.79 23.31 31.66
CA TYR C 52 14.12 23.85 31.42
C TYR C 52 14.06 25.36 31.14
N ASP C 53 15.14 26.07 31.41
CA ASP C 53 15.32 27.44 30.92
C ASP C 53 15.84 27.39 29.46
N ARG C 54 15.14 28.11 28.58
CA ARG C 54 15.57 28.26 27.18
C ARG C 54 16.52 29.44 27.05
N VAL C 55 17.61 29.26 26.31
CA VAL C 55 18.53 30.33 25.98
C VAL C 55 18.67 30.33 24.43
N ALA C 56 18.26 31.43 23.80
CA ALA C 56 18.40 31.64 22.38
C ALA C 56 19.86 31.85 22.00
N VAL C 57 20.28 31.19 20.92
CA VAL C 57 21.62 31.32 20.36
C VAL C 57 21.50 31.58 18.85
N GLY C 58 22.18 32.60 18.36
CA GLY C 58 22.15 32.95 16.96
C GLY C 58 22.94 31.94 16.12
N LEU C 59 22.55 31.79 14.88
CA LEU C 59 23.17 30.74 14.06
C LEU C 59 24.10 31.34 13.03
N ARG C 60 25.08 30.55 12.61
CA ARG C 60 25.97 30.87 11.50
C ARG C 60 26.75 32.15 11.82
N GLU C 61 26.63 33.20 10.98
N GLU C 61 26.68 33.19 11.00
CA GLU C 61 27.33 34.48 11.16
CA GLU C 61 27.49 34.37 11.28
C GLU C 61 26.94 35.13 12.49
C GLU C 61 26.89 35.22 12.42
N GLU C 62 25.76 34.80 12.99
CA GLU C 62 25.23 35.42 14.22
C GLU C 62 25.62 34.60 15.49
N PRO C 64 27.42 33.71 18.57
CA PRO C 64 28.36 34.41 19.44
C PRO C 64 29.50 33.52 19.92
N GLN C 65 30.63 34.15 20.22
CA GLN C 65 31.82 33.44 20.65
C GLN C 65 31.60 32.74 22.01
N TRP C 66 30.85 33.38 22.92
CA TRP C 66 30.65 32.76 24.23
C TRP C 66 30.00 31.40 24.06
N TYR C 67 29.17 31.25 23.03
CA TYR C 67 28.52 29.95 22.78
C TYR C 67 29.45 28.94 22.15
N LYS C 68 30.27 29.39 21.21
CA LYS C 68 31.33 28.56 20.59
C LYS C 68 32.30 28.04 21.63
N GLN C 69 32.55 28.85 22.69
CA GLN C 69 33.37 28.38 23.82
C GLN C 69 32.68 27.29 24.62
N ILE C 70 31.35 27.38 24.78
CA ILE C 70 30.58 26.32 25.47
C ILE C 70 30.58 25.05 24.61
N ASN C 71 30.36 25.18 23.31
CA ASN C 71 30.30 24.01 22.44
C ASN C 71 31.17 24.17 21.19
N PRO C 72 32.38 23.60 21.22
CA PRO C 72 33.31 23.87 20.13
C PRO C 72 32.94 23.22 18.81
N ARG C 73 31.91 22.38 18.79
CA ARG C 73 31.39 21.88 17.55
C ARG C 73 30.56 22.94 16.83
N GLU C 74 30.19 23.99 17.54
CA GLU C 74 29.53 25.16 16.99
C GLU C 74 28.13 24.90 16.42
N THR C 75 27.41 24.00 17.09
CA THR C 75 26.06 23.69 16.77
C THR C 75 25.15 23.80 18.00
N VAL C 76 23.86 23.99 17.76
CA VAL C 76 22.83 23.86 18.77
C VAL C 76 22.07 22.57 18.45
N PRO C 77 21.54 21.90 19.47
CA PRO C 77 21.48 22.18 20.87
C PRO C 77 22.69 21.78 21.71
N THR C 78 22.76 22.37 22.89
CA THR C 78 23.62 21.97 23.98
C THR C 78 22.74 21.99 25.22
N LEU C 79 22.99 21.05 26.15
CA LEU C 79 22.30 21.03 27.45
C LEU C 79 23.30 21.38 28.57
N GLU C 80 22.88 22.20 29.51
CA GLU C 80 23.64 22.54 30.69
C GLU C 80 22.88 22.06 31.92
N VAL C 81 23.58 21.35 32.79
CA VAL C 81 22.93 20.70 33.92
C VAL C 81 23.67 21.16 35.18
N GLY C 82 22.90 21.53 36.20
CA GLY C 82 23.42 22.27 37.36
C GLY C 82 23.43 23.75 37.08
N LYS C 86 28.67 22.95 37.32
CA LYS C 86 27.92 22.75 36.09
C LYS C 86 28.71 22.01 35.00
N ARG C 87 27.98 21.32 34.13
CA ARG C 87 28.59 20.64 32.97
C ARG C 87 27.65 20.61 31.76
N PHE C 88 28.24 20.42 30.59
CA PHE C 88 27.49 20.51 29.36
C PHE C 88 27.35 19.14 28.74
N PHE C 90 26.12 17.49 24.92
N PHE C 90 26.46 17.38 24.71
CA PHE C 90 26.01 17.89 23.53
CA PHE C 90 26.36 17.74 23.32
C PHE C 90 25.31 16.82 22.69
C PHE C 90 25.48 16.76 22.60
N GLU C 91 25.01 17.18 21.44
CA GLU C 91 24.31 16.30 20.48
C GLU C 91 22.86 16.03 20.83
N SER C 92 21.97 16.40 19.92
CA SER C 92 20.54 16.26 20.13
C SER C 92 20.10 14.85 20.53
N LEU C 94 21.90 12.53 22.12
CA LEU C 94 22.40 12.22 23.45
C LEU C 94 21.64 13.05 24.48
N ILE C 95 21.32 14.30 24.13
CA ILE C 95 20.57 15.19 25.02
C ILE C 95 19.15 14.65 25.18
N ALA C 96 18.54 14.25 24.07
CA ALA C 96 17.19 13.68 24.08
C ALA C 96 17.16 12.46 25.02
N GLN C 97 18.16 11.60 24.88
CA GLN C 97 18.21 10.43 25.74
C GLN C 97 18.41 10.77 27.23
N TYR C 98 19.13 11.83 27.54
CA TYR C 98 19.31 12.26 28.91
C TYR C 98 17.99 12.64 29.53
N LEU C 99 17.21 13.44 28.81
CA LEU C 99 15.90 13.85 29.25
C LEU C 99 14.95 12.64 29.41
N ASP C 100 15.01 11.69 28.50
CA ASP C 100 14.25 10.46 28.59
C ASP C 100 14.70 9.65 29.80
N ASN C 101 16.02 9.67 30.08
CA ASN C 101 16.54 8.90 31.21
C ASN C 101 16.35 9.65 32.56
N SER C 102 15.82 10.89 32.57
CA SER C 102 15.69 11.73 33.79
C SER C 102 14.25 11.96 34.25
N GLY C 103 13.28 11.49 33.48
CA GLY C 103 11.88 11.71 33.76
C GLY C 103 11.13 10.40 33.75
N ALA C 104 10.26 10.19 34.73
CA ALA C 104 9.56 8.93 34.87
C ALA C 104 8.65 8.78 33.67
N PRO C 105 8.54 7.57 33.13
CA PRO C 105 9.36 6.41 33.46
C PRO C 105 10.70 6.44 32.68
N ALA C 106 11.79 6.30 33.42
CA ALA C 106 13.14 6.48 32.90
C ALA C 106 13.44 5.57 31.69
N GLY C 107 13.75 6.16 30.54
CA GLY C 107 14.18 5.39 29.37
C GLY C 107 13.06 4.91 28.47
N ALA C 108 11.82 5.27 28.78
CA ALA C 108 10.67 4.69 28.09
C ALA C 108 10.60 5.04 26.59
N LEU C 109 11.15 6.18 26.18
CA LEU C 109 11.13 6.56 24.77
C LEU C 109 12.06 5.69 23.92
N GLY C 111 12.29 2.41 24.34
CA GLY C 111 11.73 1.07 24.18
C GLY C 111 11.48 0.37 25.50
N SER C 112 10.59 -0.60 25.49
CA SER C 112 10.18 -1.33 26.69
C SER C 112 10.86 -2.69 26.82
N SER C 113 11.54 -3.17 25.78
CA SER C 113 12.29 -4.46 25.83
C SER C 113 13.62 -4.32 25.07
N ALA C 114 14.52 -5.26 25.26
CA ALA C 114 15.76 -5.28 24.50
C ALA C 114 15.51 -5.32 22.98
N ALA C 115 14.54 -6.12 22.58
CA ALA C 115 14.15 -6.29 21.20
C ALA C 115 13.62 -4.99 20.64
N GLN C 116 12.64 -4.40 21.33
CA GLN C 116 12.02 -3.16 20.84
C GLN C 116 13.06 -2.04 20.85
N ARG C 117 13.86 -1.97 21.91
CA ARG C 117 14.93 -0.95 21.95
C ARG C 117 15.96 -1.12 20.81
N HIS C 118 16.31 -2.37 20.48
CA HIS C 118 17.16 -2.58 19.32
C HIS C 118 16.55 -2.02 18.05
N GLN C 119 15.27 -2.28 17.83
CA GLN C 119 14.61 -1.77 16.61
C GLN C 119 14.64 -0.24 16.50
N ILE C 120 14.42 0.41 17.63
CA ILE C 120 14.48 1.85 17.72
C ILE C 120 15.90 2.33 17.41
N GLU C 121 16.90 1.67 17.97
CA GLU C 121 18.27 2.12 17.84
C GLU C 121 18.73 1.95 16.41
N PHE C 122 18.36 0.84 15.77
CA PHE C 122 18.75 0.58 14.39
C PHE C 122 18.07 1.64 13.53
N PHE C 123 16.79 1.95 13.79
CA PHE C 123 16.11 3.02 13.05
C PHE C 123 16.84 4.37 13.23
N LEU C 124 17.28 4.67 14.44
CA LEU C 124 17.95 5.95 14.70
C LEU C 124 19.27 6.05 13.95
N ALA C 125 19.92 4.90 13.75
CA ALA C 125 21.17 4.83 12.96
C ALA C 125 20.97 5.10 11.45
N GLN C 126 19.72 5.13 10.98
CA GLN C 126 19.40 5.39 9.56
C GLN C 126 18.85 6.78 9.28
N VAL C 127 18.43 7.51 10.32
CA VAL C 127 17.82 8.81 10.14
C VAL C 127 18.79 9.80 9.52
N GLY C 128 20.09 9.68 9.86
CA GLY C 128 21.11 10.55 9.30
C GLY C 128 21.11 10.59 7.78
N ASP C 129 21.05 9.42 7.15
CA ASP C 129 21.05 9.34 5.71
C ASP C 129 19.81 10.01 5.09
N PHE C 130 18.68 9.95 5.76
CA PHE C 130 17.47 10.55 5.24
C PHE C 130 17.67 12.04 5.27
N ILE C 131 18.22 12.51 6.38
CA ILE C 131 18.39 13.97 6.57
C ILE C 131 19.38 14.50 5.52
N GLY C 132 20.47 13.76 5.32
CA GLY C 132 21.46 14.08 4.30
C GLY C 132 20.90 14.08 2.87
N ALA C 133 20.03 13.14 2.53
CA ALA C 133 19.40 13.14 1.22
C ALA C 133 18.49 14.39 1.08
N ALA C 134 17.76 14.72 2.12
CA ALA C 134 16.91 15.92 2.12
C ALA C 134 17.67 17.25 1.95
N HIS C 135 18.73 17.42 2.71
CA HIS C 135 19.55 18.62 2.58
C HIS C 135 20.32 18.63 1.24
N GLY C 136 20.74 17.44 0.78
CA GLY C 136 21.26 17.30 -0.57
C GLY C 136 20.33 17.90 -1.60
N LEU C 137 19.03 17.64 -1.47
CA LEU C 137 18.06 18.10 -2.45
C LEU C 137 17.85 19.61 -2.30
N LEU C 138 17.77 20.09 -1.05
CA LEU C 138 17.58 21.52 -0.84
C LEU C 138 18.78 22.31 -1.42
N ARG C 139 20.00 21.79 -1.26
N ARG C 139 19.99 21.78 -1.27
CA ARG C 139 21.20 22.43 -1.86
CA ARG C 139 21.20 22.39 -1.85
C ARG C 139 21.27 22.39 -3.40
C ARG C 139 21.28 22.38 -3.39
N ASP C 140 20.46 21.57 -4.05
CA ASP C 140 20.47 21.48 -5.52
C ASP C 140 19.06 21.01 -5.98
N PRO C 141 18.05 21.86 -5.77
CA PRO C 141 16.64 21.42 -5.78
C PRO C 141 16.08 20.93 -7.10
N LEU C 142 16.68 21.27 -8.24
CA LEU C 142 16.23 20.78 -9.56
C LEU C 142 17.16 19.76 -10.15
N SER C 143 17.91 19.11 -9.26
CA SER C 143 18.76 18.03 -9.64
C SER C 143 17.99 16.75 -9.72
N GLY C 144 18.07 16.10 -10.87
CA GLY C 144 17.41 14.83 -11.05
C GLY C 144 18.04 13.78 -10.16
N GLU C 145 19.36 13.81 -10.00
N GLU C 145 19.36 13.88 -10.01
CA GLU C 145 20.06 12.78 -9.21
CA GLU C 145 20.14 12.90 -9.28
C GLU C 145 19.78 12.96 -7.72
C GLU C 145 19.81 12.99 -7.77
N LYS C 146 19.78 14.20 -7.22
CA LYS C 146 19.39 14.42 -5.84
C LYS C 146 17.92 14.08 -5.60
N ARG C 147 17.10 14.22 -6.61
CA ARG C 147 15.71 13.84 -6.50
C ARG C 147 15.54 12.32 -6.44
N LYS C 148 16.25 11.60 -7.31
N LYS C 148 16.24 11.59 -7.32
CA LYS C 148 16.21 10.15 -7.29
CA LYS C 148 16.19 10.13 -7.27
C LYS C 148 16.68 9.67 -5.89
C LYS C 148 16.71 9.63 -5.91
N ALA C 149 17.76 10.28 -5.38
CA ALA C 149 18.34 9.86 -4.10
C ALA C 149 17.37 10.10 -2.93
N ASP C 151 14.00 10.06 -3.41
CA ASP C 151 12.97 9.04 -3.66
C ASP C 151 13.41 7.74 -3.00
N ASP C 152 14.68 7.39 -3.17
CA ASP C 152 15.18 6.14 -2.69
C ASP C 152 15.31 6.11 -1.18
N ASN C 153 15.65 7.22 -0.55
N ASN C 153 15.66 7.23 -0.58
CA ASN C 153 15.80 7.24 0.91
CA ASN C 153 15.83 7.36 0.86
C ASN C 153 14.46 7.33 1.64
C ASN C 153 14.49 7.36 1.63
N ALA C 154 13.52 8.09 1.09
CA ALA C 154 12.16 8.06 1.54
C ALA C 154 11.55 6.64 1.42
N ALA C 155 11.73 5.97 0.27
CA ALA C 155 11.26 4.60 0.05
C ALA C 155 11.86 3.67 1.06
N TYR C 156 13.16 3.85 1.31
CA TYR C 156 13.87 3.03 2.24
C TYR C 156 13.36 3.23 3.68
N VAL C 157 13.12 4.49 4.10
CA VAL C 157 12.54 4.74 5.41
C VAL C 157 11.17 4.08 5.51
N ASP C 158 10.33 4.16 4.49
CA ASP C 158 9.02 3.50 4.54
C ASP C 158 9.13 1.98 4.68
N GLY C 159 10.10 1.35 4.03
CA GLY C 159 10.33 -0.09 4.24
C GLY C 159 10.73 -0.41 5.68
N LEU C 160 11.62 0.36 6.25
CA LEU C 160 11.91 0.21 7.68
C LEU C 160 10.62 0.31 8.51
N LEU C 161 9.73 1.23 8.15
CA LEU C 161 8.51 1.42 8.96
C LEU C 161 7.63 0.18 8.76
N ALA C 162 7.47 -0.25 7.50
CA ALA C 162 6.71 -1.45 7.18
C ALA C 162 7.27 -2.70 7.85
N ALA C 163 8.59 -2.80 8.01
CA ALA C 163 9.17 -3.99 8.62
C ALA C 163 8.94 -4.08 10.14
N ASN C 164 8.83 -2.94 10.82
CA ASN C 164 8.59 -2.93 12.24
C ASN C 164 7.13 -2.72 12.68
N GLN C 165 6.30 -2.15 11.81
CA GLN C 165 4.94 -1.81 12.17
C GLN C 165 4.01 -2.98 11.92
N THR C 166 2.90 -2.96 12.64
CA THR C 166 1.68 -3.61 12.26
C THR C 166 0.68 -2.44 11.97
N THR C 167 -0.04 -1.91 12.93
CA THR C 167 -1.06 -0.90 12.58
C THR C 167 -0.56 0.51 12.25
N GLY C 168 0.67 0.85 12.64
CA GLY C 168 1.03 2.24 12.70
C GLY C 168 0.23 2.96 13.82
N PRO C 169 0.29 4.32 13.85
CA PRO C 169 0.93 5.17 12.87
C PRO C 169 2.43 5.41 13.12
N TYR C 170 2.90 5.22 14.33
CA TYR C 170 4.31 5.44 14.66
C TYR C 170 5.17 4.22 14.36
N TYR C 171 6.47 4.39 14.54
CA TYR C 171 7.43 3.31 14.31
C TYR C 171 7.07 2.08 15.11
N CYS C 172 6.66 2.28 16.37
CA CYS C 172 6.13 1.17 17.17
C CYS C 172 4.60 1.28 17.33
N ASP C 173 3.92 1.49 16.20
CA ASP C 173 2.46 1.44 16.16
C ASP C 173 1.79 2.54 16.97
N GLY C 174 1.13 2.23 18.08
CA GLY C 174 0.45 3.24 18.92
C GLY C 174 1.39 3.98 19.85
N GLU C 175 2.60 3.43 20.03
N GLU C 175 2.61 3.45 20.00
CA GLU C 175 3.59 3.99 20.94
CA GLU C 175 3.57 3.98 20.94
C GLU C 175 4.54 4.95 20.22
C GLU C 175 4.57 4.93 20.25
N PHE C 176 4.51 6.20 20.64
CA PHE C 176 5.47 7.24 20.21
C PHE C 176 6.81 7.03 20.93
N THR C 177 7.88 6.90 20.18
CA THR C 177 9.17 6.60 20.75
C THR C 177 10.20 7.54 20.11
N ALA C 179 12.30 6.94 18.03
CA ALA C 179 12.41 6.75 16.58
C ALA C 179 11.58 7.81 15.85
N ASP C 180 10.36 8.09 16.34
CA ASP C 180 9.52 9.11 15.73
C ASP C 180 10.06 10.49 16.02
N VAL C 181 10.58 10.67 17.23
CA VAL C 181 11.03 12.00 17.65
C VAL C 181 12.22 12.45 16.76
N ALA C 182 13.14 11.54 16.47
CA ALA C 182 14.30 11.87 15.68
C ALA C 182 13.92 12.47 14.34
N LEU C 183 12.82 11.99 13.76
CA LEU C 183 12.50 12.19 12.34
C LEU C 183 11.44 13.25 12.12
N VAL C 184 10.41 13.22 12.95
CA VAL C 184 9.30 14.20 12.90
C VAL C 184 9.66 15.68 12.63
N PRO C 185 10.67 16.23 13.33
CA PRO C 185 11.02 17.63 13.09
C PRO C 185 11.45 17.92 11.68
N PHE C 186 12.07 16.93 11.03
CA PHE C 186 12.48 17.08 9.65
C PHE C 186 11.26 16.96 8.72
N LEU C 187 10.31 16.09 9.04
CA LEU C 187 9.12 15.96 8.19
C LEU C 187 8.31 17.24 8.24
N VAL C 188 8.16 17.81 9.41
CA VAL C 188 7.43 19.06 9.55
C VAL C 188 8.01 20.15 8.66
N ARG C 189 9.33 20.32 8.67
N ARG C 189 9.33 20.31 8.66
CA ARG C 189 9.96 21.41 7.93
CA ARG C 189 9.97 21.40 7.92
C ARG C 189 10.07 21.09 6.44
C ARG C 189 10.06 21.08 6.43
N LEU C 190 10.38 19.84 6.10
CA LEU C 190 10.54 19.44 4.70
C LEU C 190 9.25 19.40 3.90
N LYS C 191 8.10 19.18 4.54
CA LYS C 191 6.90 19.10 3.72
C LYS C 191 6.68 20.43 2.94
N PRO C 192 6.67 21.58 3.62
CA PRO C 192 6.52 22.85 2.91
C PRO C 192 7.79 23.30 2.16
N ALA C 193 8.98 23.08 2.75
CA ALA C 193 10.24 23.44 2.06
C ALA C 193 10.48 22.70 0.73
N LEU C 194 10.27 21.40 0.68
CA LEU C 194 10.61 20.66 -0.57
C LEU C 194 9.64 21.01 -1.71
N TYR C 196 8.15 24.06 -2.03
CA TYR C 196 8.41 25.44 -2.41
C TYR C 196 9.66 25.59 -3.23
N TYR C 197 10.72 24.95 -2.75
CA TYR C 197 12.00 25.04 -3.40
C TYR C 197 12.21 24.00 -4.52
N ALA C 198 11.48 22.88 -4.53
CA ALA C 198 11.75 21.80 -5.49
C ALA C 198 10.53 21.22 -6.20
N GLY C 199 9.33 21.67 -5.82
CA GLY C 199 8.09 21.05 -6.30
C GLY C 199 7.98 19.59 -5.92
N TYR C 200 8.68 19.21 -4.85
CA TYR C 200 8.84 17.81 -4.47
C TYR C 200 7.97 17.54 -3.26
N ASP C 201 7.15 16.49 -3.36
CA ASP C 201 6.35 16.01 -2.26
C ASP C 201 7.19 15.04 -1.41
N VAL C 202 7.62 15.47 -0.23
CA VAL C 202 8.41 14.63 0.69
C VAL C 202 7.84 13.21 0.93
N PHE C 203 6.53 13.04 0.87
CA PHE C 203 5.90 11.75 1.13
C PHE C 203 5.53 10.95 -0.13
N CYS C 204 6.00 11.34 -1.33
CA CYS C 204 5.47 10.69 -2.54
C CYS C 204 5.86 9.25 -2.60
N LYS C 205 6.99 8.87 -2.01
CA LYS C 205 7.40 7.45 -1.98
C LYS C 205 7.30 6.86 -0.58
N ALA C 206 6.58 7.55 0.32
CA ALA C 206 6.60 7.17 1.71
C ALA C 206 5.26 7.43 2.42
N PRO C 207 4.21 6.68 2.03
CA PRO C 207 2.92 6.80 2.69
C PRO C 207 2.89 6.51 4.20
N ARG C 208 3.68 5.56 4.66
CA ARG C 208 3.79 5.30 6.13
C ARG C 208 4.42 6.47 6.89
N LYS C 210 4.19 9.45 5.91
CA LYS C 210 3.12 10.47 5.94
C LYS C 210 2.20 10.23 7.12
N ALA C 211 1.77 8.99 7.31
CA ALA C 211 0.85 8.70 8.43
C ALA C 211 1.50 8.98 9.80
N LEU C 212 2.81 8.77 9.88
CA LEU C 212 3.57 8.96 11.10
C LEU C 212 3.64 10.47 11.41
N TRP C 213 3.96 11.24 10.38
CA TRP C 213 3.94 12.70 10.46
C TRP C 213 2.59 13.26 10.88
N ALA C 214 1.53 12.77 10.22
CA ALA C 214 0.18 13.31 10.42
C ALA C 214 -0.29 13.11 11.86
N ALA C 215 0.00 11.94 12.40
CA ALA C 215 -0.34 11.64 13.76
C ALA C 215 0.50 12.50 14.74
N ALA C 216 1.80 12.63 14.46
CA ALA C 216 2.74 13.29 15.37
C ALA C 216 2.39 14.77 15.47
N ALA C 217 2.04 15.36 14.32
CA ALA C 217 1.69 16.77 14.25
C ALA C 217 0.56 17.13 15.16
N GLN C 218 -0.32 16.20 15.49
CA GLN C 218 -1.43 16.48 16.40
C GLN C 218 -1.08 16.27 17.85
N ARG C 219 0.08 15.68 18.15
CA ARG C 219 0.53 15.58 19.56
C ARG C 219 0.89 16.96 20.11
N ALA C 220 0.45 17.22 21.32
CA ALA C 220 0.79 18.46 22.05
C ALA C 220 2.30 18.79 22.01
N SER C 221 3.13 17.81 22.29
CA SER C 221 4.58 18.00 22.31
C SER C 221 5.15 18.52 21.00
N VAL C 222 4.50 18.21 19.89
CA VAL C 222 5.00 18.55 18.56
C VAL C 222 4.34 19.79 17.97
N ARG C 223 3.02 19.87 18.12
N ARG C 223 3.04 19.91 18.17
CA ARG C 223 2.23 21.02 17.69
CA ARG C 223 2.24 21.02 17.64
C ARG C 223 2.84 22.31 18.27
C ARG C 223 2.43 22.35 18.39
N GLU C 224 3.00 22.33 19.60
CA GLU C 224 3.30 23.59 20.31
C GLU C 224 4.75 24.09 20.11
N THR C 225 5.59 23.25 19.52
CA THR C 225 7.00 23.55 19.33
C THR C 225 7.34 23.65 17.83
N SER C 226 6.34 23.49 16.99
CA SER C 226 6.57 23.52 15.53
C SER C 226 6.56 24.94 15.02
N PRO C 227 7.42 25.20 14.05
CA PRO C 227 7.30 26.46 13.36
C PRO C 227 6.15 26.41 12.36
N THR C 228 5.66 27.57 11.97
CA THR C 228 4.69 27.70 10.88
C THR C 228 5.32 27.28 9.53
N ALA C 229 4.49 26.99 8.55
CA ALA C 229 4.98 26.57 7.22
C ALA C 229 5.93 27.61 6.62
N ALA C 230 5.66 28.90 6.81
CA ALA C 230 6.49 29.96 6.25
C ALA C 230 7.86 29.99 6.91
N GLN C 231 7.92 29.75 8.21
CA GLN C 231 9.21 29.69 8.92
C GLN C 231 9.98 28.48 8.43
N CYS C 232 9.29 27.38 8.17
CA CYS C 232 10.01 26.25 7.64
C CYS C 232 10.74 26.61 6.34
N ILE C 233 10.09 27.38 5.48
CA ILE C 233 10.62 27.76 4.20
C ILE C 233 11.75 28.75 4.37
N GLU C 234 11.52 29.74 5.24
CA GLU C 234 12.53 30.75 5.54
C GLU C 234 13.78 30.15 6.16
N ASN C 235 13.60 29.20 7.07
CA ASN C 235 14.71 28.67 7.90
C ASN C 235 15.61 27.72 7.06
N TYR C 236 15.15 27.32 5.86
CA TYR C 236 15.98 26.48 4.98
C TYR C 236 16.51 27.27 3.82
N ARG C 237 16.14 28.55 3.71
CA ARG C 237 16.55 29.33 2.57
C ARG C 237 18.07 29.35 2.41
N HIS C 238 18.78 29.21 3.52
CA HIS C 238 20.25 29.39 3.52
C HIS C 238 20.93 28.25 2.75
N LEU C 239 20.25 27.13 2.64
CA LEU C 239 20.77 25.99 1.91
C LEU C 239 20.60 26.12 0.38
N VAL C 240 19.63 26.91 -0.08
CA VAL C 240 19.14 26.83 -1.45
C VAL C 240 20.00 27.72 -2.28
N PRO C 241 20.35 27.28 -3.50
CA PRO C 241 21.17 28.12 -4.35
C PRO C 241 20.44 29.43 -4.65
N GLU C 242 21.15 30.56 -4.66
N GLU C 242 21.23 30.51 -4.70
CA GLU C 242 20.46 31.84 -4.86
CA GLU C 242 20.76 31.86 -4.95
C GLU C 242 20.00 32.02 -6.31
C GLU C 242 20.03 31.98 -6.28
N SER C 243 20.50 31.21 -7.26
CA SER C 243 19.94 31.23 -8.64
C SER C 243 18.67 30.37 -8.76
N ALA C 244 18.30 29.61 -7.72
CA ALA C 244 17.05 28.85 -7.78
C ALA C 244 15.89 29.79 -8.18
N PRO C 245 14.95 29.33 -9.03
CA PRO C 245 14.09 30.27 -9.74
C PRO C 245 13.10 31.04 -8.87
N GLY C 248 13.83 35.06 -5.62
CA GLY C 248 13.45 36.45 -5.61
C GLY C 248 12.09 36.71 -4.98
N ALA C 249 11.28 35.67 -4.73
CA ALA C 249 9.97 35.88 -4.09
C ALA C 249 10.12 36.17 -2.59
N ASN C 250 11.30 35.90 -2.04
CA ASN C 250 11.53 36.04 -0.59
C ASN C 250 10.46 35.30 0.23
N GLY C 251 10.13 34.08 -0.16
CA GLY C 251 9.10 33.28 0.50
C GLY C 251 7.66 33.65 0.22
N GLY C 252 7.41 34.65 -0.62
CA GLY C 252 6.05 35.03 -0.98
C GLY C 252 5.48 34.13 -2.09
N HIS C 253 4.29 34.50 -2.57
CA HIS C 253 3.64 33.81 -3.65
C HIS C 253 4.50 33.84 -4.92
N VAL C 254 4.57 32.72 -5.65
CA VAL C 254 5.36 32.62 -6.89
C VAL C 254 4.46 32.15 -8.03
N LEU C 255 4.37 32.93 -9.10
CA LEU C 255 3.63 32.52 -10.28
C LEU C 255 4.63 32.21 -11.38
N TYR C 256 4.65 30.95 -11.77
CA TYR C 256 5.38 30.50 -12.93
C TYR C 256 4.53 30.91 -14.13
N SER C 257 5.14 31.67 -15.02
CA SER C 257 4.44 32.46 -15.98
C SER C 257 5.14 32.46 -17.35
N ASN C 258 4.43 33.01 -18.32
CA ASN C 258 5.00 33.39 -19.58
C ASN C 258 4.26 34.62 -20.13
N LEU C 259 4.98 35.60 -20.66
CA LEU C 259 4.36 36.88 -21.05
C LEU C 259 3.33 36.81 -22.21
N PHE C 260 3.26 35.69 -22.94
CA PHE C 260 2.39 35.55 -24.12
C PHE C 260 1.26 34.47 -23.98
N CYS C 261 1.20 33.79 -22.84
N CYS C 261 1.22 33.76 -22.86
CA CYS C 261 0.26 32.68 -22.66
CA CYS C 261 0.26 32.68 -22.66
C CYS C 261 -1.08 33.16 -22.13
C CYS C 261 -1.07 33.22 -22.16
N PRO C 262 -2.16 32.93 -22.89
CA PRO C 262 -3.49 33.42 -22.44
C PRO C 262 -3.98 32.78 -21.13
N PHE C 263 -3.52 31.57 -20.82
CA PHE C 263 -3.90 30.94 -19.56
C PHE C 263 -3.26 31.69 -18.40
N VAL C 264 -1.98 32.08 -18.54
CA VAL C 264 -1.32 32.89 -17.54
C VAL C 264 -2.01 34.23 -17.33
N ASP C 265 -2.46 34.85 -18.44
CA ASP C 265 -3.13 36.16 -18.38
C ASP C 265 -4.31 36.11 -17.38
N ARG C 266 -5.00 34.98 -17.28
CA ARG C 266 -6.08 34.86 -16.29
C ARG C 266 -5.61 35.09 -14.85
N ALA C 267 -4.56 34.35 -14.44
CA ALA C 267 -3.97 34.52 -13.12
C ALA C 267 -3.50 35.93 -12.91
N ARG C 268 -2.85 36.51 -13.91
CA ARG C 268 -2.31 37.86 -13.73
C ARG C 268 -3.39 38.95 -13.76
N LEU C 269 -4.45 38.74 -14.53
CA LEU C 269 -5.59 39.65 -14.49
C LEU C 269 -6.18 39.58 -13.09
N ALA C 270 -6.40 38.36 -12.59
CA ALA C 270 -6.98 38.16 -11.26
C ALA C 270 -6.14 38.87 -10.18
N SER C 271 -4.84 38.69 -10.24
CA SER C 271 -3.88 39.35 -9.37
C SER C 271 -4.02 40.85 -9.44
N GLU C 272 -4.12 41.39 -10.65
CA GLU C 272 -4.24 42.86 -10.78
C GLU C 272 -5.56 43.33 -10.22
N LEU C 273 -6.63 42.58 -10.51
CA LEU C 273 -7.96 42.96 -10.10
C LEU C 273 -8.17 42.86 -8.58
N ARG C 274 -7.43 41.96 -7.95
CA ARG C 274 -7.48 41.79 -6.50
C ARG C 274 -6.23 42.29 -5.74
N LYS C 275 -5.35 43.05 -6.38
CA LYS C 275 -4.15 43.61 -5.73
C LYS C 275 -3.32 42.55 -4.97
N PHE C 276 -3.20 41.38 -5.57
CA PHE C 276 -2.57 40.19 -4.98
C PHE C 276 -1.15 40.11 -5.49
N GLN C 277 -0.20 40.34 -4.60
N GLN C 277 -0.19 40.39 -4.62
CA GLN C 277 1.23 40.39 -4.91
CA GLN C 277 1.22 40.45 -5.01
C GLN C 277 1.76 39.01 -5.22
C GLN C 277 1.80 39.06 -5.20
N HIS C 279 5.39 37.03 -7.08
CA HIS C 279 6.67 37.13 -7.78
C HIS C 279 6.52 36.42 -9.15
N ILE C 280 6.74 37.13 -10.24
CA ILE C 280 6.64 36.51 -11.58
C ILE C 280 7.93 35.80 -11.98
N VAL C 281 7.84 34.50 -12.32
CA VAL C 281 8.97 33.76 -12.86
C VAL C 281 8.67 33.48 -14.31
N GLU C 282 9.50 34.02 -15.19
CA GLU C 282 9.28 33.90 -16.63
C GLU C 282 9.82 32.56 -17.04
N VAL C 283 8.93 31.70 -17.50
CA VAL C 283 9.29 30.39 -17.98
C VAL C 283 9.15 30.41 -19.48
N PRO C 284 10.26 30.23 -20.21
CA PRO C 284 10.16 30.17 -21.67
C PRO C 284 9.48 28.87 -22.11
N LEU C 285 8.91 28.88 -23.31
CA LEU C 285 8.11 27.77 -23.83
C LEU C 285 8.63 27.29 -25.20
N HIS C 286 8.27 26.06 -25.56
CA HIS C 286 8.51 25.51 -26.88
C HIS C 286 9.99 25.70 -27.30
N PRO C 287 10.92 25.02 -26.61
CA PRO C 287 10.69 24.12 -25.47
C PRO C 287 10.75 24.84 -24.09
N GLN C 288 10.05 24.27 -23.12
CA GLN C 288 10.24 24.70 -21.75
C GLN C 288 11.53 24.10 -21.18
N PRO C 289 12.08 24.75 -20.15
CA PRO C 289 13.31 24.20 -19.56
C PRO C 289 13.01 22.83 -18.98
N GLU C 290 13.99 21.94 -18.98
CA GLU C 290 13.82 20.60 -18.43
C GLU C 290 13.40 20.66 -16.98
N TRP C 291 13.90 21.65 -16.22
CA TRP C 291 13.57 21.77 -14.80
C TRP C 291 12.11 22.03 -14.50
N TYR C 292 11.35 22.59 -15.46
CA TYR C 292 9.98 23.00 -15.19
C TYR C 292 9.05 21.84 -14.81
N LYS C 293 9.23 20.68 -15.42
N LYS C 293 9.24 20.68 -15.45
CA LYS C 293 8.43 19.49 -15.10
CA LYS C 293 8.50 19.45 -15.13
C LYS C 293 8.54 19.10 -13.62
C LYS C 293 8.53 19.14 -13.63
N TYR C 294 9.59 19.56 -12.92
CA TYR C 294 9.67 19.35 -11.46
C TYR C 294 8.72 20.24 -10.68
N ILE C 295 8.44 21.41 -11.25
CA ILE C 295 7.57 22.38 -10.58
C ILE C 295 6.11 22.06 -10.91
N ASN C 296 5.81 21.77 -12.18
CA ASN C 296 4.47 21.26 -12.55
C ASN C 296 4.69 20.05 -13.46
N PRO C 297 4.34 18.85 -12.98
CA PRO C 297 4.51 17.66 -13.81
C PRO C 297 3.67 17.72 -15.08
N ARG C 298 2.61 18.53 -15.14
CA ARG C 298 1.91 18.75 -16.43
C ARG C 298 2.66 19.63 -17.40
N ASP C 299 3.77 20.21 -16.97
CA ASP C 299 4.69 20.94 -17.83
C ASP C 299 4.03 22.16 -18.45
N THR C 300 3.03 22.72 -17.73
CA THR C 300 2.35 23.89 -18.21
C THR C 300 2.39 25.10 -17.25
N VAL C 301 2.34 26.30 -17.85
CA VAL C 301 2.14 27.54 -17.15
C VAL C 301 0.69 28.00 -17.35
N PRO C 302 0.10 28.60 -16.31
CA PRO C 302 0.70 28.96 -15.02
C PRO C 302 0.73 27.87 -13.94
N ALA C 303 1.51 28.15 -12.89
CA ALA C 303 1.46 27.39 -11.67
C ALA C 303 1.71 28.41 -10.55
N LEU C 304 0.99 28.31 -9.42
CA LEU C 304 1.18 29.23 -8.30
C LEU C 304 1.69 28.49 -7.07
N PHE C 305 2.76 29.02 -6.45
CA PHE C 305 3.21 28.45 -5.18
C PHE C 305 2.98 29.45 -4.06
N THR C 306 2.52 28.95 -2.91
CA THR C 306 2.11 29.80 -1.82
C THR C 306 3.18 29.88 -0.74
N PRO C 307 3.08 30.91 0.16
CA PRO C 307 4.00 31.11 1.27
C PRO C 307 4.01 29.97 2.27
N SER C 308 2.91 29.24 2.34
CA SER C 308 2.80 28.03 3.16
C SER C 308 3.35 26.76 2.47
N GLY C 309 4.00 26.95 1.33
CA GLY C 309 4.56 25.83 0.62
C GLY C 309 3.57 24.86 -0.03
N GLU C 310 2.47 25.39 -0.58
N GLU C 310 2.51 25.40 -0.62
CA GLU C 310 1.52 24.55 -1.31
CA GLU C 310 1.53 24.57 -1.31
C GLU C 310 1.56 24.99 -2.76
C GLU C 310 1.45 25.01 -2.76
N ALA C 311 1.16 24.07 -3.64
CA ALA C 311 1.11 24.31 -5.06
C ALA C 311 -0.36 24.45 -5.49
N VAL C 312 -0.63 25.39 -6.38
CA VAL C 312 -2.00 25.66 -6.86
C VAL C 312 -1.92 25.60 -8.35
N HIS C 313 -2.49 24.54 -8.92
CA HIS C 313 -2.33 24.24 -10.34
C HIS C 313 -3.57 24.56 -11.20
N GLU C 314 -3.35 24.89 -12.47
CA GLU C 314 -4.41 25.23 -13.46
C GLU C 314 -4.92 26.67 -13.41
N SER C 315 -4.91 27.35 -14.56
CA SER C 315 -5.20 28.79 -14.62
C SER C 315 -6.47 29.25 -13.89
N GLN C 316 -7.62 28.66 -14.22
CA GLN C 316 -8.87 29.12 -13.63
C GLN C 316 -8.98 28.70 -12.16
N LEU C 317 -8.35 27.59 -11.80
CA LEU C 317 -8.24 27.18 -10.39
C LEU C 317 -7.42 28.20 -9.62
N ILE C 318 -6.41 28.73 -10.28
CA ILE C 318 -5.57 29.73 -9.65
C ILE C 318 -6.35 31.04 -9.45
N VAL C 319 -7.07 31.49 -10.48
CA VAL C 319 -7.96 32.65 -10.38
C VAL C 319 -8.89 32.48 -9.17
N GLN C 320 -9.50 31.31 -9.09
CA GLN C 320 -10.39 31.00 -8.00
C GLN C 320 -9.68 31.11 -6.63
N TYR C 321 -8.47 30.55 -6.55
CA TYR C 321 -7.69 30.55 -5.33
C TYR C 321 -7.35 31.98 -4.89
N ILE C 322 -6.85 32.76 -5.84
CA ILE C 322 -6.54 34.19 -5.62
C ILE C 322 -7.75 34.90 -5.10
N ASP C 323 -8.90 34.67 -5.72
CA ASP C 323 -10.13 35.31 -5.27
C ASP C 323 -10.57 34.91 -3.86
N CYS C 324 -10.22 33.71 -3.42
CA CYS C 324 -10.56 33.25 -2.06
C CYS C 324 -9.77 33.97 -0.98
N VAL C 325 -8.46 34.17 -1.21
CA VAL C 325 -7.56 34.63 -0.15
C VAL C 325 -7.29 36.15 -0.16
N ALA C 326 -7.68 36.81 -1.25
CA ALA C 326 -7.38 38.21 -1.47
C ALA C 326 -8.28 39.04 -0.60
N THR C 327 -7.82 40.24 -0.22
CA THR C 327 -8.61 41.14 0.71
C THR C 327 -8.95 42.49 0.12
N LYS C 328 -8.36 42.85 -1.03
CA LYS C 328 -8.68 44.10 -1.71
C LYS C 328 -9.39 43.83 -3.03
N GLY C 329 -10.20 44.81 -3.42
CA GLY C 329 -10.90 44.80 -4.70
C GLY C 329 -12.29 44.21 -4.60
N SER C 330 -13.00 44.23 -5.72
CA SER C 330 -14.28 43.54 -5.78
C SER C 330 -14.09 42.00 -6.01
N ALA C 331 -14.94 41.22 -5.36
CA ALA C 331 -14.98 39.76 -5.44
C ALA C 331 -15.21 39.27 -6.86
N LEU C 332 -14.38 38.34 -7.33
CA LEU C 332 -14.57 37.76 -8.66
C LEU C 332 -15.67 36.69 -8.65
N VAL C 333 -15.94 36.11 -7.47
CA VAL C 333 -16.94 35.05 -7.33
C VAL C 333 -17.97 35.51 -6.30
N PRO C 334 -19.26 35.51 -6.69
CA PRO C 334 -20.25 36.21 -5.86
C PRO C 334 -20.68 35.41 -4.60
N ARG C 335 -19.79 35.32 -3.62
CA ARG C 335 -20.02 34.48 -2.45
C ARG C 335 -21.19 34.96 -1.59
N GLY C 336 -21.88 33.98 -0.99
CA GLY C 336 -23.09 34.24 -0.22
C GLY C 336 -24.37 34.19 -1.03
N ASP C 337 -24.26 34.01 -2.35
CA ASP C 337 -25.45 33.99 -3.24
C ASP C 337 -25.38 32.80 -4.22
N ALA C 338 -26.05 31.71 -3.85
CA ALA C 338 -25.96 30.42 -4.53
C ALA C 338 -26.28 30.56 -6.00
N GLU C 339 -27.39 31.23 -6.32
CA GLU C 339 -27.80 31.35 -7.70
C GLU C 339 -26.76 32.09 -8.54
N LYS C 340 -26.21 33.18 -8.01
CA LYS C 340 -25.22 33.95 -8.75
C LYS C 340 -23.89 33.18 -8.89
N GLU C 341 -23.55 32.37 -7.87
CA GLU C 341 -22.41 31.45 -7.96
C GLU C 341 -22.61 30.40 -9.09
N TYR C 342 -23.83 29.91 -9.24
CA TYR C 342 -24.19 29.06 -10.39
C TYR C 342 -23.90 29.78 -11.70
N GLU C 343 -24.28 31.05 -11.70
CA GLU C 343 -24.21 31.85 -12.89
C GLU C 343 -22.79 31.99 -13.39
N VAL C 344 -21.87 32.22 -12.46
CA VAL C 344 -20.49 32.37 -12.80
C VAL C 344 -19.95 31.03 -13.23
N GLY C 345 -20.27 30.00 -12.45
CA GLY C 345 -19.80 28.66 -12.76
C GLY C 345 -20.23 28.28 -14.18
N PHE C 346 -21.47 28.58 -14.52
CA PHE C 346 -21.98 28.20 -15.82
C PHE C 346 -21.22 28.89 -16.95
N PHE C 347 -20.95 30.18 -16.76
CA PHE C 347 -20.28 31.01 -17.75
C PHE C 347 -18.82 30.57 -17.89
N VAL C 348 -18.23 30.19 -16.77
CA VAL C 348 -16.85 29.75 -16.79
C VAL C 348 -16.72 28.39 -17.51
N GLU C 349 -17.68 27.47 -17.29
CA GLU C 349 -17.68 26.17 -18.00
C GLU C 349 -17.80 26.38 -19.51
N ASN C 350 -18.77 27.21 -19.89
CA ASN C 350 -18.97 27.57 -21.27
C ASN C 350 -17.74 28.29 -21.86
N ALA C 351 -17.12 29.17 -21.07
CA ALA C 351 -15.85 29.79 -21.47
C ALA C 351 -14.83 28.71 -21.86
N GLY C 352 -14.82 27.61 -21.09
CA GLY C 352 -13.94 26.48 -21.35
C GLY C 352 -14.13 25.87 -22.75
N TYR C 353 -15.38 25.69 -23.15
CA TYR C 353 -15.67 25.18 -24.50
C TYR C 353 -15.28 26.19 -25.57
N PHE C 354 -15.42 27.47 -25.29
CA PHE C 354 -14.98 28.49 -26.24
C PHE C 354 -13.47 28.37 -26.45
N VAL C 355 -12.73 28.26 -25.34
CA VAL C 355 -11.28 28.20 -25.37
C VAL C 355 -10.81 26.98 -26.19
N GLY C 356 -11.44 25.83 -25.96
CA GLY C 356 -11.09 24.59 -26.68
C GLY C 356 -11.29 24.78 -28.18
N GLY C 357 -12.47 25.26 -28.54
CA GLY C 357 -12.78 25.60 -29.92
C GLY C 357 -11.78 26.56 -30.57
N LEU C 358 -11.50 27.67 -29.90
CA LEU C 358 -10.66 28.72 -30.48
C LEU C 358 -9.24 28.25 -30.68
N SER C 360 -8.10 25.20 -30.71
CA SER C 360 -8.06 24.08 -31.64
C SER C 360 -8.12 24.60 -33.09
N TRP C 361 -8.98 25.59 -33.33
CA TRP C 361 -9.14 26.20 -34.67
C TRP C 361 -7.93 27.05 -35.09
N ILE C 362 -7.28 27.70 -34.13
CA ILE C 362 -6.09 28.48 -34.40
C ILE C 362 -4.86 27.58 -34.64
N ILE C 363 -4.71 26.51 -33.85
CA ILE C 363 -3.52 25.66 -34.00
C ILE C 363 -3.64 24.73 -35.21
N ARG C 364 -4.86 24.29 -35.58
CA ARG C 364 -5.03 23.25 -36.63
C ARG C 364 -6.16 23.48 -37.65
N GLY C 365 -6.92 24.56 -37.53
CA GLY C 365 -8.10 24.71 -38.38
C GLY C 365 -9.11 23.59 -38.12
N GLY C 366 -10.02 23.39 -39.06
CA GLY C 366 -11.00 22.31 -38.97
C GLY C 366 -12.37 22.79 -38.57
N GLU C 367 -13.36 22.53 -39.42
CA GLU C 367 -14.74 23.03 -39.25
C GLU C 367 -15.38 22.52 -37.94
N ASP C 368 -14.98 21.32 -37.52
CA ASP C 368 -15.35 20.77 -36.23
C ASP C 368 -15.06 21.80 -35.14
N ALA C 369 -13.81 22.29 -35.11
CA ALA C 369 -13.37 23.30 -34.15
C ALA C 369 -14.02 24.68 -34.37
N LYS C 370 -14.22 25.09 -35.62
CA LYS C 370 -14.94 26.35 -35.91
C LYS C 370 -16.38 26.33 -35.37
N ALA C 371 -17.08 25.21 -35.55
CA ALA C 371 -18.46 25.06 -35.05
C ALA C 371 -18.53 25.03 -33.53
N GLU C 372 -17.50 24.43 -32.91
CA GLU C 372 -17.39 24.40 -31.46
C GLU C 372 -17.27 25.83 -30.90
N LEU C 373 -16.39 26.62 -31.51
CA LEU C 373 -16.21 28.02 -31.18
C LEU C 373 -17.54 28.79 -31.25
N GLN C 374 -18.30 28.55 -32.30
CA GLN C 374 -19.56 29.32 -32.54
C GLN C 374 -20.63 28.98 -31.54
N TRP C 375 -20.73 27.70 -31.21
CA TRP C 375 -21.67 27.20 -30.23
C TRP C 375 -21.37 27.76 -28.86
N ALA C 376 -20.09 27.79 -28.51
CA ALA C 376 -19.65 28.23 -27.21
C ALA C 376 -19.92 29.73 -27.12
N ALA C 377 -19.54 30.45 -28.17
CA ALA C 377 -19.81 31.87 -28.25
C ALA C 377 -21.31 32.11 -28.06
N GLY C 378 -22.13 31.30 -28.71
CA GLY C 378 -23.58 31.39 -28.58
C GLY C 378 -24.09 31.19 -27.18
N GLU C 379 -23.53 30.19 -26.48
CA GLU C 379 -23.91 29.94 -25.08
C GLU C 379 -23.60 31.16 -24.18
N LEU C 380 -22.42 31.72 -24.38
CA LEU C 380 -21.98 32.90 -23.65
C LEU C 380 -22.83 34.11 -24.02
N GLU C 381 -23.08 34.31 -25.30
CA GLU C 381 -23.95 35.41 -25.74
C GLU C 381 -25.35 35.34 -25.13
N GLN C 382 -25.96 34.16 -25.16
CA GLN C 382 -27.31 33.97 -24.59
C GLN C 382 -27.35 34.30 -23.09
N GLN C 383 -26.29 33.97 -22.36
CA GLN C 383 -26.21 34.28 -20.93
C GLN C 383 -25.95 35.77 -20.67
N LEU C 384 -25.14 36.41 -21.51
CA LEU C 384 -24.93 37.86 -21.41
C LEU C 384 -26.26 38.58 -21.65
N ALA C 385 -27.06 38.05 -22.58
CA ALA C 385 -28.37 38.63 -22.91
C ALA C 385 -29.33 38.64 -21.71
N LYS C 386 -29.14 37.73 -20.76
CA LYS C 386 -29.99 37.69 -19.56
C LYS C 386 -29.51 38.67 -18.46
N HIS C 387 -28.32 39.22 -18.63
CA HIS C 387 -27.79 40.23 -17.70
C HIS C 387 -27.95 39.88 -16.20
N PRO C 388 -27.43 38.72 -15.77
CA PRO C 388 -27.66 38.34 -14.37
C PRO C 388 -26.92 39.21 -13.35
N PHE C 389 -25.93 39.95 -13.81
CA PHE C 389 -25.23 40.87 -12.96
C PHE C 389 -25.50 42.33 -13.28
N GLY C 390 -26.68 42.58 -13.83
CA GLY C 390 -27.20 43.93 -13.98
C GLY C 390 -26.58 44.67 -15.15
N GLU C 391 -26.65 45.99 -15.08
CA GLU C 391 -26.16 46.80 -16.17
C GLU C 391 -24.64 46.79 -16.35
N GLY C 392 -24.23 46.91 -17.62
CA GLY C 392 -22.86 47.11 -18.02
C GLY C 392 -22.43 46.15 -19.12
N PRO C 393 -21.22 46.36 -19.67
CA PRO C 393 -20.68 45.55 -20.76
C PRO C 393 -19.99 44.27 -20.32
N PHE C 394 -19.78 44.09 -19.02
CA PHE C 394 -19.05 42.90 -18.55
C PHE C 394 -20.07 41.86 -18.14
N PHE C 395 -19.65 40.59 -18.19
CA PHE C 395 -20.46 39.54 -17.60
C PHE C 395 -20.82 39.87 -16.13
N GLY C 396 -19.91 40.53 -15.43
CA GLY C 396 -20.13 40.94 -14.04
C GLY C 396 -20.73 42.34 -13.88
N GLY C 397 -21.28 42.89 -14.96
CA GLY C 397 -22.00 44.17 -14.94
C GLY C 397 -21.11 45.37 -15.22
N LYS C 398 -20.88 46.17 -14.17
CA LYS C 398 -19.98 47.34 -14.20
C LYS C 398 -18.48 46.98 -14.16
N ARG C 399 -18.17 45.84 -13.56
N ARG C 399 -18.19 45.82 -13.58
CA ARG C 399 -16.78 45.38 -13.45
CA ARG C 399 -16.82 45.35 -13.35
C ARG C 399 -16.66 43.88 -13.71
C ARG C 399 -16.66 43.90 -13.79
N ASN C 401 -15.80 39.96 -13.37
CA ASN C 401 -15.86 38.83 -12.41
C ASN C 401 -15.10 37.63 -12.95
N ALA C 402 -15.17 36.48 -12.26
CA ALA C 402 -14.35 35.34 -12.64
C ALA C 402 -14.63 34.88 -14.09
N GLY C 403 -15.86 35.10 -14.57
CA GLY C 403 -16.24 34.78 -15.95
C GLY C 403 -15.52 35.65 -16.98
N ASP C 404 -15.51 36.94 -16.70
CA ASP C 404 -14.80 37.90 -17.53
C ASP C 404 -13.32 37.54 -17.58
N VAL C 405 -12.74 37.25 -16.42
CA VAL C 405 -11.34 36.91 -16.34
C VAL C 405 -11.04 35.65 -17.14
N ALA C 406 -11.94 34.67 -17.10
CA ALA C 406 -11.70 33.39 -17.81
C ALA C 406 -11.64 33.54 -19.32
N ILE C 407 -12.48 34.44 -19.87
CA ILE C 407 -12.69 34.54 -21.31
C ILE C 407 -11.80 35.63 -21.97
N LEU C 408 -11.52 36.70 -21.26
CA LEU C 408 -10.96 37.92 -21.90
C LEU C 408 -9.70 37.62 -22.72
N PRO C 409 -8.67 36.99 -22.11
CA PRO C 409 -7.44 36.69 -22.82
C PRO C 409 -7.66 35.94 -24.16
N PHE C 410 -8.71 35.12 -24.20
CA PHE C 410 -9.07 34.37 -25.38
C PHE C 410 -9.86 35.22 -26.38
N LEU C 411 -10.62 36.19 -25.90
CA LEU C 411 -11.26 37.17 -26.79
C LEU C 411 -10.15 38.00 -27.44
N VAL C 412 -9.15 38.38 -26.66
CA VAL C 412 -7.98 39.09 -27.18
C VAL C 412 -7.24 38.29 -28.24
N ARG C 413 -7.05 36.99 -28.03
CA ARG C 413 -6.38 36.17 -29.06
C ARG C 413 -7.25 36.10 -30.31
N ALA C 414 -8.56 36.11 -30.11
CA ALA C 414 -9.51 36.08 -31.22
C ALA C 414 -9.44 37.38 -31.99
N LYS C 415 -9.38 38.50 -31.28
CA LYS C 415 -9.19 39.79 -31.93
C LYS C 415 -7.87 39.82 -32.72
N ALA C 416 -6.80 39.21 -32.23
CA ALA C 416 -5.56 39.19 -33.03
C ALA C 416 -5.67 38.26 -34.21
N PHE C 417 -6.35 37.14 -34.02
CA PHE C 417 -6.44 36.11 -35.07
C PHE C 417 -7.43 36.50 -36.15
N PRO C 419 -9.80 39.46 -38.27
CA PRO C 419 -10.00 38.56 -39.42
C PRO C 419 -8.74 38.17 -40.25
N GLU C 420 -7.59 38.76 -39.94
CA GLU C 420 -6.36 38.64 -40.75
C GLU C 420 -5.97 37.18 -41.12
N PHE C 421 -6.07 36.25 -40.14
CA PHE C 421 -5.63 34.85 -40.33
C PHE C 421 -6.77 33.82 -40.38
N SER C 422 -8.02 34.28 -40.45
CA SER C 422 -9.16 33.38 -40.45
C SER C 422 -9.85 33.33 -41.81
N GLY C 423 -9.11 33.69 -42.87
CA GLY C 423 -9.66 33.80 -44.22
C GLY C 423 -10.91 34.66 -44.30
N GLY C 424 -10.92 35.79 -43.60
CA GLY C 424 -12.07 36.71 -43.58
C GLY C 424 -13.06 36.60 -42.42
N TYR C 425 -13.24 35.41 -41.84
CA TYR C 425 -14.23 35.20 -40.80
C TYR C 425 -13.91 36.00 -39.53
N ASP C 426 -14.92 36.72 -39.04
CA ASP C 426 -14.82 37.52 -37.81
C ASP C 426 -15.99 37.23 -36.88
N LEU C 427 -15.73 36.41 -35.87
CA LEU C 427 -16.71 35.99 -34.89
C LEU C 427 -17.41 37.16 -34.19
N PHE C 428 -16.68 38.23 -33.96
CA PHE C 428 -17.21 39.36 -33.20
C PHE C 428 -18.28 40.12 -33.98
N ALA C 429 -18.29 39.99 -35.31
CA ALA C 429 -19.37 40.58 -36.15
C ALA C 429 -20.73 39.91 -35.86
N HIS C 430 -20.71 38.68 -35.37
CA HIS C 430 -21.95 37.92 -35.11
C HIS C 430 -22.38 37.78 -33.64
N PHE C 431 -21.56 38.25 -32.68
CA PHE C 431 -21.87 38.12 -31.25
C PHE C 431 -21.63 39.44 -30.53
N PRO C 432 -22.58 40.39 -30.62
CA PRO C 432 -22.27 41.77 -30.17
C PRO C 432 -22.03 41.98 -28.67
N LEU C 433 -22.77 41.29 -27.80
CA LEU C 433 -22.50 41.41 -26.35
C LEU C 433 -21.09 40.87 -26.03
N LEU C 434 -20.69 39.77 -26.64
CA LEU C 434 -19.33 39.26 -26.47
C LEU C 434 -18.27 40.24 -27.03
N ASN C 435 -18.61 40.97 -28.11
CA ASN C 435 -17.72 42.03 -28.58
C ASN C 435 -17.65 43.14 -27.55
N GLY C 436 -18.81 43.59 -27.08
CA GLY C 436 -18.89 44.52 -25.94
C GLY C 436 -17.96 44.10 -24.80
N LEU C 437 -18.04 42.84 -24.40
CA LEU C 437 -17.20 42.34 -23.29
C LEU C 437 -15.70 42.50 -23.60
N ALA C 438 -15.28 42.03 -24.77
CA ALA C 438 -13.88 42.10 -25.17
C ALA C 438 -13.35 43.52 -25.17
N GLU C 439 -14.07 44.40 -25.84
N GLU C 439 -14.04 44.43 -25.82
CA GLU C 439 -13.70 45.82 -25.98
CA GLU C 439 -13.53 45.80 -25.95
C GLU C 439 -13.53 46.48 -24.61
C GLU C 439 -13.53 46.56 -24.61
N ALA C 440 -14.54 46.36 -23.76
CA ALA C 440 -14.53 46.96 -22.43
C ALA C 440 -13.42 46.32 -21.59
N GLY C 441 -13.21 45.02 -21.78
CA GLY C 441 -12.11 44.32 -21.12
C GLY C 441 -10.74 44.88 -21.50
N ALA C 443 -9.95 47.73 -22.57
CA ALA C 443 -9.78 49.12 -22.18
C ALA C 443 -9.55 49.32 -20.69
N THR C 444 -9.74 48.29 -19.86
CA THR C 444 -9.41 48.39 -18.41
C THR C 444 -7.89 48.51 -18.13
N PRO C 445 -7.52 49.18 -17.02
CA PRO C 445 -6.10 49.29 -16.68
C PRO C 445 -5.43 47.94 -16.39
N GLU C 446 -6.23 46.99 -15.91
CA GLU C 446 -5.72 45.66 -15.56
C GLU C 446 -5.27 44.95 -16.82
N ALA C 447 -6.12 45.00 -17.85
CA ALA C 447 -5.81 44.48 -19.20
C ALA C 447 -4.55 45.10 -19.76
N LYS C 448 -4.47 46.42 -19.74
CA LYS C 448 -3.30 47.14 -20.27
C LYS C 448 -2.01 46.89 -19.48
N SER C 449 -2.14 46.48 -18.22
CA SER C 449 -0.96 46.09 -17.46
C SER C 449 -0.58 44.64 -17.67
N VAL C 450 -1.47 43.82 -18.23
CA VAL C 450 -1.22 42.41 -18.40
C VAL C 450 -0.91 42.02 -19.86
N PHE C 451 -1.72 42.45 -20.81
CA PHE C 451 -1.68 41.94 -22.16
C PHE C 451 -0.57 42.58 -22.96
N ARG C 452 -0.12 41.86 -23.99
CA ARG C 452 0.81 42.38 -24.96
C ARG C 452 -0.01 43.22 -25.95
N THR C 453 0.64 43.87 -26.91
CA THR C 453 -0.10 44.66 -27.90
C THR C 453 -0.73 43.67 -28.84
N LEU C 454 -1.78 44.12 -29.51
CA LEU C 454 -2.50 43.28 -30.46
C LEU C 454 -1.56 42.87 -31.60
N GLU C 455 -0.60 43.74 -31.92
CA GLU C 455 0.32 43.46 -33.01
C GLU C 455 1.34 42.45 -32.53
N GLU C 456 1.68 42.51 -31.24
CA GLU C 456 2.60 41.51 -30.70
C GLU C 456 1.96 40.11 -30.76
N TYR C 457 0.67 40.02 -30.48
CA TYR C 457 -0.04 38.73 -30.60
C TYR C 457 -0.11 38.28 -32.06
N LYS C 458 -0.23 39.24 -32.96
CA LYS C 458 -0.21 38.91 -34.37
C LYS C 458 1.15 38.33 -34.79
N GLU C 459 2.26 38.92 -34.33
CA GLU C 459 3.61 38.34 -34.58
C GLU C 459 3.72 36.94 -33.99
N HIS C 460 3.21 36.77 -32.77
CA HIS C 460 3.26 35.47 -32.11
C HIS C 460 2.60 34.42 -33.02
N ILE C 461 1.40 34.75 -33.50
CA ILE C 461 0.68 33.86 -34.42
C ILE C 461 1.49 33.54 -35.69
N ARG C 462 2.11 34.55 -36.30
CA ARG C 462 2.94 34.34 -37.51
C ARG C 462 4.14 33.41 -37.26
N LYS C 463 4.86 33.63 -36.16
CA LYS C 463 5.96 32.72 -35.75
C LYS C 463 5.45 31.27 -35.57
N ARG C 464 4.35 31.10 -34.85
CA ARG C 464 3.82 29.76 -34.65
C ARG C 464 3.54 29.08 -35.98
N GLN C 465 2.89 29.78 -36.89
CA GLN C 465 2.56 29.19 -38.18
C GLN C 465 3.80 28.79 -38.98
N ARG C 466 4.85 29.61 -38.97
CA ARG C 466 6.10 29.27 -39.67
C ARG C 466 6.79 28.06 -39.02
N ARG C 467 6.83 28.03 -37.69
N ARG C 467 6.85 28.06 -37.68
CA ARG C 467 7.37 26.87 -36.97
CA ARG C 467 7.30 26.90 -36.90
C ARG C 467 6.62 25.59 -37.40
C ARG C 467 6.63 25.63 -37.42
N ALA C 468 5.29 25.66 -37.48
CA ALA C 468 4.47 24.52 -37.91
C ALA C 468 4.75 24.02 -39.34
N GLN C 469 5.26 24.90 -40.20
CA GLN C 469 5.63 24.53 -41.56
C GLN C 469 7.08 24.05 -41.69
N SER C 470 7.77 23.83 -40.58
CA SER C 470 9.21 23.51 -40.63
C SER C 470 9.55 22.09 -41.14
N GLY C 471 8.69 21.12 -40.86
CA GLY C 471 9.00 19.70 -41.10
C GLY C 471 9.99 19.14 -40.08
#